data_9K2B
#
_entry.id   9K2B
#
_cell.length_a   95.293
_cell.length_b   127.033
_cell.length_c   145.900
_cell.angle_alpha   90.00
_cell.angle_beta   95.43
_cell.angle_gamma   90.00
#
_symmetry.space_group_name_H-M   'P 1 21 1'
#
loop_
_entity.id
_entity.type
_entity.pdbx_description
1 polymer 'ATP-dependent Clp protease proteolytic subunit'
2 non-polymer 'MAGNESIUM ION'
3 non-polymer (4S)-2-METHYL-2,4-PENTANEDIOL
4 non-polymer (6~{S},9~{a}~{S})-6-[(2~{S})-butan-2-yl]-~{N}-[(2~{S})-2-methylbutyl]-8-(naphthalen-1-ylmethyl)-4,7-bis(oxidanylidene)-3,6,9,9~{a}-tetrahydro-2~{H}-pyrazino[1,2-a]pyrimidine-1-carboxamide
5 water water
#
_entity_poly.entity_id   1
_entity_poly.type   'polypeptide(L)'
_entity_poly.pdbx_seq_one_letter_code
;MNLIPTVIETTNRGERAYDIYSRLLKDRIIMLGSQIDDNVANSIVSQLLFLQAQDSEKDIYLYINSPGGSVTAGFAIYDT
IQHIKPDVQTICIGMAASMGSFLLAAGAKGKRFALPNAEVMIHQPLGGAQGQATEIEIAANHILKTREKLNRILSERTGQ
SIEKIQKDTDRDNFLTAEEAKEYGLIDEVMVPETKHHHHHH
;
_entity_poly.pdbx_strand_id   A,B,C,D,E,F,G,H,I,J,K,L,M,N
#
# COMPACT_ATOMS: atom_id res chain seq x y z
N LEU A 3 -12.34 27.71 -2.56
CA LEU A 3 -12.11 29.17 -2.65
C LEU A 3 -13.04 29.88 -1.67
N ILE A 4 -12.44 30.57 -0.69
CA ILE A 4 -13.17 31.43 0.23
C ILE A 4 -13.45 32.75 -0.48
N PRO A 5 -14.70 33.27 -0.48
CA PRO A 5 -15.02 34.44 -1.28
C PRO A 5 -14.42 35.70 -0.68
N THR A 6 -14.19 36.69 -1.55
CA THR A 6 -13.64 37.98 -1.17
C THR A 6 -14.75 39.02 -1.18
N VAL A 7 -14.62 39.99 -0.26
CA VAL A 7 -15.55 41.08 -0.09
C VAL A 7 -14.75 42.37 -0.20
N ILE A 8 -15.25 43.38 -0.94
CA ILE A 8 -14.53 44.63 -1.04
C ILE A 8 -15.45 45.79 -0.66
N GLU A 9 -14.94 46.67 0.22
CA GLU A 9 -15.64 47.89 0.62
C GLU A 9 -14.91 49.10 0.06
N THR A 10 -15.59 50.25 0.14
CA THR A 10 -15.07 51.53 -0.34
C THR A 10 -14.64 52.36 0.87
N THR A 11 -13.31 52.48 1.08
CA THR A 11 -12.75 53.33 2.12
C THR A 11 -12.31 54.65 1.48
N ASN A 12 -12.13 55.69 2.30
CA ASN A 12 -11.77 57.02 1.80
C ASN A 12 -10.29 57.04 1.40
N ARG A 13 -9.51 56.05 1.85
CA ARG A 13 -8.10 55.90 1.47
C ARG A 13 -7.91 54.70 0.56
N GLY A 14 -8.87 54.44 -0.35
CA GLY A 14 -8.81 53.32 -1.28
C GLY A 14 -9.82 52.21 -0.94
N GLU A 15 -9.76 51.11 -1.71
CA GLU A 15 -10.67 49.98 -1.55
C GLU A 15 -9.96 48.86 -0.77
N ARG A 16 -10.48 48.56 0.42
CA ARG A 16 -9.97 47.49 1.28
C ARG A 16 -10.72 46.19 0.97
N ALA A 17 -9.95 45.09 0.83
CA ALA A 17 -10.49 43.81 0.40
C ALA A 17 -10.27 42.75 1.50
N TYR A 18 -11.36 42.06 1.88
CA TYR A 18 -11.33 41.07 2.96
C TYR A 18 -11.78 39.70 2.45
N ASP A 19 -11.17 38.64 3.00
CA ASP A 19 -11.80 37.32 2.96
C ASP A 19 -13.01 37.36 3.91
N ILE A 20 -14.06 36.60 3.57
CA ILE A 20 -15.37 36.77 4.21
C ILE A 20 -15.26 36.56 5.72
N TYR A 21 -14.41 35.63 6.16
CA TYR A 21 -14.29 35.37 7.59
C TYR A 21 -13.63 36.57 8.26
N SER A 22 -12.65 37.18 7.59
CA SER A 22 -11.95 38.33 8.12
C SER A 22 -12.88 39.54 8.22
N ARG A 23 -13.77 39.67 7.22
CA ARG A 23 -14.77 40.73 7.23
C ARG A 23 -15.68 40.59 8.44
N LEU A 24 -16.09 39.36 8.77
CA LEU A 24 -16.93 39.14 9.94
C LEU A 24 -16.16 39.47 11.20
N LEU A 25 -14.86 39.18 11.22
CA LEU A 25 -14.06 39.38 12.42
C LEU A 25 -13.92 40.88 12.71
N LYS A 26 -13.98 41.73 11.67
CA LYS A 26 -14.00 43.17 11.86
C LYS A 26 -15.20 43.62 12.69
N ASP A 27 -16.32 42.87 12.60
CA ASP A 27 -17.56 43.17 13.33
C ASP A 27 -17.70 42.28 14.57
N ARG A 28 -16.59 41.67 14.99
CA ARG A 28 -16.47 41.00 16.28
C ARG A 28 -17.12 39.62 16.23
N ILE A 29 -17.16 39.00 15.04
CA ILE A 29 -17.71 37.66 14.87
C ILE A 29 -16.58 36.66 14.65
N ILE A 30 -16.56 35.62 15.47
CA ILE A 30 -15.58 34.54 15.32
C ILE A 30 -16.31 33.28 14.87
N MET A 31 -15.74 32.59 13.88
CA MET A 31 -16.37 31.39 13.35
C MET A 31 -15.59 30.18 13.84
N LEU A 32 -16.22 29.37 14.69
CA LEU A 32 -15.70 28.04 15.01
C LEU A 32 -16.50 27.02 14.20
N GLY A 33 -15.98 26.68 13.02
CA GLY A 33 -16.74 25.94 12.03
C GLY A 33 -16.04 24.67 11.59
N SER A 34 -15.19 24.13 12.48
CA SER A 34 -14.40 22.96 12.15
C SER A 34 -14.14 22.15 13.41
N GLN A 35 -13.54 20.97 13.22
CA GLN A 35 -13.00 20.16 14.29
C GLN A 35 -12.06 21.03 15.13
N ILE A 36 -12.16 20.95 16.47
CA ILE A 36 -11.29 21.69 17.36
C ILE A 36 -9.98 20.94 17.55
N ASP A 37 -8.91 21.44 16.94
CA ASP A 37 -7.55 21.00 17.23
C ASP A 37 -6.76 22.23 17.70
N ASP A 38 -5.48 22.03 18.04
CA ASP A 38 -4.65 23.08 18.60
C ASP A 38 -4.58 24.30 17.68
N ASN A 39 -4.50 24.09 16.35
CA ASN A 39 -4.41 25.19 15.42
C ASN A 39 -5.65 26.09 15.49
N VAL A 40 -6.83 25.46 15.47
CA VAL A 40 -8.09 26.19 15.51
C VAL A 40 -8.16 26.93 16.84
N ALA A 41 -7.65 26.30 17.91
CA ALA A 41 -7.68 26.94 19.22
C ALA A 41 -6.76 28.16 19.26
N ASN A 42 -5.57 28.06 18.67
CA ASN A 42 -4.63 29.16 18.69
C ASN A 42 -5.21 30.34 17.91
N SER A 43 -5.94 30.04 16.83
CA SER A 43 -6.53 31.06 15.97
C SER A 43 -7.61 31.79 16.74
N ILE A 44 -8.45 31.04 17.45
CA ILE A 44 -9.59 31.62 18.14
C ILE A 44 -9.11 32.40 19.36
N VAL A 45 -8.11 31.87 20.07
CA VAL A 45 -7.53 32.57 21.21
C VAL A 45 -7.02 33.92 20.73
N SER A 46 -6.29 33.91 19.61
CA SER A 46 -5.71 35.11 19.02
C SER A 46 -6.79 36.12 18.68
N GLN A 47 -7.88 35.65 18.05
CA GLN A 47 -8.98 36.51 17.65
C GLN A 47 -9.63 37.12 18.90
N LEU A 48 -9.86 36.31 19.93
CA LEU A 48 -10.45 36.78 21.17
C LEU A 48 -9.61 37.89 21.79
N LEU A 49 -8.29 37.70 21.82
CA LEU A 49 -7.39 38.61 22.50
C LEU A 49 -7.30 39.92 21.74
N PHE A 50 -7.33 39.82 20.41
CA PHE A 50 -7.31 40.97 19.53
C PHE A 50 -8.58 41.80 19.69
N LEU A 51 -9.76 41.16 19.67
CA LEU A 51 -11.01 41.89 19.75
C LEU A 51 -11.11 42.62 21.09
N GLN A 52 -10.60 42.00 22.16
CA GLN A 52 -10.57 42.64 23.46
C GLN A 52 -9.72 43.91 23.40
N ALA A 53 -8.59 43.86 22.69
CA ALA A 53 -7.69 45.00 22.59
C ALA A 53 -8.36 46.13 21.82
N GLN A 54 -9.15 45.78 20.79
CA GLN A 54 -9.87 46.76 19.99
C GLN A 54 -11.00 47.43 20.78
N ASP A 55 -11.65 46.68 21.68
CA ASP A 55 -12.85 47.15 22.34
C ASP A 55 -13.14 46.19 23.48
N SER A 56 -12.85 46.65 24.70
CA SER A 56 -12.95 45.82 25.90
C SER A 56 -14.38 45.74 26.44
N GLU A 57 -15.34 46.40 25.78
CA GLU A 57 -16.68 46.50 26.31
C GLU A 57 -17.72 45.89 25.38
N LYS A 58 -17.57 46.04 24.06
CA LYS A 58 -18.52 45.46 23.12
C LYS A 58 -18.45 43.94 23.14
N ASP A 59 -19.63 43.33 22.99
CA ASP A 59 -19.79 41.89 22.93
C ASP A 59 -19.02 41.31 21.73
N ILE A 60 -18.71 40.01 21.86
CA ILE A 60 -18.13 39.20 20.80
C ILE A 60 -19.13 38.10 20.48
N TYR A 61 -19.20 37.69 19.22
CA TYR A 61 -20.11 36.63 18.82
C TYR A 61 -19.29 35.43 18.34
N LEU A 62 -19.37 34.31 19.07
CA LEU A 62 -18.73 33.07 18.66
C LEU A 62 -19.78 32.15 18.05
N TYR A 63 -19.69 31.96 16.73
CA TYR A 63 -20.53 31.02 15.98
C TYR A 63 -19.94 29.63 16.16
N ILE A 64 -20.80 28.65 16.45
CA ILE A 64 -20.33 27.29 16.68
C ILE A 64 -21.06 26.34 15.74
N ASN A 65 -20.30 25.77 14.81
CA ASN A 65 -20.72 24.58 14.08
C ASN A 65 -19.55 23.60 14.10
N SER A 66 -19.48 22.77 15.14
CA SER A 66 -18.27 22.00 15.42
C SER A 66 -18.62 20.64 16.01
N PRO A 67 -18.05 19.52 15.51
CA PRO A 67 -18.22 18.22 16.14
C PRO A 67 -17.35 18.04 17.37
N GLY A 68 -16.55 19.08 17.69
CA GLY A 68 -15.67 19.06 18.85
C GLY A 68 -14.24 18.69 18.46
N GLY A 69 -13.51 18.10 19.42
CA GLY A 69 -12.14 17.69 19.20
C GLY A 69 -11.34 17.65 20.49
N SER A 70 -10.10 18.14 20.45
CA SER A 70 -9.20 18.05 21.58
C SER A 70 -9.77 18.80 22.79
N VAL A 71 -9.76 18.13 23.95
CA VAL A 71 -10.27 18.70 25.18
C VAL A 71 -9.42 19.90 25.58
N THR A 72 -8.08 19.74 25.54
CA THR A 72 -7.16 20.79 25.96
C THR A 72 -7.28 22.00 25.02
N ALA A 73 -7.37 21.74 23.71
CA ALA A 73 -7.55 22.80 22.73
C ALA A 73 -8.83 23.57 23.04
N GLY A 74 -9.89 22.84 23.35
CA GLY A 74 -11.14 23.42 23.81
C GLY A 74 -10.96 24.32 25.03
N PHE A 75 -10.14 23.88 26.00
CA PHE A 75 -9.95 24.61 27.24
C PHE A 75 -9.11 25.86 27.00
N ALA A 76 -8.26 25.80 25.97
CA ALA A 76 -7.56 26.98 25.52
C ALA A 76 -8.59 28.07 25.24
N ILE A 77 -9.60 27.72 24.44
CA ILE A 77 -10.64 28.66 24.05
C ILE A 77 -11.47 29.05 25.28
N TYR A 78 -11.81 28.04 26.09
CA TYR A 78 -12.69 28.24 27.23
C TYR A 78 -12.08 29.28 28.16
N ASP A 79 -10.81 29.09 28.50
CA ASP A 79 -10.15 29.93 29.49
C ASP A 79 -9.97 31.36 28.94
N THR A 80 -9.70 31.48 27.64
CA THR A 80 -9.55 32.76 27.00
C THR A 80 -10.88 33.51 27.06
N ILE A 81 -11.98 32.81 26.74
CA ILE A 81 -13.32 33.38 26.81
C ILE A 81 -13.54 33.94 28.22
N GLN A 82 -13.26 33.12 29.25
CA GLN A 82 -13.56 33.51 30.61
C GLN A 82 -12.66 34.66 31.05
N HIS A 83 -11.45 34.73 30.50
CA HIS A 83 -10.44 35.68 30.94
C HIS A 83 -10.76 37.11 30.48
N ILE A 84 -11.19 37.28 29.22
CA ILE A 84 -11.30 38.59 28.62
C ILE A 84 -12.52 39.33 29.20
N LYS A 85 -12.47 40.68 29.14
CA LYS A 85 -13.51 41.57 29.66
C LYS A 85 -14.81 41.40 28.88
N PRO A 86 -14.80 41.48 27.54
CA PRO A 86 -16.04 41.39 26.76
C PRO A 86 -16.84 40.10 27.01
N ASP A 87 -18.17 40.26 27.01
CA ASP A 87 -19.06 39.12 26.93
C ASP A 87 -18.87 38.44 25.57
N VAL A 88 -18.76 37.10 25.60
CA VAL A 88 -18.72 36.32 24.38
C VAL A 88 -20.06 35.58 24.26
N GLN A 89 -20.87 35.99 23.29
CA GLN A 89 -22.08 35.26 22.96
C GLN A 89 -21.68 34.02 22.17
N THR A 90 -22.49 32.95 22.34
CA THR A 90 -22.30 31.71 21.61
C THR A 90 -23.58 31.42 20.83
N ILE A 91 -23.43 31.05 19.55
CA ILE A 91 -24.56 30.79 18.69
C ILE A 91 -24.33 29.45 17.99
N CYS A 92 -25.06 28.40 18.41
CA CYS A 92 -24.96 27.10 17.77
C CYS A 92 -25.80 27.09 16.50
N ILE A 93 -25.12 26.79 15.40
CA ILE A 93 -25.72 26.70 14.09
C ILE A 93 -25.19 25.42 13.46
N GLY A 94 -26.09 24.56 12.97
CA GLY A 94 -25.71 23.25 12.46
C GLY A 94 -25.68 22.20 13.56
N MET A 95 -24.51 22.05 14.22
CA MET A 95 -24.40 21.21 15.40
C MET A 95 -23.26 21.65 16.30
N ALA A 96 -23.30 21.15 17.54
CA ALA A 96 -22.25 21.36 18.50
C ALA A 96 -22.14 20.08 19.34
N ALA A 97 -21.11 19.28 19.06
CA ALA A 97 -20.89 18.07 19.81
C ALA A 97 -19.56 18.15 20.55
N SER A 98 -19.34 17.19 21.47
CA SER A 98 -18.09 17.09 22.19
C SER A 98 -17.80 18.45 22.84
N MET A 99 -16.55 18.94 22.71
CA MET A 99 -16.16 20.21 23.31
C MET A 99 -16.90 21.36 22.65
N GLY A 100 -17.46 21.12 21.45
CA GLY A 100 -18.32 22.08 20.80
C GLY A 100 -19.46 22.53 21.71
N SER A 101 -20.20 21.54 22.23
CA SER A 101 -21.34 21.82 23.09
C SER A 101 -20.86 22.36 24.43
N PHE A 102 -19.61 22.04 24.80
CA PHE A 102 -19.00 22.59 26.01
C PHE A 102 -18.81 24.11 25.87
N LEU A 103 -18.29 24.53 24.71
CA LEU A 103 -17.99 25.93 24.46
C LEU A 103 -19.30 26.71 24.35
N LEU A 104 -20.27 26.12 23.64
CA LEU A 104 -21.61 26.69 23.55
C LEU A 104 -22.12 27.05 24.95
N ALA A 105 -21.93 26.16 25.92
CA ALA A 105 -22.44 26.34 27.27
C ALA A 105 -21.60 27.37 28.02
N ALA A 106 -20.42 27.69 27.46
CA ALA A 106 -19.44 28.51 28.15
C ALA A 106 -19.61 29.99 27.78
N GLY A 107 -20.59 30.30 26.92
CA GLY A 107 -20.85 31.67 26.53
C GLY A 107 -21.31 32.50 27.74
N ALA A 108 -21.43 33.81 27.52
CA ALA A 108 -21.86 34.73 28.56
C ALA A 108 -23.27 34.39 29.00
N LYS A 109 -23.48 34.46 30.32
CA LYS A 109 -24.76 34.11 30.91
C LYS A 109 -25.85 34.98 30.28
N GLY A 110 -26.90 34.33 29.75
CA GLY A 110 -27.99 35.03 29.10
C GLY A 110 -27.78 35.20 27.59
N LYS A 111 -26.61 34.82 27.08
CA LYS A 111 -26.26 35.11 25.70
C LYS A 111 -25.73 33.87 24.99
N ARG A 112 -26.31 32.71 25.34
CA ARG A 112 -26.02 31.46 24.64
C ARG A 112 -27.26 31.08 23.84
N PHE A 113 -27.08 30.87 22.52
CA PHE A 113 -28.19 30.67 21.62
C PHE A 113 -27.99 29.43 20.75
N ALA A 114 -29.09 28.94 20.21
CA ALA A 114 -29.05 27.99 19.13
C ALA A 114 -30.22 28.33 18.21
N LEU A 115 -30.00 28.16 16.91
CA LEU A 115 -31.07 28.30 15.95
C LEU A 115 -31.94 27.04 16.03
N PRO A 116 -33.21 27.11 15.58
CA PRO A 116 -34.22 26.11 15.94
C PRO A 116 -33.94 24.66 15.55
N ASN A 117 -33.18 24.47 14.47
CA ASN A 117 -32.90 23.13 13.95
C ASN A 117 -31.47 22.69 14.26
N ALA A 118 -30.72 23.50 15.01
CA ALA A 118 -29.37 23.12 15.38
C ALA A 118 -29.42 21.97 16.38
N GLU A 119 -28.36 21.17 16.35
CA GLU A 119 -28.26 19.90 17.06
C GLU A 119 -27.14 20.03 18.10
N VAL A 120 -27.43 19.65 19.35
CA VAL A 120 -26.43 19.67 20.39
C VAL A 120 -26.27 18.24 20.90
N MET A 121 -25.01 17.79 21.07
CA MET A 121 -24.77 16.45 21.57
C MET A 121 -23.75 16.50 22.72
N ILE A 122 -24.06 15.79 23.80
CA ILE A 122 -23.16 15.64 24.92
C ILE A 122 -22.86 14.16 25.12
N HIS A 123 -21.60 13.85 25.40
CA HIS A 123 -21.16 12.51 25.73
C HIS A 123 -19.91 12.60 26.60
N GLN A 124 -19.35 11.46 26.98
CA GLN A 124 -18.13 11.47 27.80
C GLN A 124 -16.93 11.57 26.87
N PRO A 125 -15.77 12.03 27.40
CA PRO A 125 -14.54 12.15 26.60
C PRO A 125 -14.00 10.82 26.10
N LEU A 126 -13.35 10.85 24.94
CA LEU A 126 -12.76 9.67 24.31
C LEU A 126 -11.24 9.77 24.35
N GLY A 127 -10.57 8.63 24.46
CA GLY A 127 -9.12 8.58 24.46
C GLY A 127 -8.60 7.17 24.26
N GLY A 128 -7.34 6.95 24.62
CA GLY A 128 -6.69 5.66 24.44
C GLY A 128 -5.42 5.53 25.28
N ALA A 129 -4.95 4.29 25.41
CA ALA A 129 -3.72 4.03 26.14
C ALA A 129 -3.21 2.65 25.74
N GLN A 130 -1.89 2.52 25.60
CA GLN A 130 -1.27 1.21 25.43
C GLN A 130 0.07 1.20 26.14
N GLY A 131 0.50 -0.01 26.52
CA GLY A 131 1.75 -0.21 27.22
C GLY A 131 1.57 -1.02 28.50
N GLN A 132 2.44 -0.76 29.48
CA GLN A 132 2.42 -1.47 30.74
C GLN A 132 1.17 -1.11 31.54
N ALA A 133 0.78 -2.00 32.46
CA ALA A 133 -0.39 -1.79 33.29
C ALA A 133 -0.34 -0.41 33.97
N THR A 134 0.84 -0.07 34.46
CA THR A 134 1.09 1.18 35.16
C THR A 134 0.78 2.36 34.26
N GLU A 135 1.12 2.23 32.96
CA GLU A 135 0.88 3.27 31.97
C GLU A 135 -0.60 3.38 31.67
N ILE A 136 -1.29 2.23 31.53
CA ILE A 136 -2.74 2.23 31.31
C ILE A 136 -3.40 2.95 32.48
N GLU A 137 -2.92 2.68 33.70
CA GLU A 137 -3.50 3.22 34.93
C GLU A 137 -3.40 4.73 34.94
N ILE A 138 -2.27 5.25 34.47
CA ILE A 138 -2.01 6.68 34.46
C ILE A 138 -2.94 7.35 33.46
N ALA A 139 -3.09 6.75 32.28
CA ALA A 139 -3.98 7.27 31.24
C ALA A 139 -5.43 7.24 31.70
N ALA A 140 -5.84 6.16 32.40
CA ALA A 140 -7.20 6.03 32.89
C ALA A 140 -7.51 7.14 33.89
N ASN A 141 -6.66 7.28 34.91
CA ASN A 141 -6.80 8.33 35.91
C ASN A 141 -6.88 9.70 35.24
N HIS A 142 -6.08 9.90 34.19
CA HIS A 142 -6.01 11.19 33.51
C HIS A 142 -7.36 11.49 32.87
N ILE A 143 -7.91 10.57 32.08
CA ILE A 143 -9.12 10.85 31.35
C ILE A 143 -10.32 10.91 32.31
N LEU A 144 -10.23 10.21 33.46
CA LEU A 144 -11.29 10.25 34.47
C LEU A 144 -11.32 11.62 35.15
N LYS A 145 -10.14 12.16 35.46
CA LYS A 145 -10.03 13.48 36.05
C LYS A 145 -10.53 14.54 35.07
N THR A 146 -10.16 14.39 33.80
CA THR A 146 -10.58 15.28 32.74
C THR A 146 -12.11 15.28 32.66
N ARG A 147 -12.71 14.10 32.79
CA ARG A 147 -14.16 14.01 32.77
C ARG A 147 -14.75 14.71 33.99
N GLU A 148 -14.17 14.50 35.18
CA GLU A 148 -14.66 15.19 36.37
C GLU A 148 -14.60 16.70 36.16
N LYS A 149 -13.52 17.16 35.53
CA LYS A 149 -13.31 18.58 35.30
C LYS A 149 -14.43 19.15 34.43
N LEU A 150 -14.61 18.54 33.25
CA LEU A 150 -15.66 18.90 32.30
C LEU A 150 -17.02 18.94 32.98
N ASN A 151 -17.33 17.87 33.72
CA ASN A 151 -18.66 17.69 34.28
C ASN A 151 -18.92 18.76 35.34
N ARG A 152 -17.89 19.09 36.12
CA ARG A 152 -18.03 20.03 37.23
C ARG A 152 -18.37 21.40 36.67
N ILE A 153 -17.78 21.75 35.52
CA ILE A 153 -18.02 23.05 34.91
C ILE A 153 -19.42 23.06 34.29
N LEU A 154 -19.79 22.00 33.56
CA LEU A 154 -21.11 21.91 32.95
C LEU A 154 -22.21 22.06 33.99
N SER A 155 -21.96 21.52 35.19
CA SER A 155 -22.88 21.62 36.31
C SER A 155 -23.08 23.10 36.65
N GLU A 156 -21.97 23.80 36.93
CA GLU A 156 -21.99 25.23 37.24
C GLU A 156 -22.68 26.01 36.13
N ARG A 157 -22.47 25.60 34.87
CA ARG A 157 -22.90 26.35 33.70
C ARG A 157 -24.37 26.11 33.38
N THR A 158 -24.84 24.86 33.60
CA THR A 158 -26.20 24.46 33.24
C THR A 158 -27.13 24.51 34.44
N GLY A 159 -26.58 24.31 35.66
CA GLY A 159 -27.36 24.25 36.87
C GLY A 159 -27.83 22.82 37.21
N GLN A 160 -27.52 21.85 36.34
CA GLN A 160 -27.80 20.45 36.61
C GLN A 160 -26.78 19.93 37.62
N SER A 161 -27.14 18.86 38.34
CA SER A 161 -26.24 18.26 39.30
C SER A 161 -25.16 17.47 38.54
N ILE A 162 -24.03 17.23 39.22
CA ILE A 162 -22.94 16.48 38.64
C ILE A 162 -23.39 15.03 38.38
N GLU A 163 -24.19 14.48 39.31
CA GLU A 163 -24.70 13.13 39.14
C GLU A 163 -25.47 13.05 37.82
N LYS A 164 -26.30 14.06 37.56
CA LYS A 164 -27.17 14.03 36.41
C LYS A 164 -26.34 14.19 35.14
N ILE A 165 -25.31 15.05 35.20
CA ILE A 165 -24.44 15.26 34.06
C ILE A 165 -23.76 13.94 33.72
N GLN A 166 -23.38 13.17 34.74
CA GLN A 166 -22.64 11.94 34.48
C GLN A 166 -23.55 10.87 33.88
N LYS A 167 -24.79 10.75 34.37
CA LYS A 167 -25.73 9.80 33.77
C LYS A 167 -25.98 10.19 32.32
N ASP A 168 -26.18 11.49 32.06
CA ASP A 168 -26.66 11.98 30.78
C ASP A 168 -25.56 12.02 29.72
N THR A 169 -24.28 11.94 30.15
CA THR A 169 -23.15 11.94 29.23
C THR A 169 -22.53 10.54 29.09
N ASP A 170 -23.04 9.57 29.84
CA ASP A 170 -22.52 8.21 29.84
C ASP A 170 -22.44 7.65 28.42
N ARG A 171 -23.48 7.90 27.61
CA ARG A 171 -23.50 7.53 26.20
C ARG A 171 -23.91 8.76 25.38
N ASP A 172 -23.77 8.69 24.05
CA ASP A 172 -24.11 9.79 23.16
C ASP A 172 -25.54 10.25 23.44
N ASN A 173 -25.70 11.57 23.62
CA ASN A 173 -26.97 12.14 24.00
C ASN A 173 -27.24 13.34 23.08
N PHE A 174 -28.12 13.16 22.08
CA PHE A 174 -28.47 14.19 21.12
C PHE A 174 -29.65 15.01 21.62
N LEU A 175 -29.52 16.35 21.58
CA LEU A 175 -30.56 17.25 22.04
C LEU A 175 -30.99 18.17 20.89
N THR A 176 -32.30 18.46 20.85
CA THR A 176 -32.80 19.55 20.03
C THR A 176 -32.42 20.87 20.68
N ALA A 177 -32.56 21.96 19.91
CA ALA A 177 -32.30 23.29 20.42
C ALA A 177 -33.14 23.57 21.66
N GLU A 178 -34.43 23.21 21.59
CA GLU A 178 -35.37 23.47 22.68
C GLU A 178 -35.01 22.60 23.89
N GLU A 179 -34.51 21.38 23.66
CA GLU A 179 -34.06 20.50 24.72
C GLU A 179 -32.76 21.04 25.34
N ALA A 180 -31.85 21.53 24.49
CA ALA A 180 -30.64 22.18 24.96
C ALA A 180 -31.00 23.32 25.91
N LYS A 181 -32.10 24.03 25.62
CA LYS A 181 -32.51 25.17 26.44
C LYS A 181 -33.00 24.72 27.82
N GLU A 182 -33.88 23.71 27.87
CA GLU A 182 -34.44 23.32 29.16
C GLU A 182 -33.37 22.64 30.01
N TYR A 183 -32.33 22.11 29.34
CA TYR A 183 -31.21 21.46 30.02
C TYR A 183 -30.28 22.49 30.67
N GLY A 184 -30.20 23.69 30.06
CA GLY A 184 -29.41 24.79 30.58
C GLY A 184 -28.10 24.99 29.81
N LEU A 185 -27.93 24.30 28.67
CA LEU A 185 -26.75 24.44 27.83
C LEU A 185 -26.81 25.77 27.07
N ILE A 186 -28.02 26.24 26.78
CA ILE A 186 -28.21 27.54 26.15
C ILE A 186 -29.32 28.28 26.90
N ASP A 187 -29.49 29.57 26.58
CA ASP A 187 -30.46 30.41 27.28
C ASP A 187 -31.73 30.55 26.44
N GLU A 188 -31.57 30.52 25.11
CA GLU A 188 -32.61 30.96 24.20
C GLU A 188 -32.47 30.27 22.85
N VAL A 189 -33.62 29.93 22.25
CA VAL A 189 -33.65 29.52 20.85
C VAL A 189 -33.98 30.75 20.02
N MET A 190 -33.03 31.20 19.20
CA MET A 190 -33.23 32.35 18.34
C MET A 190 -34.36 32.06 17.35
N VAL A 191 -35.36 32.94 17.31
CA VAL A 191 -36.49 32.78 16.40
C VAL A 191 -36.34 33.76 15.23
N PRO A 192 -36.81 33.38 14.02
CA PRO A 192 -36.74 34.25 12.83
C PRO A 192 -37.13 35.73 13.01
N GLU A 193 -36.39 36.61 12.34
CA GLU A 193 -36.69 38.05 12.33
C GLU A 193 -37.82 38.33 11.33
N LEU B 3 -7.84 28.54 7.28
CA LEU B 3 -7.44 29.94 7.01
C LEU B 3 -6.92 30.58 8.30
N ILE B 4 -6.00 31.53 8.13
CA ILE B 4 -5.60 32.45 9.19
C ILE B 4 -6.29 33.78 8.92
N PRO B 5 -7.08 34.33 9.87
CA PRO B 5 -7.81 35.56 9.59
C PRO B 5 -6.85 36.73 9.41
N THR B 6 -7.34 37.77 8.74
CA THR B 6 -6.60 39.00 8.52
C THR B 6 -7.26 40.13 9.30
N VAL B 7 -6.44 41.06 9.78
CA VAL B 7 -6.90 42.18 10.58
C VAL B 7 -6.34 43.45 9.93
N ILE B 8 -7.10 44.55 9.99
CA ILE B 8 -6.66 45.79 9.34
C ILE B 8 -6.82 46.95 10.31
N GLU B 9 -5.70 47.68 10.54
CA GLU B 9 -5.68 48.90 11.33
C GLU B 9 -5.65 50.11 10.41
N THR B 10 -6.15 51.24 10.93
CA THR B 10 -6.63 52.35 10.12
C THR B 10 -5.98 53.66 10.58
N ARG B 13 -1.22 57.16 9.91
CA ARG B 13 -0.21 57.22 8.87
C ARG B 13 -0.40 56.09 7.85
N GLY B 14 -1.66 55.66 7.62
CA GLY B 14 -1.99 54.68 6.60
C GLY B 14 -2.78 53.48 7.12
N GLU B 15 -3.10 52.56 6.21
CA GLU B 15 -3.85 51.33 6.52
C GLU B 15 -2.96 50.12 6.23
N ARG B 16 -2.64 49.36 7.29
CA ARG B 16 -1.76 48.20 7.20
C ARG B 16 -2.55 46.93 7.52
N ALA B 17 -2.36 45.89 6.69
CA ALA B 17 -3.03 44.61 6.84
C ALA B 17 -2.08 43.58 7.45
N TYR B 18 -2.55 42.89 8.50
CA TYR B 18 -1.77 41.89 9.22
C TYR B 18 -2.52 40.57 9.29
N ASP B 19 -1.80 39.46 9.14
CA ASP B 19 -2.31 38.19 9.62
C ASP B 19 -2.33 38.25 11.15
N ILE B 20 -3.29 37.58 11.78
CA ILE B 20 -3.58 37.76 13.19
C ILE B 20 -2.34 37.49 14.03
N TYR B 21 -1.48 36.56 13.61
CA TYR B 21 -0.33 36.18 14.41
C TYR B 21 0.74 37.26 14.36
N SER B 22 0.96 37.80 13.17
CA SER B 22 1.85 38.93 12.98
C SER B 22 1.37 40.15 13.79
N ARG B 23 0.06 40.38 13.83
CA ARG B 23 -0.47 41.51 14.57
C ARG B 23 -0.10 41.37 16.04
N LEU B 24 -0.18 40.13 16.56
CA LEU B 24 0.17 39.87 17.94
C LEU B 24 1.68 40.04 18.16
N LEU B 25 2.48 39.61 17.17
CA LEU B 25 3.92 39.75 17.26
C LEU B 25 4.30 41.23 17.33
N LYS B 26 3.53 42.10 16.67
CA LYS B 26 3.75 43.54 16.75
C LYS B 26 3.53 44.05 18.19
N ASP B 27 2.73 43.34 19.00
CA ASP B 27 2.57 43.68 20.41
C ASP B 27 3.38 42.75 21.31
N ARG B 28 4.43 42.15 20.74
CA ARG B 28 5.48 41.44 21.46
C ARG B 28 4.95 40.10 21.98
N ILE B 29 3.98 39.53 21.27
CA ILE B 29 3.40 38.24 21.62
C ILE B 29 3.87 37.20 20.59
N ILE B 30 4.52 36.13 21.11
CA ILE B 30 4.98 35.02 20.29
C ILE B 30 4.17 33.76 20.61
N MET B 31 3.63 33.12 19.57
CA MET B 31 2.75 31.97 19.73
C MET B 31 3.54 30.69 19.50
N LEU B 32 3.73 29.89 20.56
CA LEU B 32 4.22 28.54 20.43
C LEU B 32 3.03 27.60 20.59
N GLY B 33 2.33 27.36 19.48
CA GLY B 33 1.06 26.65 19.48
C GLY B 33 1.11 25.39 18.61
N SER B 34 2.23 24.68 18.64
CA SER B 34 2.37 23.45 17.86
C SER B 34 3.52 22.60 18.42
N GLN B 35 3.65 21.41 17.84
CA GLN B 35 4.77 20.52 18.14
C GLN B 35 6.06 21.28 17.86
N ILE B 36 7.05 21.11 18.75
CA ILE B 36 8.33 21.79 18.64
C ILE B 36 9.27 20.98 17.76
N ASP B 37 9.58 21.53 16.58
CA ASP B 37 10.62 20.99 15.72
C ASP B 37 11.62 22.11 15.41
N ASP B 38 12.56 21.83 14.50
CA ASP B 38 13.58 22.79 14.15
C ASP B 38 12.95 24.03 13.49
N ASN B 39 11.91 23.86 12.66
CA ASN B 39 11.29 25.02 11.99
C ASN B 39 10.61 25.95 12.99
N VAL B 40 9.84 25.37 13.92
CA VAL B 40 9.17 26.16 14.93
C VAL B 40 10.22 26.89 15.77
N ALA B 41 11.29 26.16 16.14
CA ALA B 41 12.37 26.75 16.92
C ALA B 41 13.04 27.91 16.18
N ASN B 42 13.27 27.79 14.86
CA ASN B 42 13.93 28.86 14.11
C ASN B 42 13.06 30.10 14.10
N SER B 43 11.77 29.91 13.80
CA SER B 43 10.80 30.99 13.80
C SER B 43 10.78 31.73 15.14
N ILE B 44 10.73 30.98 16.25
CA ILE B 44 10.60 31.59 17.56
C ILE B 44 11.91 32.26 17.99
N VAL B 45 13.07 31.69 17.62
CA VAL B 45 14.35 32.31 17.93
C VAL B 45 14.45 33.65 17.18
N SER B 46 14.07 33.64 15.90
CA SER B 46 14.05 34.84 15.08
C SER B 46 13.14 35.92 15.69
N GLN B 47 11.94 35.51 16.12
CA GLN B 47 10.99 36.43 16.72
C GLN B 47 11.57 37.06 17.98
N LEU B 48 12.17 36.23 18.83
CA LEU B 48 12.75 36.72 20.07
C LEU B 48 13.82 37.76 19.77
N LEU B 49 14.67 37.47 18.76
CA LEU B 49 15.79 38.35 18.46
C LEU B 49 15.29 39.67 17.88
N PHE B 50 14.28 39.57 17.01
CA PHE B 50 13.69 40.76 16.40
C PHE B 50 13.07 41.64 17.48
N LEU B 51 12.33 41.06 18.42
CA LEU B 51 11.66 41.84 19.46
C LEU B 51 12.67 42.52 20.37
N GLN B 52 13.81 41.86 20.58
CA GLN B 52 14.85 42.44 21.41
C GLN B 52 15.43 43.68 20.74
N ALA B 53 15.69 43.57 19.44
CA ALA B 53 16.28 44.67 18.68
C ALA B 53 15.34 45.88 18.63
N GLN B 54 14.03 45.63 18.59
CA GLN B 54 13.03 46.68 18.59
C GLN B 54 13.00 47.40 19.94
N ASP B 55 13.27 46.67 21.03
CA ASP B 55 13.16 47.21 22.37
C ASP B 55 13.68 46.16 23.34
N SER B 56 14.77 46.46 24.04
CA SER B 56 15.47 45.50 24.89
C SER B 56 14.96 45.59 26.33
N GLU B 57 14.00 46.48 26.58
CA GLU B 57 13.49 46.73 27.92
C GLU B 57 12.12 46.07 28.11
N LYS B 58 11.23 46.18 27.10
CA LYS B 58 9.85 45.73 27.21
C LYS B 58 9.72 44.20 27.26
N ASP B 59 8.83 43.73 28.15
CA ASP B 59 8.55 42.31 28.31
C ASP B 59 8.07 41.71 26.99
N ILE B 60 8.33 40.40 26.84
CA ILE B 60 7.84 39.61 25.72
C ILE B 60 6.84 38.59 26.29
N TYR B 61 5.85 38.20 25.47
CA TYR B 61 4.83 37.25 25.90
C TYR B 61 4.91 36.00 25.01
N LEU B 62 5.37 34.88 25.60
CA LEU B 62 5.41 33.59 24.94
C LEU B 62 4.22 32.74 25.37
N TYR B 63 3.26 32.61 24.45
CA TYR B 63 2.09 31.76 24.63
C TYR B 63 2.50 30.33 24.29
N ILE B 64 2.27 29.42 25.24
CA ILE B 64 2.60 28.02 25.04
C ILE B 64 1.32 27.20 25.10
N ASN B 65 0.99 26.60 23.95
CA ASN B 65 0.02 25.52 23.83
C ASN B 65 0.63 24.47 22.91
N SER B 66 1.31 23.47 23.51
CA SER B 66 2.21 22.63 22.75
C SER B 66 2.44 21.30 23.44
N PRO B 67 2.38 20.17 22.71
CA PRO B 67 2.69 18.85 23.27
C PRO B 67 4.19 18.63 23.45
N GLY B 68 5.01 19.56 22.93
CA GLY B 68 6.45 19.46 23.05
C GLY B 68 7.05 18.97 21.74
N GLY B 69 8.18 18.25 21.84
CA GLY B 69 8.87 17.77 20.66
C GLY B 69 10.37 17.66 20.89
N SER B 70 11.14 18.09 19.89
CA SER B 70 12.59 17.95 19.90
C SER B 70 13.21 18.70 21.07
N VAL B 71 14.09 18.01 21.82
CA VAL B 71 14.78 18.58 22.96
C VAL B 71 15.76 19.68 22.51
N THR B 72 16.52 19.41 21.45
CA THR B 72 17.51 20.37 21.01
C THR B 72 16.79 21.61 20.48
N ALA B 73 15.69 21.43 19.72
CA ALA B 73 14.97 22.56 19.20
C ALA B 73 14.39 23.38 20.34
N GLY B 74 13.96 22.69 21.40
CA GLY B 74 13.44 23.32 22.59
C GLY B 74 14.52 24.15 23.28
N PHE B 75 15.77 23.68 23.21
CA PHE B 75 16.89 24.32 23.88
C PHE B 75 17.37 25.52 23.07
N ALA B 76 17.16 25.47 21.75
CA ALA B 76 17.43 26.60 20.88
C ALA B 76 16.60 27.80 21.34
N ILE B 77 15.33 27.53 21.69
CA ILE B 77 14.41 28.52 22.20
C ILE B 77 14.81 28.91 23.62
N TYR B 78 15.08 27.90 24.46
CA TYR B 78 15.40 28.13 25.86
C TYR B 78 16.58 29.10 25.97
N ASP B 79 17.66 28.81 25.22
CA ASP B 79 18.90 29.57 25.33
C ASP B 79 18.74 30.99 24.79
N THR B 80 17.93 31.12 23.73
CA THR B 80 17.64 32.43 23.19
C THR B 80 16.86 33.22 24.22
N ILE B 81 15.92 32.58 24.92
CA ILE B 81 15.17 33.26 25.96
C ILE B 81 16.12 33.80 27.02
N GLN B 82 17.05 32.96 27.47
CA GLN B 82 17.95 33.34 28.56
C GLN B 82 18.98 34.39 28.11
N HIS B 83 19.30 34.41 26.80
CA HIS B 83 20.36 35.30 26.31
C HIS B 83 19.86 36.74 26.19
N ILE B 84 18.66 36.94 25.63
CA ILE B 84 18.14 38.28 25.37
C ILE B 84 17.79 38.97 26.69
N LYS B 85 17.84 40.31 26.66
CA LYS B 85 17.78 41.15 27.84
C LYS B 85 16.34 41.21 28.34
N PRO B 86 15.31 41.33 27.46
CA PRO B 86 13.93 41.39 27.90
C PRO B 86 13.48 40.15 28.66
N ASP B 87 12.73 40.38 29.75
CA ASP B 87 11.97 39.33 30.41
C ASP B 87 11.02 38.71 29.39
N VAL B 88 11.05 37.38 29.29
CA VAL B 88 10.11 36.64 28.48
C VAL B 88 9.12 35.98 29.43
N GLN B 89 7.88 36.48 29.42
CA GLN B 89 6.82 35.85 30.19
C GLN B 89 6.39 34.59 29.45
N THR B 90 5.92 33.59 30.20
CA THR B 90 5.35 32.38 29.63
C THR B 90 3.91 32.22 30.10
N ILE B 91 3.02 31.89 29.17
CA ILE B 91 1.60 31.72 29.48
C ILE B 91 1.11 30.41 28.87
N CYS B 92 0.81 29.43 29.75
CA CYS B 92 0.26 28.14 29.33
C CYS B 92 -1.26 28.25 29.17
N ILE B 93 -1.73 27.87 27.97
CA ILE B 93 -3.14 27.91 27.63
C ILE B 93 -3.42 26.64 26.82
N GLY B 94 -4.36 25.82 27.30
CA GLY B 94 -4.56 24.49 26.76
C GLY B 94 -3.70 23.46 27.48
N MET B 95 -2.53 23.15 26.90
CA MET B 95 -1.58 22.29 27.58
C MET B 95 -0.15 22.70 27.26
N ALA B 96 0.73 22.25 28.16
CA ALA B 96 2.16 22.24 27.97
C ALA B 96 2.67 20.87 28.41
N ALA B 97 3.21 20.10 27.46
CA ALA B 97 3.79 18.81 27.77
C ALA B 97 5.22 18.73 27.23
N SER B 98 6.05 17.87 27.81
CA SER B 98 7.39 17.63 27.32
C SER B 98 8.18 18.96 27.34
N MET B 99 8.89 19.29 26.26
CA MET B 99 9.69 20.51 26.24
C MET B 99 8.79 21.72 26.35
N GLY B 100 7.51 21.53 26.00
CA GLY B 100 6.49 22.55 26.17
C GLY B 100 6.43 23.04 27.61
N SER B 101 6.42 22.10 28.55
CA SER B 101 6.34 22.47 29.95
C SER B 101 7.72 22.95 30.44
N PHE B 102 8.80 22.40 29.87
CA PHE B 102 10.14 22.89 30.17
C PHE B 102 10.29 24.36 29.82
N LEU B 103 9.76 24.76 28.65
CA LEU B 103 9.83 26.14 28.21
C LEU B 103 8.96 27.04 29.07
N LEU B 104 7.81 26.52 29.51
CA LEU B 104 6.94 27.27 30.40
C LEU B 104 7.68 27.58 31.70
N ALA B 105 8.47 26.61 32.18
CA ALA B 105 9.24 26.72 33.41
C ALA B 105 10.40 27.70 33.28
N ALA B 106 10.73 28.04 32.03
CA ALA B 106 11.95 28.77 31.67
C ALA B 106 11.68 30.27 31.58
N GLY B 107 10.42 30.65 31.77
CA GLY B 107 10.05 32.06 31.66
C GLY B 107 10.71 32.87 32.76
N ALA B 108 10.62 34.20 32.65
CA ALA B 108 11.23 35.08 33.62
C ALA B 108 10.60 34.84 35.00
N LYS B 109 11.45 34.84 36.03
CA LYS B 109 11.05 34.56 37.39
C LYS B 109 9.93 35.52 37.77
N GLY B 110 8.81 34.99 38.29
CA GLY B 110 7.67 35.80 38.66
C GLY B 110 6.68 35.99 37.52
N LYS B 111 7.03 35.59 36.29
CA LYS B 111 6.21 35.90 35.12
C LYS B 111 5.94 34.64 34.29
N ARG B 112 5.79 33.51 34.99
CA ARG B 112 5.37 32.26 34.39
C ARG B 112 3.96 31.99 34.86
N PHE B 113 3.05 31.87 33.89
CA PHE B 113 1.61 31.84 34.14
C PHE B 113 1.01 30.62 33.45
N ALA B 114 -0.14 30.17 33.97
CA ALA B 114 -1.04 29.34 33.20
C ALA B 114 -2.46 29.74 33.55
N LEU B 115 -3.36 29.67 32.57
CA LEU B 115 -4.78 29.87 32.83
C LEU B 115 -5.36 28.64 33.53
N PRO B 116 -6.47 28.80 34.28
CA PRO B 116 -6.89 27.82 35.30
C PRO B 116 -7.06 26.37 34.87
N ASN B 117 -7.56 26.17 33.64
CA ASN B 117 -7.89 24.84 33.14
C ASN B 117 -6.79 24.35 32.19
N ALA B 118 -5.66 25.05 32.17
CA ALA B 118 -4.53 24.59 31.38
C ALA B 118 -3.90 23.37 32.06
N GLU B 119 -3.31 22.51 31.23
CA GLU B 119 -2.80 21.24 31.69
C GLU B 119 -1.28 21.20 31.44
N VAL B 120 -0.54 20.80 32.47
CA VAL B 120 0.91 20.74 32.39
C VAL B 120 1.33 19.30 32.62
N MET B 121 2.20 18.79 31.75
CA MET B 121 2.65 17.42 31.87
C MET B 121 4.17 17.37 31.75
N ILE B 122 4.79 16.63 32.68
CA ILE B 122 6.21 16.41 32.72
C ILE B 122 6.44 14.92 32.66
N HIS B 123 7.50 14.50 31.97
CA HIS B 123 7.91 13.10 31.87
C HIS B 123 9.38 13.06 31.46
N GLN B 124 9.89 11.88 31.10
CA GLN B 124 11.29 11.75 30.75
C GLN B 124 11.41 11.74 29.22
N PRO B 125 12.58 12.16 28.67
CA PRO B 125 12.76 12.21 27.22
C PRO B 125 12.54 10.84 26.58
N LEU B 126 12.08 10.87 25.33
CA LEU B 126 11.84 9.69 24.53
C LEU B 126 12.87 9.68 23.39
N GLY B 127 13.32 8.49 23.01
CA GLY B 127 14.21 8.35 21.87
C GLY B 127 14.22 6.93 21.34
N GLY B 128 15.24 6.63 20.54
CA GLY B 128 15.32 5.35 19.85
C GLY B 128 16.73 5.12 19.32
N ALA B 129 17.08 3.84 19.15
CA ALA B 129 18.41 3.45 18.71
C ALA B 129 18.35 1.99 18.26
N GLN B 130 18.96 1.72 17.10
CA GLN B 130 19.13 0.34 16.65
C GLN B 130 20.49 0.22 16.01
N GLY B 131 21.01 -1.02 15.99
CA GLY B 131 22.33 -1.30 15.47
C GLY B 131 23.19 -2.07 16.46
N GLN B 132 24.50 -1.83 16.41
CA GLN B 132 25.45 -2.58 17.23
C GLN B 132 25.30 -2.20 18.69
N ALA B 133 25.70 -3.12 19.58
CA ALA B 133 25.64 -2.89 21.02
C ALA B 133 26.28 -1.55 21.37
N THR B 134 27.37 -1.24 20.68
CA THR B 134 28.17 -0.06 20.96
C THR B 134 27.42 1.21 20.54
N GLU B 135 26.62 1.10 19.49
CA GLU B 135 25.81 2.22 19.04
C GLU B 135 24.65 2.43 20.01
N ILE B 136 24.08 1.32 20.52
CA ILE B 136 23.00 1.37 21.48
C ILE B 136 23.51 2.07 22.74
N GLU B 137 24.78 1.81 23.07
CA GLU B 137 25.40 2.33 24.28
C GLU B 137 25.54 3.85 24.17
N ILE B 138 26.01 4.32 23.00
CA ILE B 138 26.21 5.73 22.76
C ILE B 138 24.86 6.46 22.87
N ALA B 139 23.85 5.91 22.19
CA ALA B 139 22.53 6.49 22.20
C ALA B 139 21.98 6.50 23.63
N ALA B 140 22.26 5.44 24.41
CA ALA B 140 21.79 5.38 25.79
C ALA B 140 22.39 6.52 26.60
N ASN B 141 23.73 6.61 26.61
CA ASN B 141 24.42 7.63 27.38
C ASN B 141 23.96 9.02 26.98
N HIS B 142 23.75 9.23 25.68
CA HIS B 142 23.30 10.51 25.16
C HIS B 142 21.95 10.93 25.77
N ILE B 143 20.95 10.05 25.71
CA ILE B 143 19.63 10.42 26.20
C ILE B 143 19.66 10.51 27.72
N LEU B 144 20.55 9.76 28.38
CA LEU B 144 20.69 9.85 29.83
C LEU B 144 21.31 11.19 30.25
N LYS B 145 22.34 11.63 29.51
CA LYS B 145 22.96 12.92 29.76
C LYS B 145 21.96 14.05 29.51
N THR B 146 21.14 13.89 28.46
CA THR B 146 20.16 14.90 28.09
C THR B 146 19.14 15.05 29.22
N ARG B 147 18.76 13.93 29.83
CA ARG B 147 17.80 13.94 30.91
C ARG B 147 18.40 14.62 32.14
N GLU B 148 19.63 14.25 32.52
CA GLU B 148 20.33 14.95 33.60
C GLU B 148 20.28 16.45 33.36
N LYS B 149 20.61 16.87 32.13
CA LYS B 149 20.65 18.28 31.75
C LYS B 149 19.28 18.93 31.96
N LEU B 150 18.23 18.27 31.50
CA LEU B 150 16.89 18.80 31.63
C LEU B 150 16.50 18.93 33.09
N ASN B 151 16.78 17.87 33.85
CA ASN B 151 16.35 17.77 35.24
C ASN B 151 17.12 18.77 36.10
N ARG B 152 18.40 19.00 35.80
CA ARG B 152 19.20 19.95 36.56
C ARG B 152 18.57 21.34 36.44
N ILE B 153 18.22 21.74 35.22
CA ILE B 153 17.66 23.06 34.97
C ILE B 153 16.28 23.17 35.61
N LEU B 154 15.47 22.11 35.53
CA LEU B 154 14.16 22.14 36.18
C LEU B 154 14.32 22.35 37.68
N SER B 155 15.33 21.70 38.27
CA SER B 155 15.61 21.83 39.69
C SER B 155 15.91 23.28 40.04
N GLU B 156 16.79 23.91 39.25
CA GLU B 156 17.16 25.31 39.43
C GLU B 156 15.91 26.19 39.32
N ARG B 157 15.05 25.87 38.36
CA ARG B 157 13.93 26.73 37.97
C ARG B 157 12.70 26.54 38.87
N THR B 158 12.55 25.35 39.46
CA THR B 158 11.40 25.00 40.29
C THR B 158 11.72 25.09 41.78
N GLY B 159 12.98 24.82 42.16
CA GLY B 159 13.38 24.79 43.56
C GLY B 159 13.33 23.37 44.13
N GLN B 160 12.88 22.41 43.32
CA GLN B 160 12.81 21.02 43.71
C GLN B 160 14.19 20.38 43.53
N SER B 161 14.48 19.35 44.32
CA SER B 161 15.72 18.61 44.19
C SER B 161 15.72 17.81 42.89
N ILE B 162 16.92 17.54 42.36
CA ILE B 162 17.09 16.66 41.22
C ILE B 162 16.50 15.28 41.53
N GLU B 163 16.62 14.83 42.78
CA GLU B 163 16.13 13.51 43.21
C GLU B 163 14.62 13.43 43.00
N LYS B 164 13.92 14.49 43.41
CA LYS B 164 12.48 14.58 43.29
C LYS B 164 12.04 14.68 41.83
N ILE B 165 12.71 15.54 41.03
CA ILE B 165 12.40 15.70 39.62
C ILE B 165 12.48 14.34 38.94
N GLN B 166 13.54 13.58 39.26
CA GLN B 166 13.79 12.27 38.69
C GLN B 166 12.61 11.33 38.96
N LYS B 167 12.17 11.28 40.22
CA LYS B 167 10.99 10.50 40.62
C LYS B 167 9.77 10.90 39.78
N ASP B 168 9.44 12.19 39.84
CA ASP B 168 8.17 12.70 39.36
C ASP B 168 8.08 12.73 37.83
N THR B 169 9.22 12.53 37.14
CA THR B 169 9.24 12.51 35.69
C THR B 169 9.46 11.10 35.17
N ASP B 170 9.50 10.12 36.08
CA ASP B 170 9.80 8.75 35.70
C ASP B 170 8.74 8.23 34.73
N ARG B 171 7.47 8.55 35.00
CA ARG B 171 6.39 8.24 34.10
C ARG B 171 5.55 9.50 33.90
N ASP B 172 4.67 9.47 32.90
CA ASP B 172 3.82 10.62 32.59
C ASP B 172 3.18 11.14 33.88
N ASN B 173 3.25 12.46 34.07
CA ASN B 173 2.79 13.13 35.26
C ASN B 173 2.00 14.37 34.84
N PHE B 174 0.67 14.28 34.95
CA PHE B 174 -0.25 15.32 34.55
C PHE B 174 -0.53 16.21 35.76
N LEU B 175 -0.45 17.53 35.56
CA LEU B 175 -0.61 18.51 36.62
C LEU B 175 -1.61 19.57 36.16
N THR B 176 -2.47 19.99 37.10
CA THR B 176 -3.32 21.15 36.93
C THR B 176 -2.43 22.39 37.01
N ALA B 177 -2.95 23.53 36.52
CA ALA B 177 -2.27 24.81 36.64
C ALA B 177 -1.85 25.05 38.09
N GLU B 178 -2.81 24.86 38.98
CA GLU B 178 -2.64 25.04 40.41
C GLU B 178 -1.50 24.16 40.94
N GLU B 179 -1.49 22.89 40.54
CA GLU B 179 -0.47 21.94 40.96
C GLU B 179 0.90 22.33 40.39
N ALA B 180 0.90 22.83 39.14
CA ALA B 180 2.10 23.33 38.47
C ALA B 180 2.67 24.51 39.25
N LYS B 181 1.80 25.37 39.77
CA LYS B 181 2.24 26.46 40.62
C LYS B 181 2.97 25.92 41.84
N GLU B 182 2.31 25.07 42.65
CA GLU B 182 2.90 24.67 43.91
C GLU B 182 4.17 23.84 43.66
N TYR B 183 4.28 23.25 42.46
CA TYR B 183 5.47 22.51 42.09
C TYR B 183 6.63 23.46 41.76
N GLY B 184 6.30 24.66 41.23
CA GLY B 184 7.27 25.68 40.88
C GLY B 184 7.55 25.76 39.37
N LEU B 185 6.69 25.17 38.55
CA LEU B 185 6.81 25.24 37.10
C LEU B 185 6.28 26.59 36.61
N ILE B 186 5.29 27.12 37.32
CA ILE B 186 4.80 28.47 37.09
C ILE B 186 4.76 29.21 38.41
N ASP B 187 4.53 30.52 38.30
CA ASP B 187 4.52 31.42 39.44
C ASP B 187 3.09 31.77 39.86
N GLU B 188 2.14 31.67 38.94
CA GLU B 188 0.83 32.26 39.14
C GLU B 188 -0.19 31.63 38.19
N VAL B 189 -1.39 31.35 38.69
CA VAL B 189 -2.53 31.06 37.82
C VAL B 189 -3.21 32.39 37.52
N MET B 190 -3.41 32.68 36.23
CA MET B 190 -4.06 33.92 35.80
C MET B 190 -5.55 33.81 36.02
N VAL B 191 -6.09 34.63 36.93
CA VAL B 191 -7.51 34.58 37.27
C VAL B 191 -8.27 35.62 36.45
N PRO B 192 -9.52 35.30 36.01
CA PRO B 192 -10.33 36.19 35.17
C PRO B 192 -10.32 37.69 35.49
N GLU B 193 -10.08 38.51 34.46
CA GLU B 193 -10.30 39.95 34.51
C GLU B 193 -11.80 40.24 34.69
N LEU C 3 2.91 29.01 9.23
CA LEU C 3 3.05 30.43 8.82
C LEU C 3 4.38 30.97 9.33
N ILE C 4 5.07 31.75 8.47
CA ILE C 4 6.22 32.54 8.83
C ILE C 4 5.73 33.96 9.13
N PRO C 5 5.94 34.51 10.34
CA PRO C 5 5.36 35.80 10.69
C PRO C 5 5.87 36.95 9.82
N THR C 6 5.07 38.00 9.68
CA THR C 6 5.46 39.19 8.96
C THR C 6 5.79 40.29 9.98
N VAL C 7 6.69 41.19 9.56
CA VAL C 7 7.17 42.27 10.40
C VAL C 7 7.21 43.54 9.55
N ILE C 8 6.59 44.63 10.05
CA ILE C 8 6.47 45.85 9.28
C ILE C 8 7.21 46.98 10.01
N GLU C 9 8.12 47.65 9.27
CA GLU C 9 9.10 48.56 9.83
C GLU C 9 8.84 49.99 9.33
N ARG C 16 7.67 49.24 4.62
CA ARG C 16 8.17 47.97 4.03
C ARG C 16 7.77 46.81 4.94
N ALA C 17 7.37 45.71 4.32
CA ALA C 17 6.86 44.53 5.01
C ALA C 17 7.75 43.33 4.68
N TYR C 18 8.28 42.68 5.73
CA TYR C 18 9.26 41.61 5.58
C TYR C 18 8.73 40.35 6.26
N ASP C 19 8.98 39.18 5.67
CA ASP C 19 8.94 37.97 6.46
C ASP C 19 10.10 38.07 7.44
N ILE C 20 9.97 37.42 8.62
CA ILE C 20 10.93 37.57 9.71
C ILE C 20 12.35 37.19 9.27
N TYR C 21 12.48 36.19 8.40
CA TYR C 21 13.79 35.71 7.98
C TYR C 21 14.45 36.75 7.09
N SER C 22 13.68 37.31 6.15
CA SER C 22 14.18 38.34 5.24
C SER C 22 14.56 39.62 6.00
N ARG C 23 13.86 39.90 7.11
CA ARG C 23 14.15 41.05 7.96
C ARG C 23 15.49 40.86 8.67
N LEU C 24 15.78 39.62 9.08
CA LEU C 24 17.05 39.29 9.70
C LEU C 24 18.17 39.37 8.67
N LEU C 25 17.86 39.00 7.42
CA LEU C 25 18.84 39.03 6.33
C LEU C 25 19.29 40.46 6.05
N LYS C 26 18.40 41.43 6.24
CA LYS C 26 18.72 42.84 6.03
C LYS C 26 19.77 43.31 7.03
N ASP C 27 19.90 42.61 8.17
CA ASP C 27 20.90 42.91 9.18
C ASP C 27 22.05 41.89 9.15
N ARG C 28 22.19 41.19 8.02
CA ARG C 28 23.36 40.35 7.75
C ARG C 28 23.32 39.09 8.62
N ILE C 29 22.11 38.59 8.89
CA ILE C 29 21.91 37.34 9.62
C ILE C 29 21.34 36.31 8.65
N ILE C 30 22.06 35.18 8.50
CA ILE C 30 21.59 34.07 7.68
C ILE C 30 21.23 32.92 8.61
N MET C 31 20.06 32.30 8.36
CA MET C 31 19.57 31.21 9.19
C MET C 31 19.80 29.89 8.47
N LEU C 32 20.74 29.07 8.98
CA LEU C 32 20.84 27.68 8.57
C LEU C 32 20.14 26.83 9.61
N GLY C 33 18.85 26.59 9.40
CA GLY C 33 17.98 26.03 10.43
C GLY C 33 17.32 24.73 9.99
N SER C 34 17.94 24.01 9.05
CA SER C 34 17.33 22.83 8.47
C SER C 34 18.40 21.82 8.05
N GLN C 35 17.95 20.71 7.48
CA GLN C 35 18.84 19.75 6.87
C GLN C 35 19.54 20.41 5.69
N ILE C 36 20.83 20.10 5.51
CA ILE C 36 21.60 20.63 4.41
C ILE C 36 21.37 19.75 3.18
N ASP C 37 20.64 20.30 2.20
CA ASP C 37 20.52 19.72 0.87
C ASP C 37 20.98 20.79 -0.11
N ASP C 38 20.86 20.50 -1.41
CA ASP C 38 21.36 21.41 -2.43
C ASP C 38 20.61 22.74 -2.36
N ASN C 39 19.28 22.71 -2.16
CA ASN C 39 18.48 23.93 -2.15
C ASN C 39 18.91 24.86 -1.03
N VAL C 40 19.10 24.33 0.18
CA VAL C 40 19.52 25.14 1.31
C VAL C 40 20.88 25.78 1.02
N ALA C 41 21.78 25.00 0.41
CA ALA C 41 23.10 25.48 0.07
C ALA C 41 23.02 26.64 -0.93
N ASN C 42 22.24 26.48 -2.01
CA ASN C 42 22.12 27.54 -3.01
C ASN C 42 21.53 28.81 -2.40
N SER C 43 20.57 28.64 -1.48
CA SER C 43 20.00 29.78 -0.79
C SER C 43 21.08 30.47 0.04
N ILE C 44 21.78 29.71 0.88
CA ILE C 44 22.77 30.31 1.77
C ILE C 44 23.92 30.90 0.96
N VAL C 45 24.34 30.25 -0.13
CA VAL C 45 25.38 30.79 -0.99
C VAL C 45 24.91 32.16 -1.50
N SER C 46 23.67 32.19 -2.00
CA SER C 46 23.10 33.39 -2.62
C SER C 46 23.05 34.54 -1.62
N GLN C 47 22.78 34.21 -0.35
CA GLN C 47 22.69 35.23 0.68
C GLN C 47 24.09 35.78 1.02
N LEU C 48 25.07 34.88 1.12
CA LEU C 48 26.45 35.27 1.38
C LEU C 48 26.97 36.18 0.26
N LEU C 49 26.65 35.84 -0.99
CA LEU C 49 27.15 36.58 -2.15
C LEU C 49 26.55 37.99 -2.13
N PHE C 50 25.26 38.05 -1.79
CA PHE C 50 24.50 39.29 -1.78
C PHE C 50 25.00 40.21 -0.68
N LEU C 51 25.18 39.68 0.54
CA LEU C 51 25.63 40.48 1.67
C LEU C 51 27.02 41.05 1.40
N GLN C 52 27.89 40.27 0.74
CA GLN C 52 29.22 40.75 0.38
C GLN C 52 29.10 41.97 -0.53
N ALA C 53 28.20 41.89 -1.52
CA ALA C 53 28.01 42.94 -2.51
C ALA C 53 27.50 44.22 -1.85
N GLN C 54 26.59 44.07 -0.87
CA GLN C 54 26.06 45.22 -0.16
C GLN C 54 27.15 45.90 0.67
N ASP C 55 28.05 45.09 1.25
CA ASP C 55 29.09 45.61 2.12
C ASP C 55 30.13 44.52 2.36
N SER C 56 31.35 44.75 1.90
CA SER C 56 32.40 43.75 1.93
C SER C 56 33.22 43.84 3.22
N GLU C 57 32.84 44.75 4.13
CA GLU C 57 33.60 45.02 5.34
C GLU C 57 32.92 44.46 6.57
N LYS C 58 31.58 44.55 6.63
CA LYS C 58 30.82 44.22 7.82
C LYS C 58 30.67 42.71 7.98
N ASP C 59 30.79 42.25 9.24
CA ASP C 59 30.59 40.86 9.60
C ASP C 59 29.20 40.39 9.16
N ILE C 60 29.12 39.08 8.86
CA ILE C 60 27.89 38.34 8.63
C ILE C 60 27.69 37.36 9.79
N TYR C 61 26.42 37.06 10.11
CA TYR C 61 26.08 36.11 11.16
C TYR C 61 25.38 34.90 10.56
N LEU C 62 25.93 33.71 10.80
CA LEU C 62 25.33 32.46 10.37
C LEU C 62 24.91 31.67 11.61
N TYR C 63 23.60 31.70 11.87
CA TYR C 63 22.96 30.83 12.85
C TYR C 63 22.98 29.40 12.31
N ILE C 64 23.33 28.44 13.19
CA ILE C 64 23.33 27.04 12.82
C ILE C 64 22.52 26.25 13.85
N ASN C 65 21.36 25.78 13.39
CA ASN C 65 20.59 24.74 14.04
C ASN C 65 20.27 23.68 12.98
N SER C 66 21.18 22.71 12.83
CA SER C 66 21.15 21.81 11.69
C SER C 66 21.68 20.45 12.08
N PRO C 67 21.00 19.34 11.68
CA PRO C 67 21.53 18.00 11.85
C PRO C 67 22.52 17.60 10.75
N GLY C 68 22.82 18.54 9.85
CA GLY C 68 23.79 18.33 8.77
C GLY C 68 23.10 17.86 7.50
N GLY C 69 23.82 17.04 6.72
CA GLY C 69 23.28 16.52 5.47
C GLY C 69 24.36 16.32 4.43
N SER C 70 24.08 16.78 3.20
CA SER C 70 24.94 16.51 2.05
C SER C 70 26.30 17.16 2.21
N VAL C 71 27.37 16.40 2.00
CA VAL C 71 28.72 16.88 2.19
C VAL C 71 29.08 17.91 1.11
N THR C 72 28.71 17.63 -0.16
CA THR C 72 28.99 18.55 -1.25
C THR C 72 28.20 19.85 -1.07
N ALA C 73 26.97 19.74 -0.56
CA ALA C 73 26.17 20.93 -0.28
C ALA C 73 26.81 21.74 0.83
N GLY C 74 27.34 21.02 1.84
CA GLY C 74 28.07 21.65 2.93
C GLY C 74 29.29 22.42 2.43
N PHE C 75 30.03 21.82 1.47
CA PHE C 75 31.25 22.44 0.94
C PHE C 75 30.94 23.64 0.05
N ALA C 76 29.77 23.62 -0.60
CA ALA C 76 29.27 24.79 -1.32
C ALA C 76 29.22 25.99 -0.38
N ILE C 77 28.73 25.78 0.83
CA ILE C 77 28.62 26.85 1.82
C ILE C 77 30.02 27.17 2.35
N TYR C 78 30.77 26.14 2.72
CA TYR C 78 32.11 26.33 3.27
C TYR C 78 32.92 27.22 2.35
N ASP C 79 33.00 26.86 1.06
CA ASP C 79 33.87 27.53 0.11
C ASP C 79 33.42 28.97 -0.08
N THR C 80 32.10 29.19 -0.16
CA THR C 80 31.54 30.52 -0.27
C THR C 80 31.85 31.36 0.99
N ILE C 81 31.78 30.76 2.18
CA ILE C 81 32.18 31.47 3.39
C ILE C 81 33.63 31.93 3.28
N GLN C 82 34.54 31.05 2.85
CA GLN C 82 35.96 31.37 2.90
C GLN C 82 36.31 32.35 1.78
N HIS C 83 35.59 32.28 0.66
CA HIS C 83 35.92 33.07 -0.52
C HIS C 83 35.62 34.55 -0.32
N ILE C 84 34.47 34.87 0.31
CA ILE C 84 34.03 36.25 0.43
C ILE C 84 34.91 37.00 1.44
N LYS C 85 34.94 38.34 1.30
CA LYS C 85 35.75 39.22 2.12
C LYS C 85 35.26 39.21 3.57
N PRO C 86 33.96 39.49 3.86
CA PRO C 86 33.50 39.63 5.24
C PRO C 86 33.78 38.40 6.11
N ASP C 87 34.06 38.66 7.40
CA ASP C 87 34.06 37.63 8.40
C ASP C 87 32.63 37.10 8.54
N VAL C 88 32.48 35.76 8.44
CA VAL C 88 31.22 35.12 8.74
C VAL C 88 31.34 34.49 10.13
N GLN C 89 30.69 35.10 11.13
CA GLN C 89 30.54 34.50 12.45
C GLN C 89 29.63 33.28 12.35
N THR C 90 29.83 32.32 13.26
CA THR C 90 28.95 31.16 13.38
C THR C 90 28.45 31.05 14.81
N ILE C 91 27.12 30.85 14.95
CA ILE C 91 26.46 30.74 16.25
C ILE C 91 25.69 29.44 16.26
N CYS C 92 26.09 28.48 17.10
CA CYS C 92 25.33 27.25 17.24
C CYS C 92 24.24 27.44 18.28
N ILE C 93 22.99 27.26 17.83
CA ILE C 93 21.83 27.29 18.71
C ILE C 93 21.03 26.00 18.45
N GLY C 94 20.71 25.28 19.53
CA GLY C 94 20.05 23.99 19.41
C GLY C 94 21.05 22.85 19.20
N MET C 95 21.35 22.54 17.94
CA MET C 95 22.41 21.58 17.66
C MET C 95 23.06 21.88 16.32
N ALA C 96 24.30 21.37 16.21
CA ALA C 96 25.02 21.25 14.96
C ALA C 96 25.61 19.85 14.93
N ALA C 97 25.15 19.04 13.97
CA ALA C 97 25.69 17.70 13.78
C ALA C 97 26.16 17.53 12.35
N SER C 98 27.05 16.56 12.11
CA SER C 98 27.51 16.24 10.76
C SER C 98 28.11 17.51 10.13
N MET C 99 27.68 17.85 8.89
CA MET C 99 28.22 19.01 8.19
C MET C 99 27.79 20.30 8.87
N GLY C 100 26.82 20.20 9.80
CA GLY C 100 26.39 21.35 10.57
C GLY C 100 27.50 21.82 11.50
N SER C 101 28.10 20.86 12.20
CA SER C 101 29.21 21.15 13.09
C SER C 101 30.47 21.52 12.29
N PHE C 102 30.57 21.02 11.05
CA PHE C 102 31.68 21.36 10.17
C PHE C 102 31.66 22.85 9.84
N LEU C 103 30.47 23.33 9.46
CA LEU C 103 30.29 24.72 9.06
C LEU C 103 30.42 25.64 10.27
N LEU C 104 30.03 25.14 11.47
CA LEU C 104 30.21 25.90 12.69
C LEU C 104 31.70 26.18 12.92
N ALA C 105 32.54 25.17 12.69
CA ALA C 105 33.98 25.29 12.94
C ALA C 105 34.66 26.11 11.84
N ALA C 106 33.98 26.31 10.70
CA ALA C 106 34.52 27.01 9.54
C ALA C 106 34.31 28.52 9.62
N GLY C 107 33.65 28.96 10.69
CA GLY C 107 33.43 30.39 10.86
C GLY C 107 34.76 31.10 10.99
N ALA C 108 34.72 32.43 10.84
CA ALA C 108 35.90 33.28 11.00
C ALA C 108 36.52 33.06 12.37
N LYS C 109 37.86 33.07 12.42
CA LYS C 109 38.62 32.68 13.59
C LYS C 109 38.32 33.70 14.70
N GLY C 110 37.97 33.20 15.90
CA GLY C 110 37.66 34.06 17.02
C GLY C 110 36.19 34.49 17.05
N LYS C 111 35.38 33.96 16.13
CA LYS C 111 34.00 34.39 16.02
C LYS C 111 33.10 33.19 15.75
N ARG C 112 33.45 32.05 16.37
CA ARG C 112 32.62 30.85 16.35
C ARG C 112 32.07 30.65 17.75
N PHE C 113 30.73 30.53 17.84
CA PHE C 113 30.04 30.59 19.11
C PHE C 113 29.02 29.46 19.22
N ALA C 114 28.62 29.17 20.46
CA ALA C 114 27.48 28.33 20.74
C ALA C 114 26.86 28.77 22.06
N LEU C 115 25.53 28.78 22.12
CA LEU C 115 24.86 29.13 23.35
C LEU C 115 24.93 27.93 24.29
N PRO C 116 24.81 28.14 25.62
CA PRO C 116 25.31 27.18 26.60
C PRO C 116 24.84 25.74 26.47
N ASN C 117 23.58 25.56 26.04
CA ASN C 117 22.94 24.26 26.06
C ASN C 117 22.89 23.66 24.66
N ALA C 118 23.47 24.37 23.69
CA ALA C 118 23.53 23.86 22.33
C ALA C 118 24.39 22.61 22.36
N GLU C 119 24.10 21.71 21.40
CA GLU C 119 24.72 20.41 21.31
C GLU C 119 25.48 20.31 19.99
N VAL C 120 26.72 19.85 20.07
CA VAL C 120 27.52 19.67 18.86
C VAL C 120 27.84 18.19 18.73
N MET C 121 27.70 17.65 17.53
CA MET C 121 28.01 16.24 17.29
C MET C 121 28.92 16.11 16.07
N ILE C 122 29.96 15.29 16.23
CA ILE C 122 30.86 14.94 15.14
C ILE C 122 30.87 13.42 14.97
N HIS C 123 31.02 12.98 13.71
CA HIS C 123 30.98 11.57 13.37
C HIS C 123 31.51 11.41 11.96
N GLN C 124 31.57 10.19 11.43
CA GLN C 124 32.11 10.01 10.10
C GLN C 124 30.98 10.17 9.09
N PRO C 125 31.31 10.52 7.82
CA PRO C 125 30.32 10.60 6.76
C PRO C 125 29.65 9.26 6.46
N LEU C 126 28.39 9.36 5.99
CA LEU C 126 27.53 8.22 5.75
C LEU C 126 27.23 8.14 4.25
N GLY C 127 27.12 6.91 3.75
CA GLY C 127 26.82 6.72 2.34
C GLY C 127 26.35 5.30 2.04
N GLY C 128 26.33 4.96 0.76
CA GLY C 128 25.87 3.66 0.32
C GLY C 128 26.36 3.37 -1.09
N ALA C 129 26.33 2.10 -1.46
CA ALA C 129 26.74 1.66 -2.77
C ALA C 129 26.16 0.29 -3.01
N GLN C 130 25.68 0.04 -4.23
CA GLN C 130 25.32 -1.30 -4.62
C GLN C 130 25.71 -1.52 -6.08
N GLY C 131 25.87 -2.79 -6.45
CA GLY C 131 26.30 -3.18 -7.78
C GLY C 131 27.54 -4.07 -7.72
N GLN C 132 28.37 -3.96 -8.75
CA GLN C 132 29.55 -4.81 -8.90
C GLN C 132 30.64 -4.41 -7.89
N ALA C 133 31.49 -5.38 -7.53
CA ALA C 133 32.62 -5.13 -6.63
C ALA C 133 33.38 -3.86 -7.04
N THR C 134 33.55 -3.68 -8.35
CA THR C 134 34.31 -2.56 -8.88
C THR C 134 33.61 -1.23 -8.56
N GLU C 135 32.27 -1.23 -8.64
CA GLU C 135 31.47 -0.06 -8.27
C GLU C 135 31.54 0.16 -6.76
N ILE C 136 31.46 -0.92 -5.97
CA ILE C 136 31.59 -0.80 -4.52
C ILE C 136 32.93 -0.13 -4.21
N GLU C 137 34.01 -0.64 -4.83
CA GLU C 137 35.35 -0.14 -4.57
C GLU C 137 35.41 1.36 -4.87
N ILE C 138 34.87 1.77 -6.03
CA ILE C 138 34.90 3.17 -6.42
C ILE C 138 34.20 4.01 -5.36
N ALA C 139 33.06 3.54 -4.86
CA ALA C 139 32.29 4.32 -3.90
C ALA C 139 33.00 4.32 -2.54
N ALA C 140 33.70 3.23 -2.22
CA ALA C 140 34.43 3.14 -0.97
C ALA C 140 35.55 4.18 -0.93
N ASN C 141 36.33 4.25 -2.02
CA ASN C 141 37.46 5.19 -2.11
C ASN C 141 36.94 6.62 -2.06
N HIS C 142 35.85 6.87 -2.81
CA HIS C 142 35.23 8.18 -2.84
C HIS C 142 34.88 8.67 -1.43
N ILE C 143 34.21 7.84 -0.62
CA ILE C 143 33.79 8.30 0.69
C ILE C 143 34.98 8.28 1.66
N LEU C 144 36.02 7.48 1.37
CA LEU C 144 37.21 7.48 2.21
C LEU C 144 38.02 8.76 1.98
N LYS C 145 38.19 9.15 0.71
CA LYS C 145 38.79 10.43 0.34
C LYS C 145 38.04 11.60 0.96
N THR C 146 36.71 11.58 0.85
CA THR C 146 35.87 12.65 1.37
C THR C 146 36.09 12.83 2.87
N ARG C 147 36.28 11.73 3.59
CA ARG C 147 36.50 11.81 5.03
C ARG C 147 37.86 12.46 5.32
N GLU C 148 38.92 12.04 4.60
CA GLU C 148 40.25 12.60 4.78
C GLU C 148 40.19 14.11 4.59
N LYS C 149 39.41 14.51 3.58
CA LYS C 149 39.25 15.91 3.22
C LYS C 149 38.59 16.64 4.37
N LEU C 150 37.52 16.05 4.92
CA LEU C 150 36.78 16.68 6.00
C LEU C 150 37.67 16.76 7.24
N ASN C 151 38.38 15.67 7.53
CA ASN C 151 39.20 15.57 8.73
C ASN C 151 40.38 16.54 8.65
N ARG C 152 40.96 16.68 7.45
CA ARG C 152 42.08 17.58 7.20
C ARG C 152 41.66 19.00 7.57
N ILE C 153 40.48 19.44 7.11
CA ILE C 153 40.04 20.81 7.38
C ILE C 153 39.69 20.98 8.85
N LEU C 154 39.05 19.98 9.46
CA LEU C 154 38.76 20.05 10.89
C LEU C 154 40.04 20.18 11.71
N SER C 155 41.09 19.47 11.27
CA SER C 155 42.39 19.52 11.92
C SER C 155 42.92 20.96 11.89
N GLU C 156 42.85 21.60 10.71
CA GLU C 156 43.33 22.95 10.52
C GLU C 156 42.51 23.91 11.36
N ARG C 157 41.20 23.66 11.48
CA ARG C 157 40.26 24.61 12.05
C ARG C 157 40.17 24.49 13.57
N THR C 158 40.44 23.29 14.12
CA THR C 158 40.32 23.04 15.55
C THR C 158 41.69 23.05 16.24
N GLY C 159 42.77 22.84 15.49
CA GLY C 159 44.09 22.64 16.08
C GLY C 159 44.34 21.21 16.56
N GLN C 160 43.39 20.28 16.38
CA GLN C 160 43.63 18.89 16.72
C GLN C 160 44.29 18.18 15.55
N SER C 161 44.94 17.06 15.85
CA SER C 161 45.66 16.29 14.85
C SER C 161 44.68 15.46 14.04
N ILE C 162 45.05 15.15 12.81
CA ILE C 162 44.24 14.27 11.98
C ILE C 162 44.06 12.94 12.70
N GLU C 163 45.10 12.50 13.41
CA GLU C 163 45.06 11.22 14.11
C GLU C 163 43.90 11.23 15.10
N LYS C 164 43.79 12.32 15.87
CA LYS C 164 42.81 12.43 16.93
C LYS C 164 41.40 12.61 16.36
N ILE C 165 41.26 13.35 15.26
CA ILE C 165 39.97 13.59 14.61
C ILE C 165 39.43 12.24 14.14
N GLN C 166 40.29 11.41 13.56
CA GLN C 166 39.90 10.11 13.04
C GLN C 166 39.32 9.25 14.16
N LYS C 167 40.00 9.19 15.31
CA LYS C 167 39.52 8.40 16.43
C LYS C 167 38.19 8.92 16.95
N ASP C 168 38.10 10.25 17.12
CA ASP C 168 36.98 10.92 17.78
C ASP C 168 35.75 10.96 16.88
N THR C 169 35.93 10.79 15.57
CA THR C 169 34.83 10.81 14.62
C THR C 169 34.39 9.38 14.25
N ASP C 170 35.04 8.38 14.83
CA ASP C 170 34.82 7.00 14.41
C ASP C 170 33.35 6.60 14.62
N ARG C 171 32.80 7.00 15.77
CA ARG C 171 31.40 6.80 16.07
C ARG C 171 30.82 8.15 16.48
N ASP C 172 29.48 8.22 16.54
CA ASP C 172 28.78 9.42 17.00
C ASP C 172 29.41 9.91 18.29
N ASN C 173 29.70 11.21 18.31
CA ASN C 173 30.39 11.83 19.43
C ASN C 173 29.69 13.14 19.75
N PHE C 174 28.92 13.15 20.84
CA PHE C 174 28.10 14.28 21.21
C PHE C 174 28.86 15.15 22.21
N LEU C 175 28.95 16.45 21.94
CA LEU C 175 29.70 17.37 22.77
C LEU C 175 28.77 18.46 23.31
N THR C 176 29.05 18.92 24.53
CA THR C 176 28.43 20.13 25.04
C THR C 176 29.13 21.34 24.42
N ALA C 177 28.51 22.51 24.58
CA ALA C 177 29.07 23.76 24.08
C ALA C 177 30.45 23.97 24.66
N GLU C 178 30.59 23.74 25.98
CA GLU C 178 31.86 23.95 26.66
C GLU C 178 32.88 22.98 26.07
N GLU C 179 32.46 21.74 25.81
CA GLU C 179 33.32 20.71 25.24
C GLU C 179 33.75 21.06 23.81
N ALA C 180 32.83 21.61 23.00
CA ALA C 180 33.15 22.04 21.65
C ALA C 180 34.21 23.15 21.66
N LYS C 181 34.17 23.98 22.72
CA LYS C 181 35.16 25.03 22.90
C LYS C 181 36.55 24.43 23.17
N GLU C 182 36.67 23.56 24.17
CA GLU C 182 37.98 23.03 24.49
C GLU C 182 38.48 22.16 23.33
N TYR C 183 37.57 21.64 22.51
CA TYR C 183 37.97 20.83 21.36
C TYR C 183 38.52 21.73 20.25
N GLY C 184 38.08 22.99 20.21
CA GLY C 184 38.47 23.91 19.16
C GLY C 184 37.44 24.08 18.05
N LEU C 185 36.24 23.51 18.22
CA LEU C 185 35.20 23.58 17.20
C LEU C 185 34.55 24.97 17.21
N ILE C 186 34.48 25.57 18.40
CA ILE C 186 34.10 26.96 18.58
C ILE C 186 35.20 27.65 19.39
N ASP C 187 35.10 28.98 19.51
CA ASP C 187 36.04 29.80 20.27
C ASP C 187 35.46 30.16 21.63
N GLU C 188 34.15 30.31 21.71
CA GLU C 188 33.53 30.96 22.86
C GLU C 188 32.12 30.44 23.04
N VAL C 189 31.72 30.26 24.31
CA VAL C 189 30.34 30.05 24.68
C VAL C 189 29.71 31.40 24.99
N MET C 190 28.70 31.82 24.22
CA MET C 190 27.99 33.07 24.45
C MET C 190 27.21 33.01 25.76
N VAL C 191 27.56 33.86 26.74
CA VAL C 191 26.87 33.86 28.01
C VAL C 191 25.81 34.95 28.04
N PRO C 192 24.79 34.82 28.93
CA PRO C 192 23.79 35.87 29.15
C PRO C 192 24.41 37.20 29.58
N LEU D 3 10.69 30.01 2.30
CA LEU D 3 11.87 29.18 1.90
C LEU D 3 12.91 30.09 1.24
N ILE D 4 12.46 30.96 0.33
CA ILE D 4 13.33 31.84 -0.42
C ILE D 4 13.26 33.24 0.17
N PRO D 5 14.38 33.83 0.66
CA PRO D 5 14.36 35.17 1.24
C PRO D 5 14.15 36.30 0.24
N THR D 6 13.64 37.43 0.76
CA THR D 6 13.39 38.63 -0.03
C THR D 6 14.38 39.73 0.36
N VAL D 7 14.74 40.55 -0.64
CA VAL D 7 15.79 41.55 -0.53
C VAL D 7 15.28 42.88 -1.09
N ILE D 8 15.46 43.97 -0.32
CA ILE D 8 15.06 45.31 -0.73
C ILE D 8 16.30 46.09 -1.19
N GLU D 9 16.42 46.34 -2.51
CA GLU D 9 17.58 47.02 -3.06
C GLU D 9 17.16 48.35 -3.71
N ALA D 17 11.80 45.29 -4.45
CA ALA D 17 11.73 44.06 -3.63
C ALA D 17 11.88 42.83 -4.53
N TYR D 18 12.95 42.05 -4.31
CA TYR D 18 13.26 40.89 -5.11
C TYR D 18 13.39 39.67 -4.22
N ASP D 19 13.04 38.49 -4.74
CA ASP D 19 13.52 37.25 -4.18
C ASP D 19 15.00 37.17 -4.52
N ILE D 20 15.79 36.50 -3.65
CA ILE D 20 17.24 36.52 -3.73
C ILE D 20 17.71 36.08 -5.12
N TYR D 21 17.06 35.08 -5.72
CA TYR D 21 17.52 34.53 -6.98
C TYR D 21 17.32 35.53 -8.12
N SER D 22 16.18 36.25 -8.10
CA SER D 22 15.88 37.26 -9.09
C SER D 22 16.82 38.45 -8.92
N ARG D 23 17.12 38.80 -7.67
CA ARG D 23 18.10 39.84 -7.36
C ARG D 23 19.46 39.48 -7.97
N LEU D 24 19.82 38.19 -7.95
CA LEU D 24 21.07 37.76 -8.55
C LEU D 24 20.95 37.82 -10.08
N LEU D 25 19.75 37.54 -10.61
CA LEU D 25 19.54 37.54 -12.05
C LEU D 25 19.67 38.96 -12.59
N LYS D 26 19.33 39.97 -11.78
CA LYS D 26 19.48 41.36 -12.20
C LYS D 26 20.95 41.66 -12.47
N ASP D 27 21.87 40.96 -11.78
CA ASP D 27 23.30 41.14 -11.96
C ASP D 27 23.91 40.04 -12.83
N ARG D 28 23.08 39.38 -13.64
CA ARG D 28 23.56 38.48 -14.69
C ARG D 28 24.13 37.19 -14.09
N ILE D 29 23.62 36.80 -12.91
CA ILE D 29 23.96 35.53 -12.30
C ILE D 29 22.76 34.59 -12.41
N ILE D 30 22.97 33.43 -13.05
CA ILE D 30 21.97 32.39 -13.17
C ILE D 30 22.38 31.21 -12.29
N MET D 31 21.43 30.68 -11.51
CA MET D 31 21.71 29.62 -10.56
C MET D 31 21.19 28.30 -11.10
N LEU D 32 22.10 27.38 -11.41
CA LEU D 32 21.74 26.00 -11.68
C LEU D 32 22.03 25.18 -10.42
N GLY D 33 21.01 25.06 -9.54
CA GLY D 33 21.23 24.55 -8.19
C GLY D 33 20.46 23.27 -7.89
N SER D 34 20.10 22.51 -8.93
CA SER D 34 19.22 21.37 -8.78
C SER D 34 19.48 20.35 -9.88
N GLN D 35 18.81 19.21 -9.78
CA GLN D 35 18.73 18.23 -10.85
C GLN D 35 18.28 18.94 -12.13
N ILE D 36 18.85 18.54 -13.27
CA ILE D 36 18.52 19.16 -14.55
C ILE D 36 17.39 18.35 -15.20
N ASP D 37 16.21 18.94 -15.27
CA ASP D 37 15.11 18.40 -16.05
C ASP D 37 14.68 19.47 -17.07
N ASP D 38 13.59 19.17 -17.78
CA ASP D 38 13.05 20.05 -18.81
C ASP D 38 12.65 21.41 -18.23
N ASN D 39 12.05 21.44 -17.02
CA ASN D 39 11.62 22.70 -16.42
C ASN D 39 12.82 23.61 -16.17
N VAL D 40 13.81 23.06 -15.43
CA VAL D 40 15.02 23.80 -15.09
C VAL D 40 15.68 24.30 -16.38
N ALA D 41 15.74 23.44 -17.40
CA ALA D 41 16.33 23.81 -18.68
C ALA D 41 15.58 25.00 -19.28
N ASN D 42 14.24 24.92 -19.35
CA ASN D 42 13.46 26.02 -19.89
C ASN D 42 13.73 27.30 -19.11
N SER D 43 13.75 27.21 -17.77
CA SER D 43 14.01 28.36 -16.94
C SER D 43 15.34 29.02 -17.32
N ILE D 44 16.39 28.20 -17.47
CA ILE D 44 17.73 28.73 -17.65
C ILE D 44 17.91 29.26 -19.07
N VAL D 45 17.31 28.59 -20.06
CA VAL D 45 17.33 29.06 -21.43
C VAL D 45 16.69 30.43 -21.52
N SER D 46 15.54 30.61 -20.84
CA SER D 46 14.83 31.88 -20.82
C SER D 46 15.66 32.98 -20.16
N GLN D 47 16.33 32.64 -19.06
CA GLN D 47 17.16 33.61 -18.34
C GLN D 47 18.36 34.04 -19.19
N LEU D 48 18.99 33.07 -19.86
CA LEU D 48 20.09 33.33 -20.78
C LEU D 48 19.63 34.27 -21.91
N LEU D 49 18.47 33.96 -22.50
CA LEU D 49 17.92 34.70 -23.63
C LEU D 49 17.67 36.15 -23.21
N PHE D 50 17.07 36.32 -22.04
CA PHE D 50 16.70 37.63 -21.52
C PHE D 50 17.95 38.47 -21.26
N LEU D 51 18.98 37.88 -20.64
CA LEU D 51 20.15 38.63 -20.26
C LEU D 51 20.88 39.14 -21.50
N GLN D 52 20.85 38.35 -22.57
CA GLN D 52 21.42 38.76 -23.85
C GLN D 52 20.70 40.01 -24.36
N ALA D 53 19.37 39.92 -24.47
CA ALA D 53 18.55 41.03 -24.92
C ALA D 53 18.86 42.29 -24.11
N GLN D 54 19.01 42.16 -22.79
CA GLN D 54 19.34 43.31 -21.96
C GLN D 54 20.69 43.88 -22.35
N ASP D 55 21.65 43.01 -22.68
CA ASP D 55 23.02 43.44 -22.93
C ASP D 55 23.81 42.30 -23.57
N SER D 56 24.24 42.51 -24.82
CA SER D 56 24.82 41.42 -25.60
C SER D 56 26.35 41.40 -25.48
N GLU D 57 26.92 42.29 -24.66
CA GLU D 57 28.36 42.39 -24.50
C GLU D 57 28.81 41.78 -23.16
N LYS D 58 28.11 42.15 -22.08
CA LYS D 58 28.55 41.84 -20.71
C LYS D 58 28.45 40.35 -20.40
N ASP D 59 29.39 39.86 -19.58
CA ASP D 59 29.47 38.46 -19.20
C ASP D 59 28.24 38.05 -18.37
N ILE D 60 27.88 36.77 -18.49
CA ILE D 60 26.91 36.10 -17.65
C ILE D 60 27.63 35.09 -16.76
N TYR D 61 27.12 34.88 -15.54
CA TYR D 61 27.71 33.94 -14.61
C TYR D 61 26.71 32.83 -14.32
N LEU D 62 27.06 31.59 -14.72
CA LEU D 62 26.23 30.41 -14.46
C LEU D 62 26.85 29.62 -13.33
N TYR D 63 26.26 29.78 -12.14
CA TYR D 63 26.59 28.97 -10.97
C TYR D 63 26.12 27.54 -11.22
N ILE D 64 26.97 26.55 -10.90
CA ILE D 64 26.59 25.15 -11.05
C ILE D 64 26.83 24.39 -9.75
N ASN D 65 25.73 23.97 -9.12
CA ASN D 65 25.74 22.96 -8.07
C ASN D 65 24.65 21.94 -8.39
N SER D 66 25.01 20.89 -9.14
CA SER D 66 24.00 20.05 -9.77
C SER D 66 24.52 18.62 -9.94
N PRO D 67 23.72 17.59 -9.61
CA PRO D 67 24.11 16.21 -9.88
C PRO D 67 23.91 15.81 -11.33
N GLY D 68 23.40 16.75 -12.14
CA GLY D 68 23.15 16.53 -13.56
C GLY D 68 21.70 16.18 -13.80
N GLY D 69 21.44 15.37 -14.83
CA GLY D 69 20.08 14.93 -15.10
C GLY D 69 19.88 14.62 -16.58
N SER D 70 18.78 15.11 -17.14
CA SER D 70 18.42 14.80 -18.52
C SER D 70 19.49 15.31 -19.49
N VAL D 71 19.95 14.45 -20.38
CA VAL D 71 20.90 14.81 -21.42
C VAL D 71 20.32 15.91 -22.31
N THR D 72 19.10 15.68 -22.83
CA THR D 72 18.51 16.61 -23.79
C THR D 72 18.19 17.95 -23.13
N ALA D 73 17.76 17.93 -21.86
CA ALA D 73 17.52 19.17 -21.14
C ALA D 73 18.84 19.92 -20.96
N GLY D 74 19.92 19.15 -20.74
CA GLY D 74 21.25 19.73 -20.62
C GLY D 74 21.71 20.42 -21.91
N PHE D 75 21.43 19.77 -23.04
CA PHE D 75 21.80 20.28 -24.35
C PHE D 75 20.96 21.48 -24.76
N ALA D 76 19.76 21.63 -24.16
CA ALA D 76 18.97 22.83 -24.36
C ALA D 76 19.72 24.02 -23.77
N ILE D 77 20.35 23.80 -22.62
CA ILE D 77 21.13 24.83 -21.94
C ILE D 77 22.41 25.07 -22.75
N TYR D 78 23.06 23.96 -23.13
CA TYR D 78 24.36 24.00 -23.77
C TYR D 78 24.26 24.81 -25.07
N ASP D 79 23.26 24.49 -25.89
CA ASP D 79 23.10 25.12 -27.19
C ASP D 79 22.80 26.61 -26.99
N THR D 80 21.97 26.95 -26.00
CA THR D 80 21.64 28.33 -25.75
C THR D 80 22.89 29.10 -25.34
N ILE D 81 23.73 28.49 -24.48
CA ILE D 81 24.98 29.11 -24.06
C ILE D 81 25.83 29.45 -25.29
N GLN D 82 25.97 28.49 -26.22
CA GLN D 82 26.86 28.69 -27.36
C GLN D 82 26.28 29.74 -28.31
N HIS D 83 24.95 29.81 -28.39
CA HIS D 83 24.25 30.61 -29.37
C HIS D 83 24.37 32.10 -29.06
N ILE D 84 24.16 32.48 -27.80
CA ILE D 84 24.08 33.88 -27.44
C ILE D 84 25.47 34.51 -27.55
N LYS D 85 25.51 35.84 -27.75
CA LYS D 85 26.75 36.58 -27.92
C LYS D 85 27.58 36.52 -26.64
N PRO D 86 27.03 36.89 -25.45
CA PRO D 86 27.83 36.99 -24.24
C PRO D 86 28.64 35.73 -23.92
N ASP D 87 29.79 35.97 -23.28
CA ASP D 87 30.51 34.91 -22.58
C ASP D 87 29.65 34.49 -21.38
N VAL D 88 29.45 33.17 -21.26
CA VAL D 88 28.87 32.58 -20.04
C VAL D 88 30.01 31.95 -19.24
N GLN D 89 30.38 32.61 -18.13
CA GLN D 89 31.28 31.99 -17.17
C GLN D 89 30.52 30.88 -16.47
N THR D 90 31.25 29.83 -16.09
CA THR D 90 30.72 28.77 -15.25
C THR D 90 31.51 28.70 -13.96
N ILE D 91 30.80 28.54 -12.84
CA ILE D 91 31.42 28.48 -11.53
C ILE D 91 30.84 27.30 -10.76
N CYS D 92 31.65 26.24 -10.60
CA CYS D 92 31.24 25.06 -9.87
C CYS D 92 31.42 25.27 -8.38
N ILE D 93 30.32 25.18 -7.64
CA ILE D 93 30.31 25.28 -6.19
C ILE D 93 29.51 24.10 -5.65
N GLY D 94 30.10 23.38 -4.69
CA GLY D 94 29.50 22.14 -4.19
C GLY D 94 29.92 20.93 -5.02
N MET D 95 29.10 20.57 -6.02
CA MET D 95 29.50 19.56 -6.98
C MET D 95 28.91 19.87 -8.35
N ALA D 96 29.51 19.23 -9.36
CA ALA D 96 28.94 19.14 -10.69
C ALA D 96 29.15 17.72 -11.20
N ALA D 97 28.05 17.02 -11.51
CA ALA D 97 28.08 15.63 -11.94
C ALA D 97 27.23 15.47 -13.19
N SER D 98 27.49 14.40 -13.94
CA SER D 98 26.72 14.07 -15.13
C SER D 98 26.71 15.29 -16.06
N MET D 99 25.52 15.74 -16.49
CA MET D 99 25.39 16.88 -17.38
C MET D 99 25.76 18.17 -16.66
N GLY D 100 25.79 18.12 -15.32
CA GLY D 100 26.28 19.24 -14.54
C GLY D 100 27.71 19.58 -14.92
N SER D 101 28.57 18.56 -14.94
CA SER D 101 29.99 18.77 -15.21
C SER D 101 30.22 19.10 -16.69
N PHE D 102 29.38 18.54 -17.58
CA PHE D 102 29.39 18.90 -18.99
C PHE D 102 29.22 20.41 -19.17
N LEU D 103 28.17 20.97 -18.56
CA LEU D 103 27.85 22.39 -18.67
C LEU D 103 28.94 23.25 -18.04
N LEU D 104 29.55 22.76 -16.96
CA LEU D 104 30.69 23.43 -16.38
C LEU D 104 31.78 23.59 -17.44
N ALA D 105 31.99 22.52 -18.23
CA ALA D 105 33.03 22.46 -19.24
C ALA D 105 32.69 23.36 -20.44
N ALA D 106 31.40 23.65 -20.64
CA ALA D 106 30.96 24.36 -21.82
C ALA D 106 31.00 25.87 -21.61
N GLY D 107 31.42 26.33 -20.43
CA GLY D 107 31.57 27.75 -20.18
C GLY D 107 32.58 28.39 -21.14
N ALA D 108 32.55 29.72 -21.22
CA ALA D 108 33.41 30.48 -22.11
C ALA D 108 34.88 30.18 -21.79
N LYS D 109 35.67 30.03 -22.85
CA LYS D 109 37.05 29.57 -22.70
C LYS D 109 37.81 30.59 -21.85
N GLY D 110 38.49 30.08 -20.81
CA GLY D 110 39.24 30.92 -19.88
C GLY D 110 38.40 31.42 -18.70
N LYS D 111 37.10 31.12 -18.71
CA LYS D 111 36.19 31.62 -17.69
C LYS D 111 35.36 30.49 -17.08
N ARG D 112 35.97 29.30 -16.98
CA ARG D 112 35.39 28.19 -16.25
C ARG D 112 36.15 28.01 -14.93
N PHE D 113 35.40 28.02 -13.82
CA PHE D 113 36.02 27.97 -12.51
C PHE D 113 35.34 26.91 -11.65
N ALA D 114 36.05 26.53 -10.58
CA ALA D 114 35.49 25.80 -9.45
C ALA D 114 36.16 26.32 -8.18
N LEU D 115 35.40 26.39 -7.09
CA LEU D 115 35.99 26.72 -5.80
C LEU D 115 36.72 25.49 -5.26
N PRO D 116 37.70 25.67 -4.33
CA PRO D 116 38.71 24.65 -4.04
C PRO D 116 38.20 23.26 -3.66
N ASN D 117 37.11 23.22 -2.90
CA ASN D 117 36.57 21.97 -2.37
C ASN D 117 35.39 21.47 -3.20
N ALA D 118 35.06 22.15 -4.29
CA ALA D 118 34.02 21.66 -5.18
C ALA D 118 34.44 20.32 -5.78
N GLU D 119 33.45 19.48 -6.08
CA GLU D 119 33.67 18.13 -6.56
C GLU D 119 33.10 17.97 -7.97
N VAL D 120 33.87 17.38 -8.88
CA VAL D 120 33.42 17.20 -10.25
C VAL D 120 33.43 15.71 -10.56
N MET D 121 32.34 15.21 -11.13
CA MET D 121 32.25 13.80 -11.46
C MET D 121 31.88 13.65 -12.94
N ILE D 122 32.59 12.76 -13.63
CA ILE D 122 32.28 12.37 -15.00
C ILE D 122 32.04 10.86 -15.02
N HIS D 123 31.11 10.44 -15.88
CA HIS D 123 30.76 9.05 -16.06
C HIS D 123 29.98 8.95 -17.37
N GLN D 124 29.51 7.74 -17.72
CA GLN D 124 28.80 7.58 -18.97
C GLN D 124 27.31 7.77 -18.72
N PRO D 125 26.51 8.07 -19.77
CA PRO D 125 25.06 8.24 -19.63
C PRO D 125 24.33 6.98 -19.17
N LEU D 126 23.22 7.20 -18.44
CA LEU D 126 22.39 6.16 -17.90
C LEU D 126 21.04 6.17 -18.62
N GLY D 127 20.40 5.00 -18.69
CA GLY D 127 19.11 4.88 -19.33
C GLY D 127 18.58 3.46 -19.22
N GLY D 128 17.47 3.21 -19.93
CA GLY D 128 16.77 1.95 -19.80
C GLY D 128 16.00 1.62 -21.06
N ALA D 129 15.74 0.34 -21.27
CA ALA D 129 14.94 -0.12 -22.39
C ALA D 129 14.32 -1.46 -22.05
N GLN D 130 13.01 -1.59 -22.32
CA GLN D 130 12.34 -2.86 -22.18
C GLN D 130 11.40 -3.05 -23.37
N GLY D 131 11.20 -4.31 -23.75
CA GLY D 131 10.37 -4.66 -24.88
C GLY D 131 11.08 -5.66 -25.78
N GLN D 132 10.72 -5.61 -27.06
CA GLN D 132 11.26 -6.52 -28.06
C GLN D 132 12.72 -6.21 -28.32
N ALA D 133 13.46 -7.23 -28.79
CA ALA D 133 14.86 -7.11 -29.12
C ALA D 133 15.12 -5.93 -30.05
N THR D 134 14.22 -5.72 -31.02
CA THR D 134 14.33 -4.62 -31.99
C THR D 134 14.22 -3.28 -31.27
N GLU D 135 13.41 -3.22 -30.21
CA GLU D 135 13.26 -1.99 -29.43
C GLU D 135 14.47 -1.77 -28.52
N ILE D 136 15.05 -2.85 -27.98
CA ILE D 136 16.27 -2.77 -27.18
C ILE D 136 17.39 -2.20 -28.06
N GLU D 137 17.47 -2.72 -29.29
CA GLU D 137 18.50 -2.33 -30.23
C GLU D 137 18.41 -0.83 -30.54
N ILE D 138 17.20 -0.33 -30.73
CA ILE D 138 17.02 1.08 -31.06
C ILE D 138 17.44 1.96 -29.89
N ALA D 139 17.15 1.51 -28.66
CA ALA D 139 17.48 2.27 -27.45
C ALA D 139 18.98 2.16 -27.17
N ALA D 140 19.57 1.01 -27.49
CA ALA D 140 21.01 0.82 -27.36
C ALA D 140 21.76 1.78 -28.28
N ASN D 141 21.42 1.76 -29.59
CA ASN D 141 22.05 2.64 -30.56
C ASN D 141 21.86 4.10 -30.17
N HIS D 142 20.70 4.43 -29.61
CA HIS D 142 20.37 5.81 -29.27
C HIS D 142 21.29 6.30 -28.16
N ILE D 143 21.50 5.49 -27.11
CA ILE D 143 22.26 5.94 -25.96
C ILE D 143 23.75 5.94 -26.31
N LEU D 144 24.19 5.03 -27.18
CA LEU D 144 25.58 4.94 -27.61
C LEU D 144 25.95 6.15 -28.48
N LYS D 145 25.05 6.54 -29.39
CA LYS D 145 25.25 7.74 -30.20
C LYS D 145 25.30 8.97 -29.31
N THR D 146 24.38 9.04 -28.32
CA THR D 146 24.32 10.15 -27.37
C THR D 146 25.62 10.26 -26.58
N ARG D 147 26.25 9.11 -26.28
CA ARG D 147 27.53 9.11 -25.58
C ARG D 147 28.65 9.60 -26.50
N GLU D 148 28.65 9.18 -27.77
CA GLU D 148 29.67 9.64 -28.71
C GLU D 148 29.63 11.16 -28.81
N LYS D 149 28.40 11.72 -28.85
CA LYS D 149 28.15 13.14 -28.99
C LYS D 149 28.69 13.92 -27.79
N LEU D 150 28.38 13.43 -26.58
CA LEU D 150 28.87 14.03 -25.34
C LEU D 150 30.39 13.96 -25.29
N ASN D 151 30.94 12.78 -25.64
CA ASN D 151 32.37 12.53 -25.56
C ASN D 151 33.13 13.40 -26.56
N ARG D 152 32.55 13.60 -27.74
CA ARG D 152 33.20 14.40 -28.78
C ARG D 152 33.35 15.84 -28.29
N ILE D 153 32.29 16.38 -27.68
CA ILE D 153 32.27 17.79 -27.31
C ILE D 153 33.18 18.01 -26.12
N LEU D 154 33.20 17.07 -25.16
CA LEU D 154 34.13 17.12 -24.04
C LEU D 154 35.57 17.15 -24.56
N SER D 155 35.83 16.38 -25.63
CA SER D 155 37.13 16.32 -26.27
C SER D 155 37.55 17.71 -26.78
N GLU D 156 36.64 18.36 -27.51
CA GLU D 156 36.87 19.71 -28.04
C GLU D 156 37.11 20.68 -26.88
N ARG D 157 36.34 20.52 -25.79
CA ARG D 157 36.27 21.47 -24.70
C ARG D 157 37.44 21.32 -23.72
N THR D 158 37.91 20.08 -23.49
CA THR D 158 38.94 19.82 -22.50
C THR D 158 40.33 19.72 -23.16
N GLY D 159 40.36 19.32 -24.43
CA GLY D 159 41.62 19.12 -25.14
C GLY D 159 42.12 17.69 -25.04
N GLN D 160 41.37 16.83 -24.34
CA GLN D 160 41.71 15.41 -24.25
C GLN D 160 41.16 14.71 -25.48
N SER D 161 41.76 13.56 -25.83
CA SER D 161 41.31 12.76 -26.96
C SER D 161 40.02 12.03 -26.59
N ILE D 162 39.22 11.73 -27.62
CA ILE D 162 38.02 10.91 -27.47
C ILE D 162 38.36 9.60 -26.77
N GLU D 163 39.47 8.94 -27.16
CA GLU D 163 39.85 7.64 -26.61
C GLU D 163 40.03 7.74 -25.10
N LYS D 164 40.54 8.88 -24.62
CA LYS D 164 40.84 9.06 -23.21
C LYS D 164 39.57 9.42 -22.41
N ILE D 165 38.67 10.18 -23.04
CA ILE D 165 37.38 10.51 -22.44
C ILE D 165 36.57 9.23 -22.24
N GLN D 166 36.65 8.30 -23.19
CA GLN D 166 35.88 7.07 -23.07
C GLN D 166 36.41 6.24 -21.89
N LYS D 167 37.73 6.05 -21.81
CA LYS D 167 38.31 5.27 -20.73
C LYS D 167 37.93 5.88 -19.37
N ASP D 168 37.95 7.21 -19.29
CA ASP D 168 37.85 7.92 -18.04
C ASP D 168 36.39 8.10 -17.59
N THR D 169 35.44 7.83 -18.48
CA THR D 169 34.02 7.97 -18.18
C THR D 169 33.35 6.59 -18.11
N ASP D 170 34.15 5.52 -18.25
CA ASP D 170 33.61 4.17 -18.30
C ASP D 170 32.91 3.83 -16.98
N ARG D 171 33.48 4.29 -15.86
CA ARG D 171 32.85 4.14 -14.56
C ARG D 171 32.85 5.51 -13.89
N ASP D 172 32.21 5.62 -12.73
CA ASP D 172 32.17 6.89 -12.01
C ASP D 172 33.61 7.32 -11.74
N ASN D 173 33.90 8.60 -12.02
CA ASN D 173 35.23 9.17 -11.85
C ASN D 173 35.08 10.54 -11.17
N PHE D 174 35.48 10.60 -9.90
CA PHE D 174 35.41 11.82 -9.11
C PHE D 174 36.73 12.57 -9.18
N LEU D 175 36.66 13.90 -9.42
CA LEU D 175 37.82 14.76 -9.55
C LEU D 175 37.74 15.90 -8.52
N THR D 176 38.89 16.25 -7.93
CA THR D 176 39.00 17.48 -7.16
C THR D 176 39.00 18.68 -8.10
N ALA D 177 38.86 19.89 -7.53
CA ALA D 177 38.85 21.11 -8.33
C ALA D 177 40.15 21.23 -9.11
N GLU D 178 41.27 20.94 -8.43
CA GLU D 178 42.58 20.99 -9.02
C GLU D 178 42.65 19.97 -10.17
N GLU D 179 42.24 18.72 -9.91
CA GLU D 179 42.24 17.68 -10.93
C GLU D 179 41.37 18.06 -12.13
N ALA D 180 40.27 18.78 -11.90
CA ALA D 180 39.39 19.19 -12.99
C ALA D 180 40.13 20.16 -13.92
N LYS D 181 40.98 20.99 -13.32
CA LYS D 181 41.75 21.99 -14.05
C LYS D 181 42.75 21.30 -14.98
N GLU D 182 43.49 20.32 -14.45
CA GLU D 182 44.52 19.67 -15.25
C GLU D 182 43.88 18.73 -16.27
N TYR D 183 42.59 18.43 -16.09
CA TYR D 183 41.86 17.61 -17.06
C TYR D 183 41.36 18.49 -18.21
N GLY D 184 41.19 19.79 -17.95
CA GLY D 184 40.69 20.73 -18.93
C GLY D 184 39.17 20.96 -18.83
N LEU D 185 38.55 20.42 -17.76
CA LEU D 185 37.13 20.64 -17.50
C LEU D 185 36.90 22.09 -17.05
N ILE D 186 37.84 22.66 -16.29
CA ILE D 186 37.81 24.07 -15.93
C ILE D 186 39.17 24.70 -16.23
N ASP D 187 39.25 26.03 -16.16
CA ASP D 187 40.48 26.75 -16.46
C ASP D 187 41.21 27.17 -15.19
N GLU D 188 40.46 27.44 -14.11
CA GLU D 188 41.05 28.01 -12.91
C GLU D 188 40.29 27.52 -11.68
N VAL D 189 41.02 27.40 -10.57
CA VAL D 189 40.43 27.22 -9.24
C VAL D 189 40.34 28.59 -8.59
N MET D 190 39.13 29.05 -8.24
CA MET D 190 38.96 30.37 -7.67
C MET D 190 39.48 30.39 -6.25
N VAL D 191 40.46 31.26 -5.98
CA VAL D 191 41.11 31.27 -4.67
C VAL D 191 40.60 32.46 -3.87
N PRO D 192 40.50 32.31 -2.52
CA PRO D 192 39.93 33.34 -1.66
C PRO D 192 40.42 34.77 -1.88
N GLU D 193 39.48 35.71 -1.84
CA GLU D 193 39.78 37.13 -1.77
C GLU D 193 40.25 37.48 -0.34
N ILE E 4 10.67 30.02 -10.57
CA ILE E 4 10.46 30.96 -11.72
C ILE E 4 10.92 32.36 -11.32
N PRO E 5 12.01 32.89 -11.92
CA PRO E 5 12.55 34.18 -11.51
C PRO E 5 11.70 35.38 -11.97
N THR E 6 11.94 36.53 -11.31
CA THR E 6 11.26 37.78 -11.61
C THR E 6 12.24 38.73 -12.30
N VAL E 7 11.69 39.59 -13.17
CA VAL E 7 12.45 40.56 -13.95
C VAL E 7 11.67 41.88 -13.95
N ILE E 8 12.30 42.98 -13.50
CA ILE E 8 11.61 44.25 -13.29
C ILE E 8 11.56 45.04 -14.60
N ALA E 17 7.21 44.66 -13.36
CA ALA E 17 7.60 43.33 -12.83
C ALA E 17 6.86 42.22 -13.58
N TYR E 18 7.62 41.21 -14.00
CA TYR E 18 7.11 40.09 -14.76
C TYR E 18 7.75 38.83 -14.21
N ASP E 19 7.06 37.68 -14.31
CA ASP E 19 7.77 36.40 -14.29
C ASP E 19 8.46 36.27 -15.64
N ILE E 20 9.55 35.49 -15.69
CA ILE E 20 10.39 35.41 -16.88
C ILE E 20 9.54 35.09 -18.10
N TYR E 21 8.63 34.11 -17.97
CA TYR E 21 7.90 33.56 -19.10
C TYR E 21 6.88 34.57 -19.63
N SER E 22 6.24 35.32 -18.73
CA SER E 22 5.37 36.43 -19.14
C SER E 22 6.18 37.45 -19.93
N ARG E 23 7.39 37.74 -19.45
CA ARG E 23 8.28 38.72 -20.06
C ARG E 23 8.62 38.29 -21.48
N LEU E 24 8.81 36.99 -21.69
CA LEU E 24 9.07 36.46 -23.03
C LEU E 24 7.81 36.55 -23.90
N LEU E 25 6.65 36.40 -23.26
CA LEU E 25 5.38 36.47 -23.97
C LEU E 25 5.15 37.89 -24.49
N LYS E 26 5.63 38.90 -23.76
CA LYS E 26 5.44 40.29 -24.18
C LYS E 26 6.19 40.55 -25.48
N ASP E 27 7.23 39.77 -25.79
CA ASP E 27 7.98 39.88 -27.04
C ASP E 27 7.57 38.76 -28.01
N ARG E 28 6.38 38.20 -27.80
CA ARG E 28 5.73 37.28 -28.74
C ARG E 28 6.48 35.95 -28.77
N ILE E 29 7.03 35.54 -27.62
CA ILE E 29 7.63 34.22 -27.47
C ILE E 29 6.72 33.34 -26.62
N ILE E 30 6.37 32.17 -27.15
CA ILE E 30 5.59 31.18 -26.44
C ILE E 30 6.49 30.01 -26.10
N MET E 31 6.45 29.56 -24.84
CA MET E 31 7.27 28.45 -24.40
C MET E 31 6.41 27.18 -24.27
N LEU E 32 6.63 26.22 -25.18
CA LEU E 32 6.11 24.87 -25.03
C LEU E 32 7.23 23.99 -24.50
N GLY E 33 7.33 23.90 -23.17
CA GLY E 33 8.48 23.28 -22.52
C GLY E 33 8.12 22.08 -21.64
N SER E 34 7.01 21.40 -21.95
CA SER E 34 6.54 20.30 -21.12
C SER E 34 5.77 19.27 -21.93
N GLN E 35 5.26 18.24 -21.25
CA GLN E 35 4.36 17.29 -21.84
C GLN E 35 3.12 18.04 -22.34
N ILE E 36 2.55 17.59 -23.47
CA ILE E 36 1.38 18.23 -24.04
C ILE E 36 0.13 17.52 -23.54
N ASP E 37 -0.59 18.19 -22.64
CA ASP E 37 -1.91 17.77 -22.20
C ASP E 37 -2.88 18.91 -22.53
N ASP E 38 -4.14 18.77 -22.08
CA ASP E 38 -5.20 19.71 -22.44
C ASP E 38 -4.96 21.08 -21.80
N ASN E 39 -4.33 21.13 -20.62
CA ASN E 39 -4.00 22.41 -20.00
C ASN E 39 -2.97 23.17 -20.84
N VAL E 40 -1.89 22.47 -21.20
CA VAL E 40 -0.80 23.06 -21.95
C VAL E 40 -1.34 23.59 -23.27
N ALA E 41 -2.15 22.76 -23.94
CA ALA E 41 -2.83 23.17 -25.16
C ALA E 41 -3.66 24.43 -24.94
N ASN E 42 -4.55 24.46 -23.95
CA ASN E 42 -5.43 25.61 -23.78
C ASN E 42 -4.60 26.86 -23.50
N SER E 43 -3.50 26.70 -22.75
CA SER E 43 -2.60 27.80 -22.45
C SER E 43 -2.02 28.37 -23.74
N ILE E 44 -1.42 27.49 -24.55
CA ILE E 44 -0.73 27.92 -25.75
C ILE E 44 -1.72 28.51 -26.76
N VAL E 45 -2.88 27.86 -26.93
CA VAL E 45 -3.92 28.37 -27.81
C VAL E 45 -4.28 29.79 -27.37
N SER E 46 -4.40 30.02 -26.06
CA SER E 46 -4.82 31.32 -25.53
C SER E 46 -3.78 32.38 -25.86
N GLN E 47 -2.51 32.03 -25.65
CA GLN E 47 -1.40 32.94 -25.93
C GLN E 47 -1.39 33.32 -27.41
N LEU E 48 -1.50 32.32 -28.29
CA LEU E 48 -1.52 32.52 -29.73
C LEU E 48 -2.62 33.52 -30.12
N LEU E 49 -3.79 33.37 -29.48
CA LEU E 49 -4.96 34.16 -29.80
C LEU E 49 -4.75 35.61 -29.38
N PHE E 50 -4.14 35.78 -28.21
CA PHE E 50 -3.88 37.09 -27.65
C PHE E 50 -2.85 37.83 -28.51
N LEU E 51 -1.81 37.10 -28.94
CA LEU E 51 -0.69 37.70 -29.68
C LEU E 51 -1.17 38.19 -31.04
N GLN E 52 -2.04 37.41 -31.68
CA GLN E 52 -2.65 37.86 -32.92
C GLN E 52 -3.42 39.16 -32.67
N ALA E 53 -4.25 39.18 -31.62
CA ALA E 53 -5.08 40.34 -31.34
C ALA E 53 -4.22 41.59 -31.16
N GLN E 54 -3.07 41.44 -30.51
CA GLN E 54 -2.17 42.56 -30.27
C GLN E 54 -1.55 43.07 -31.58
N ASP E 55 -1.25 42.15 -32.51
CA ASP E 55 -0.56 42.50 -33.74
C ASP E 55 -0.62 41.28 -34.68
N SER E 56 -1.42 41.40 -35.74
CA SER E 56 -1.70 40.29 -36.62
C SER E 56 -0.63 40.16 -37.72
N GLU E 57 0.43 40.99 -37.66
CA GLU E 57 1.46 41.03 -38.69
C GLU E 57 2.77 40.44 -38.17
N LYS E 58 3.18 40.87 -36.98
CA LYS E 58 4.47 40.52 -36.39
C LYS E 58 4.53 39.02 -36.08
N ASP E 59 5.69 38.42 -36.33
CA ASP E 59 5.89 36.99 -36.16
C ASP E 59 5.74 36.62 -34.68
N ILE E 60 5.43 35.34 -34.44
CA ILE E 60 5.41 34.74 -33.11
C ILE E 60 6.47 33.62 -33.08
N TYR E 61 7.09 33.43 -31.91
CA TYR E 61 8.13 32.43 -31.74
C TYR E 61 7.63 31.36 -30.78
N LEU E 62 7.55 30.11 -31.27
CA LEU E 62 7.19 28.97 -30.44
C LEU E 62 8.43 28.15 -30.15
N TYR E 63 8.94 28.25 -28.92
CA TYR E 63 10.02 27.41 -28.43
C TYR E 63 9.46 26.04 -28.09
N ILE E 64 10.17 24.99 -28.50
CA ILE E 64 9.69 23.63 -28.31
C ILE E 64 10.78 22.80 -27.65
N ASN E 65 10.56 22.48 -26.36
CA ASN E 65 11.27 21.44 -25.65
C ASN E 65 10.24 20.52 -24.99
N SER E 66 9.87 19.44 -25.68
CA SER E 66 8.69 18.67 -25.31
C SER E 66 8.81 17.23 -25.79
N PRO E 67 8.48 16.23 -24.92
CA PRO E 67 8.41 14.83 -25.32
C PRO E 67 7.10 14.47 -26.03
N GLY E 68 6.20 15.45 -26.15
CA GLY E 68 4.94 15.26 -26.82
C GLY E 68 3.82 15.03 -25.81
N GLY E 69 2.76 14.31 -26.24
CA GLY E 69 1.63 14.05 -25.38
C GLY E 69 0.35 13.76 -26.17
N SER E 70 -0.77 14.32 -25.69
CA SER E 70 -2.09 14.09 -26.29
C SER E 70 -2.12 14.58 -27.73
N VAL E 71 -2.58 13.72 -28.65
CA VAL E 71 -2.69 14.05 -30.06
C VAL E 71 -3.75 15.13 -30.27
N THR E 72 -4.90 15.00 -29.61
CA THR E 72 -5.97 15.98 -29.76
C THR E 72 -5.52 17.34 -29.20
N ALA E 73 -4.80 17.32 -28.08
CA ALA E 73 -4.30 18.56 -27.51
C ALA E 73 -3.31 19.19 -28.48
N GLY E 74 -2.47 18.34 -29.08
CA GLY E 74 -1.53 18.79 -30.10
C GLY E 74 -2.24 19.47 -31.26
N PHE E 75 -3.33 18.86 -31.75
CA PHE E 75 -4.07 19.38 -32.88
C PHE E 75 -4.81 20.66 -32.49
N ALA E 76 -5.12 20.86 -31.21
CA ALA E 76 -5.68 22.12 -30.77
C ALA E 76 -4.69 23.24 -31.05
N ILE E 77 -3.42 22.99 -30.71
CA ILE E 77 -2.36 23.96 -30.94
C ILE E 77 -2.19 24.11 -32.45
N TYR E 78 -2.03 22.98 -33.15
CA TYR E 78 -1.72 22.96 -34.57
C TYR E 78 -2.73 23.78 -35.37
N ASP E 79 -4.02 23.56 -35.11
CA ASP E 79 -5.07 24.23 -35.85
C ASP E 79 -5.08 25.72 -35.50
N THR E 80 -4.71 26.08 -34.27
CA THR E 80 -4.68 27.49 -33.90
C THR E 80 -3.54 28.19 -34.65
N ILE E 81 -2.41 27.50 -34.79
CA ILE E 81 -1.26 28.04 -35.49
C ILE E 81 -1.67 28.36 -36.94
N GLN E 82 -2.32 27.41 -37.61
CA GLN E 82 -2.66 27.55 -39.02
C GLN E 82 -3.76 28.61 -39.21
N HIS E 83 -4.58 28.86 -38.17
CA HIS E 83 -5.72 29.73 -38.29
C HIS E 83 -5.31 31.20 -38.22
N ILE E 84 -4.45 31.56 -37.26
CA ILE E 84 -4.13 32.96 -37.01
C ILE E 84 -3.34 33.53 -38.19
N LYS E 85 -3.41 34.85 -38.36
CA LYS E 85 -2.73 35.57 -39.43
C LYS E 85 -1.21 35.41 -39.29
N PRO E 86 -0.62 35.75 -38.12
CA PRO E 86 0.85 35.78 -37.98
C PRO E 86 1.53 34.45 -38.31
N ASP E 87 2.73 34.57 -38.88
CA ASP E 87 3.65 33.44 -38.97
C ASP E 87 4.03 33.02 -37.57
N VAL E 88 4.02 31.70 -37.32
CA VAL E 88 4.53 31.16 -36.06
C VAL E 88 5.83 30.41 -36.36
N GLN E 89 6.95 30.97 -35.89
CA GLN E 89 8.22 30.28 -36.00
C GLN E 89 8.26 29.20 -34.93
N THR E 90 8.87 28.05 -35.26
CA THR E 90 9.13 27.01 -34.30
C THR E 90 10.64 26.80 -34.16
N ILE E 91 11.10 26.72 -32.91
CA ILE E 91 12.51 26.55 -32.61
C ILE E 91 12.65 25.42 -31.60
N CYS E 92 13.15 24.26 -32.06
CA CYS E 92 13.36 23.13 -31.19
C CYS E 92 14.66 23.32 -30.40
N ILE E 93 14.55 23.24 -29.07
CA ILE E 93 15.71 23.34 -28.20
C ILE E 93 15.61 22.26 -27.13
N GLY E 94 16.61 21.38 -27.09
CA GLY E 94 16.58 20.20 -26.24
C GLY E 94 16.09 18.98 -27.00
N MET E 95 14.77 18.76 -27.01
CA MET E 95 14.19 17.73 -27.85
C MET E 95 12.76 18.07 -28.22
N ALA E 96 12.29 17.38 -29.27
CA ALA E 96 10.89 17.34 -29.64
C ALA E 96 10.56 15.90 -30.04
N ALA E 97 9.65 15.26 -29.31
CA ALA E 97 9.16 13.94 -29.67
C ALA E 97 7.64 13.97 -29.84
N SER E 98 7.11 12.91 -30.46
CA SER E 98 5.67 12.72 -30.59
C SER E 98 5.05 13.98 -31.21
N MET E 99 4.05 14.56 -30.54
CA MET E 99 3.33 15.72 -31.05
C MET E 99 4.18 16.98 -30.91
N GLY E 100 5.27 16.89 -30.14
CA GLY E 100 6.25 17.96 -30.12
C GLY E 100 6.87 18.16 -31.50
N SER E 101 7.39 17.07 -32.06
CA SER E 101 8.05 17.12 -33.36
C SER E 101 7.05 17.40 -34.47
N PHE E 102 5.77 17.03 -34.24
CA PHE E 102 4.69 17.37 -35.15
C PHE E 102 4.52 18.89 -35.21
N LEU E 103 4.46 19.52 -34.03
CA LEU E 103 4.23 20.95 -33.95
C LEU E 103 5.46 21.72 -34.46
N LEU E 104 6.65 21.13 -34.30
CA LEU E 104 7.87 21.73 -34.83
C LEU E 104 7.74 21.90 -36.34
N ALA E 105 7.32 20.82 -37.02
CA ALA E 105 7.08 20.80 -38.45
C ALA E 105 5.97 21.77 -38.87
N ALA E 106 5.05 22.08 -37.95
CA ALA E 106 3.84 22.83 -38.28
C ALA E 106 4.11 24.34 -38.36
N GLY E 107 5.31 24.75 -37.94
CA GLY E 107 5.69 26.16 -38.00
C GLY E 107 5.69 26.69 -39.43
N ALA E 108 5.69 28.03 -39.55
CA ALA E 108 5.64 28.73 -40.82
C ALA E 108 6.77 28.25 -41.73
N LYS E 109 6.45 28.06 -43.02
CA LYS E 109 7.39 27.48 -43.96
C LYS E 109 8.59 28.43 -44.08
N GLY E 110 9.79 27.86 -43.99
CA GLY E 110 11.01 28.65 -43.98
C GLY E 110 11.37 29.22 -42.61
N LYS E 111 10.55 29.00 -41.58
CA LYS E 111 10.87 29.52 -40.26
C LYS E 111 10.75 28.43 -39.20
N ARG E 112 11.18 27.20 -39.54
CA ARG E 112 11.26 26.10 -38.60
C ARG E 112 12.73 25.78 -38.36
N PHE E 113 13.13 25.88 -37.09
CA PHE E 113 14.53 25.78 -36.69
C PHE E 113 14.71 24.77 -35.57
N ALA E 114 15.94 24.26 -35.46
CA ALA E 114 16.45 23.57 -34.28
C ALA E 114 17.87 24.06 -34.01
N LEU E 115 18.27 24.10 -32.74
CA LEU E 115 19.66 24.36 -32.41
C LEU E 115 20.44 23.08 -32.63
N PRO E 116 21.80 23.13 -32.74
CA PRO E 116 22.58 22.04 -33.34
C PRO E 116 22.48 20.69 -32.63
N ASN E 117 22.41 20.71 -31.30
CA ASN E 117 22.45 19.49 -30.51
C ASN E 117 21.04 19.06 -30.07
N ALA E 118 20.01 19.80 -30.50
CA ALA E 118 18.63 19.39 -30.27
C ALA E 118 18.35 18.07 -30.96
N GLU E 119 17.44 17.30 -30.34
CA GLU E 119 17.07 15.96 -30.79
C GLU E 119 15.59 15.97 -31.22
N VAL E 120 15.30 15.35 -32.36
CA VAL E 120 13.94 15.25 -32.88
C VAL E 120 13.60 13.78 -33.03
N MET E 121 12.44 13.35 -32.52
CA MET E 121 12.05 11.95 -32.60
C MET E 121 10.66 11.85 -33.22
N ILE E 122 10.51 10.91 -34.14
CA ILE E 122 9.21 10.60 -34.72
C ILE E 122 8.92 9.13 -34.49
N HIS E 123 7.63 8.80 -34.30
CA HIS E 123 7.14 7.44 -34.11
C HIS E 123 5.63 7.46 -34.31
N GLN E 124 5.02 6.27 -34.32
CA GLN E 124 3.57 6.18 -34.48
C GLN E 124 2.90 6.50 -33.14
N PRO E 125 1.61 6.92 -33.16
CA PRO E 125 0.87 7.22 -31.93
C PRO E 125 0.62 5.99 -31.07
N LEU E 126 0.47 6.24 -29.77
CA LEU E 126 0.30 5.19 -28.78
C LEU E 126 -1.13 5.28 -28.23
N GLY E 127 -1.68 4.13 -27.82
CA GLY E 127 -3.01 4.11 -27.22
C GLY E 127 -3.32 2.77 -26.54
N GLY E 128 -4.60 2.60 -26.21
CA GLY E 128 -5.06 1.42 -25.51
C GLY E 128 -6.52 1.13 -25.82
N ALA E 129 -6.97 -0.08 -25.46
CA ALA E 129 -8.35 -0.51 -25.69
C ALA E 129 -8.58 -1.82 -24.95
N GLN E 130 -9.64 -1.87 -24.14
CA GLN E 130 -10.07 -3.11 -23.52
C GLN E 130 -11.59 -3.22 -23.60
N GLY E 131 -12.07 -4.46 -23.49
CA GLY E 131 -13.49 -4.76 -23.53
C GLY E 131 -13.83 -5.77 -24.61
N GLN E 132 -15.02 -5.60 -25.21
CA GLN E 132 -15.53 -6.51 -26.19
C GLN E 132 -14.75 -6.35 -27.50
N ALA E 133 -14.68 -7.44 -28.28
CA ALA E 133 -14.02 -7.45 -29.58
C ALA E 133 -14.43 -6.24 -30.42
N THR E 134 -15.72 -5.91 -30.40
CA THR E 134 -16.30 -4.78 -31.12
C THR E 134 -15.69 -3.46 -30.63
N GLU E 135 -15.40 -3.38 -29.33
CA GLU E 135 -14.85 -2.16 -28.75
C GLU E 135 -13.37 -2.06 -29.08
N ILE E 136 -12.68 -3.21 -29.14
CA ILE E 136 -11.28 -3.23 -29.55
C ILE E 136 -11.18 -2.71 -30.98
N GLU E 137 -12.13 -3.16 -31.82
CA GLU E 137 -12.18 -2.80 -33.23
C GLU E 137 -12.38 -1.29 -33.39
N ILE E 138 -13.35 -0.71 -32.66
CA ILE E 138 -13.63 0.72 -32.75
C ILE E 138 -12.40 1.52 -32.36
N ALA E 139 -11.70 1.11 -31.29
CA ALA E 139 -10.52 1.83 -30.81
C ALA E 139 -9.37 1.68 -31.81
N ALA E 140 -9.24 0.51 -32.43
CA ALA E 140 -8.19 0.26 -33.41
C ALA E 140 -8.38 1.16 -34.63
N ASN E 141 -9.62 1.22 -35.16
CA ASN E 141 -9.91 2.05 -36.34
C ASN E 141 -9.68 3.52 -36.00
N HIS E 142 -10.03 3.92 -34.77
CA HIS E 142 -9.80 5.27 -34.29
C HIS E 142 -8.32 5.65 -34.37
N ILE E 143 -7.46 4.84 -33.75
CA ILE E 143 -6.05 5.16 -33.61
C ILE E 143 -5.37 5.01 -34.97
N LEU E 144 -5.87 4.10 -35.83
CA LEU E 144 -5.34 3.96 -37.18
C LEU E 144 -5.72 5.18 -38.03
N LYS E 145 -6.98 5.62 -37.93
CA LYS E 145 -7.41 6.85 -38.58
C LYS E 145 -6.60 8.05 -38.07
N THR E 146 -6.33 8.09 -36.76
CA THR E 146 -5.58 9.18 -36.19
C THR E 146 -4.16 9.19 -36.77
N ARG E 147 -3.61 7.99 -37.05
CA ARG E 147 -2.27 7.90 -37.61
C ARG E 147 -2.26 8.37 -39.06
N GLU E 148 -3.24 7.93 -39.85
CA GLU E 148 -3.42 8.39 -41.23
C GLU E 148 -3.48 9.91 -41.27
N LYS E 149 -4.21 10.52 -40.34
CA LYS E 149 -4.38 11.96 -40.28
C LYS E 149 -3.03 12.63 -40.04
N LEU E 150 -2.24 12.09 -39.10
CA LEU E 150 -0.97 12.69 -38.71
C LEU E 150 0.06 12.59 -39.83
N ASN E 151 0.05 11.43 -40.50
CA ASN E 151 1.00 11.12 -41.55
C ASN E 151 0.73 11.96 -42.78
N ARG E 152 -0.56 12.24 -43.04
CA ARG E 152 -0.94 13.03 -44.20
C ARG E 152 -0.43 14.47 -44.03
N ILE E 153 -0.63 15.04 -42.83
CA ILE E 153 -0.21 16.41 -42.58
C ILE E 153 1.32 16.52 -42.54
N LEU E 154 2.01 15.50 -42.00
CA LEU E 154 3.48 15.48 -42.01
C LEU E 154 3.99 15.44 -43.45
N SER E 155 3.30 14.70 -44.31
CA SER E 155 3.64 14.57 -45.71
C SER E 155 3.60 15.92 -46.41
N GLU E 156 2.54 16.70 -46.15
CA GLU E 156 2.36 18.01 -46.76
C GLU E 156 3.39 19.00 -46.20
N ARG E 157 3.80 18.77 -44.95
CA ARG E 157 4.65 19.69 -44.21
C ARG E 157 6.13 19.44 -44.46
N THR E 158 6.50 18.18 -44.72
CA THR E 158 7.89 17.78 -44.85
C THR E 158 8.27 17.59 -46.31
N GLY E 159 7.30 17.21 -47.15
CA GLY E 159 7.55 16.90 -48.54
C GLY E 159 7.75 15.40 -48.77
N GLN E 160 7.77 14.63 -47.67
CA GLN E 160 7.93 13.19 -47.75
C GLN E 160 6.57 12.58 -48.04
N SER E 161 6.55 11.39 -48.66
CA SER E 161 5.30 10.73 -49.02
C SER E 161 4.74 10.00 -47.79
N ILE E 162 3.44 9.70 -47.84
CA ILE E 162 2.75 8.99 -46.78
C ILE E 162 3.41 7.63 -46.56
N GLU E 163 3.76 6.94 -47.66
CA GLU E 163 4.37 5.60 -47.59
C GLU E 163 5.64 5.67 -46.75
N LYS E 164 6.48 6.67 -47.04
CA LYS E 164 7.76 6.81 -46.36
C LYS E 164 7.53 7.15 -44.90
N ILE E 165 6.62 8.08 -44.60
CA ILE E 165 6.34 8.50 -43.22
C ILE E 165 5.94 7.27 -42.40
N GLN E 166 5.10 6.40 -42.99
CA GLN E 166 4.69 5.16 -42.34
C GLN E 166 5.90 4.36 -41.90
N LYS E 167 6.83 4.06 -42.83
CA LYS E 167 7.99 3.22 -42.53
C LYS E 167 8.88 3.87 -41.48
N ASP E 168 9.10 5.18 -41.61
CA ASP E 168 10.08 5.87 -40.77
C ASP E 168 9.50 6.09 -39.36
N THR E 169 8.18 5.94 -39.19
CA THR E 169 7.55 6.11 -37.87
C THR E 169 7.12 4.76 -37.28
N ASP E 170 7.39 3.64 -37.96
CA ASP E 170 6.94 2.34 -37.50
C ASP E 170 7.49 2.03 -36.10
N ARG E 171 8.74 2.43 -35.86
CA ARG E 171 9.38 2.27 -34.56
C ARG E 171 10.05 3.59 -34.20
N ASP E 172 10.50 3.73 -32.95
CA ASP E 172 11.12 4.97 -32.51
C ASP E 172 12.26 5.34 -33.45
N ASN E 173 12.29 6.61 -33.88
CA ASN E 173 13.22 7.11 -34.88
C ASN E 173 13.83 8.43 -34.40
N PHE E 174 15.08 8.36 -33.90
CA PHE E 174 15.78 9.52 -33.37
C PHE E 174 16.56 10.21 -34.49
N LEU E 175 16.41 11.55 -34.54
CA LEU E 175 17.03 12.38 -35.57
C LEU E 175 17.88 13.48 -34.93
N THR E 176 19.05 13.71 -35.52
CA THR E 176 19.84 14.91 -35.25
C THR E 176 19.15 16.10 -35.90
N ALA E 177 19.54 17.31 -35.48
CA ALA E 177 18.99 18.54 -36.02
C ALA E 177 19.20 18.56 -37.53
N GLU E 178 20.42 18.16 -37.95
CA GLU E 178 20.80 18.20 -39.35
C GLU E 178 19.93 17.22 -40.14
N GLU E 179 19.67 16.04 -39.55
CA GLU E 179 18.87 15.01 -40.19
C GLU E 179 17.41 15.45 -40.28
N ALA E 180 16.95 16.19 -39.26
CA ALA E 180 15.61 16.75 -39.25
C ALA E 180 15.45 17.76 -40.38
N LYS E 181 16.51 18.52 -40.67
CA LYS E 181 16.51 19.45 -41.79
C LYS E 181 16.37 18.70 -43.11
N GLU E 182 17.18 17.64 -43.28
CA GLU E 182 17.13 16.79 -44.45
C GLU E 182 15.73 16.20 -44.62
N TYR E 183 15.09 15.85 -43.49
CA TYR E 183 13.82 15.14 -43.51
C TYR E 183 12.70 16.10 -43.93
N GLY E 184 12.87 17.39 -43.64
CA GLY E 184 11.88 18.40 -43.95
C GLY E 184 11.08 18.82 -42.73
N LEU E 185 11.46 18.32 -41.53
CA LEU E 185 10.77 18.68 -40.31
C LEU E 185 11.11 20.12 -39.91
N ILE E 186 12.35 20.54 -40.22
CA ILE E 186 12.78 21.92 -40.04
C ILE E 186 13.41 22.42 -41.34
N ASP E 187 13.66 23.74 -41.41
CA ASP E 187 14.20 24.37 -42.60
C ASP E 187 15.69 24.66 -42.44
N GLU E 188 16.13 24.84 -41.18
CA GLU E 188 17.43 25.44 -40.92
C GLU E 188 17.89 25.04 -39.52
N VAL E 189 19.21 24.84 -39.39
CA VAL E 189 19.86 24.62 -38.11
C VAL E 189 20.48 25.94 -37.65
N MET E 190 19.82 26.63 -36.71
CA MET E 190 20.34 27.86 -36.12
C MET E 190 21.78 27.64 -35.64
N VAL E 191 22.71 28.45 -36.18
CA VAL E 191 24.13 28.36 -35.84
C VAL E 191 24.52 29.55 -34.99
N PRO E 192 25.53 29.39 -34.10
CA PRO E 192 26.12 30.51 -33.38
C PRO E 192 26.74 31.55 -34.33
N LEU F 3 2.59 28.43 -14.30
CA LEU F 3 1.76 27.60 -15.20
C LEU F 3 0.98 28.50 -16.16
N ILE F 4 0.33 29.54 -15.61
CA ILE F 4 -0.55 30.43 -16.37
C ILE F 4 0.15 31.76 -16.59
N PRO F 5 0.44 32.18 -17.85
CA PRO F 5 1.15 33.43 -18.10
C PRO F 5 0.32 34.67 -17.78
N THR F 6 1.03 35.79 -17.59
CA THR F 6 0.42 37.07 -17.28
C THR F 6 0.65 38.04 -18.44
N VAL F 7 -0.34 38.91 -18.66
CA VAL F 7 -0.41 39.82 -19.79
C VAL F 7 -0.85 41.18 -19.24
N ILE F 8 -0.24 42.27 -19.72
CA ILE F 8 -0.45 43.59 -19.13
C ILE F 8 -0.92 44.60 -20.19
N ALA F 17 -2.93 44.45 -15.30
CA ALA F 17 -2.41 43.06 -15.38
C ALA F 17 -3.57 42.07 -15.34
N TYR F 18 -3.44 41.00 -16.13
CA TYR F 18 -4.44 39.95 -16.24
C TYR F 18 -3.73 38.61 -16.41
N ASP F 19 -4.32 37.52 -15.90
CA ASP F 19 -3.95 36.20 -16.35
C ASP F 19 -4.58 35.98 -17.72
N ILE F 20 -3.92 35.16 -18.56
CA ILE F 20 -4.29 35.03 -19.96
C ILE F 20 -5.77 34.69 -20.11
N TYR F 21 -6.32 33.85 -19.21
CA TYR F 21 -7.70 33.40 -19.32
C TYR F 21 -8.66 34.53 -18.94
N SER F 22 -8.34 35.27 -17.87
CA SER F 22 -9.10 36.45 -17.49
C SER F 22 -9.09 37.49 -18.61
N ARG F 23 -7.99 37.58 -19.34
CA ARG F 23 -7.85 38.54 -20.42
C ARG F 23 -8.84 38.20 -21.52
N LEU F 24 -8.93 36.90 -21.85
CA LEU F 24 -9.86 36.44 -22.87
C LEU F 24 -11.29 36.67 -22.39
N LEU F 25 -11.53 36.52 -21.08
CA LEU F 25 -12.87 36.66 -20.53
C LEU F 25 -13.37 38.09 -20.71
N LYS F 26 -12.44 39.06 -20.68
CA LYS F 26 -12.81 40.45 -20.91
C LYS F 26 -13.35 40.65 -22.32
N ASP F 27 -12.93 39.80 -23.27
CA ASP F 27 -13.43 39.88 -24.64
C ASP F 27 -14.54 38.86 -24.87
N ARG F 28 -15.14 38.35 -23.80
CA ARG F 28 -16.34 37.51 -23.87
C ARG F 28 -16.01 36.13 -24.45
N ILE F 29 -14.79 35.66 -24.18
CA ILE F 29 -14.38 34.30 -24.49
C ILE F 29 -14.34 33.49 -23.19
N ILE F 30 -14.96 32.31 -23.21
CA ILE F 30 -14.92 31.37 -22.10
C ILE F 30 -14.24 30.10 -22.57
N MET F 31 -13.35 29.57 -21.71
CA MET F 31 -12.55 28.40 -22.06
C MET F 31 -13.08 27.17 -21.30
N LEU F 32 -13.67 26.22 -22.02
CA LEU F 32 -13.95 24.90 -21.49
C LEU F 32 -12.88 23.95 -22.02
N GLY F 33 -11.84 23.74 -21.22
CA GLY F 33 -10.66 23.04 -21.67
C GLY F 33 -10.32 21.84 -20.80
N SER F 34 -11.31 21.35 -20.06
CA SER F 34 -11.06 20.26 -19.13
C SER F 34 -12.26 19.34 -19.06
N GLN F 35 -12.11 18.27 -18.27
CA GLN F 35 -13.20 17.41 -17.87
C GLN F 35 -14.30 18.26 -17.24
N ILE F 36 -15.56 17.96 -17.57
CA ILE F 36 -16.70 18.68 -17.01
C ILE F 36 -17.13 18.04 -15.69
N ASP F 37 -16.94 18.79 -14.60
CA ASP F 37 -17.44 18.41 -13.31
C ASP F 37 -18.18 19.62 -12.74
N ASP F 38 -18.60 19.51 -11.48
CA ASP F 38 -19.46 20.51 -10.87
C ASP F 38 -18.72 21.85 -10.74
N ASN F 39 -17.40 21.81 -10.49
CA ASN F 39 -16.58 23.02 -10.37
C ASN F 39 -16.49 23.75 -11.70
N VAL F 40 -16.18 23.01 -12.77
CA VAL F 40 -16.04 23.59 -14.09
C VAL F 40 -17.37 24.23 -14.48
N ALA F 41 -18.47 23.50 -14.23
CA ALA F 41 -19.80 23.99 -14.58
C ALA F 41 -20.12 25.28 -13.81
N ASN F 42 -19.81 25.34 -12.52
CA ASN F 42 -20.14 26.52 -11.74
C ASN F 42 -19.39 27.74 -12.29
N SER F 43 -18.10 27.52 -12.62
CA SER F 43 -17.24 28.56 -13.17
C SER F 43 -17.82 29.09 -14.47
N ILE F 44 -18.15 28.17 -15.38
CA ILE F 44 -18.64 28.55 -16.70
C ILE F 44 -20.00 29.23 -16.57
N VAL F 45 -20.87 28.70 -15.68
CA VAL F 45 -22.18 29.31 -15.48
C VAL F 45 -21.99 30.74 -14.97
N SER F 46 -21.07 30.92 -14.01
CA SER F 46 -20.79 32.24 -13.46
C SER F 46 -20.29 33.18 -14.55
N GLN F 47 -19.45 32.67 -15.46
CA GLN F 47 -18.86 33.49 -16.51
C GLN F 47 -19.97 33.96 -17.45
N LEU F 48 -20.81 33.00 -17.87
CA LEU F 48 -21.92 33.28 -18.75
C LEU F 48 -22.83 34.35 -18.16
N LEU F 49 -23.14 34.22 -16.86
CA LEU F 49 -24.04 35.14 -16.19
C LEU F 49 -23.43 36.54 -16.18
N PHE F 50 -22.12 36.62 -15.93
CA PHE F 50 -21.42 37.88 -15.79
C PHE F 50 -21.34 38.62 -17.13
N LEU F 51 -20.97 37.92 -18.20
CA LEU F 51 -20.89 38.51 -19.53
C LEU F 51 -22.24 39.08 -19.95
N GLN F 52 -23.32 38.36 -19.61
CA GLN F 52 -24.66 38.80 -19.95
C GLN F 52 -24.97 40.14 -19.30
N ALA F 53 -24.65 40.24 -18.00
CA ALA F 53 -24.92 41.43 -17.23
C ALA F 53 -24.16 42.61 -17.82
N GLN F 54 -22.91 42.37 -18.25
CA GLN F 54 -22.08 43.40 -18.85
C GLN F 54 -22.67 43.88 -20.17
N ASP F 55 -23.22 42.93 -20.94
CA ASP F 55 -23.77 43.25 -22.25
C ASP F 55 -24.66 42.09 -22.70
N SER F 56 -25.97 42.35 -22.80
CA SER F 56 -26.94 41.32 -23.12
C SER F 56 -27.07 41.12 -24.64
N GLU F 57 -26.40 41.96 -25.42
CA GLU F 57 -26.53 41.96 -26.87
C GLU F 57 -25.40 41.18 -27.52
N LYS F 58 -24.16 41.45 -27.08
CA LYS F 58 -22.96 40.99 -27.78
C LYS F 58 -22.78 39.48 -27.63
N ASP F 59 -22.31 38.85 -28.71
CA ASP F 59 -22.04 37.43 -28.76
C ASP F 59 -21.01 37.02 -27.69
N ILE F 60 -21.12 35.76 -27.24
CA ILE F 60 -20.18 35.13 -26.33
C ILE F 60 -19.53 33.97 -27.09
N TYR F 61 -18.24 33.72 -26.83
CA TYR F 61 -17.49 32.67 -27.50
C TYR F 61 -17.10 31.61 -26.49
N LEU F 62 -17.62 30.38 -26.68
CA LEU F 62 -17.28 29.27 -25.81
C LEU F 62 -16.37 28.31 -26.55
N TYR F 63 -15.10 28.28 -26.13
CA TYR F 63 -14.10 27.34 -26.61
C TYR F 63 -14.34 25.99 -25.94
N ILE F 64 -14.34 24.92 -26.73
CA ILE F 64 -14.50 23.58 -26.20
C ILE F 64 -13.33 22.72 -26.65
N ASN F 65 -12.53 22.30 -25.66
CA ASN F 65 -11.59 21.20 -25.77
C ASN F 65 -11.77 20.34 -24.51
N SER F 66 -12.68 19.37 -24.58
CA SER F 66 -13.14 18.64 -23.40
C SER F 66 -13.47 17.20 -23.78
N PRO F 67 -13.12 16.20 -22.94
CA PRO F 67 -13.60 14.83 -23.09
C PRO F 67 -15.00 14.62 -22.51
N GLY F 68 -15.54 15.66 -21.87
CA GLY F 68 -16.87 15.60 -21.30
C GLY F 68 -16.81 15.34 -19.79
N GLY F 69 -17.78 14.58 -19.29
CA GLY F 69 -17.90 14.30 -17.88
C GLY F 69 -19.36 14.29 -17.44
N SER F 70 -19.62 14.86 -16.26
CA SER F 70 -20.92 14.76 -15.61
C SER F 70 -22.03 15.26 -16.54
N VAL F 71 -23.06 14.44 -16.73
CA VAL F 71 -24.23 14.85 -17.50
C VAL F 71 -24.92 16.05 -16.85
N THR F 72 -25.18 15.99 -15.54
CA THR F 72 -25.91 17.06 -14.86
C THR F 72 -25.13 18.37 -14.90
N ALA F 73 -23.80 18.29 -14.76
CA ALA F 73 -22.94 19.47 -14.81
C ALA F 73 -22.98 20.11 -16.20
N GLY F 74 -22.90 19.26 -17.23
CA GLY F 74 -23.08 19.73 -18.60
C GLY F 74 -24.42 20.45 -18.74
N PHE F 75 -25.47 19.90 -18.14
CA PHE F 75 -26.79 20.49 -18.28
C PHE F 75 -26.87 21.83 -17.54
N ALA F 76 -26.07 22.00 -16.48
CA ALA F 76 -26.00 23.29 -15.82
C ALA F 76 -25.53 24.36 -16.81
N ILE F 77 -24.51 24.00 -17.60
CA ILE F 77 -23.98 24.90 -18.61
C ILE F 77 -25.03 25.09 -19.71
N TYR F 78 -25.55 23.97 -20.23
CA TYR F 78 -26.50 24.03 -21.34
C TYR F 78 -27.67 24.97 -21.03
N ASP F 79 -28.35 24.74 -19.90
CA ASP F 79 -29.52 25.55 -19.57
C ASP F 79 -29.15 27.02 -19.44
N THR F 80 -27.98 27.31 -18.82
CA THR F 80 -27.49 28.67 -18.69
C THR F 80 -27.26 29.28 -20.07
N ILE F 81 -26.70 28.51 -21.00
CA ILE F 81 -26.52 28.98 -22.36
C ILE F 81 -27.87 29.43 -22.92
N GLN F 82 -28.86 28.52 -22.89
CA GLN F 82 -30.13 28.78 -23.54
C GLN F 82 -30.87 29.92 -22.84
N HIS F 83 -30.61 30.12 -21.54
CA HIS F 83 -31.40 31.05 -20.76
C HIS F 83 -31.02 32.50 -21.07
N ILE F 84 -29.71 32.78 -21.17
CA ILE F 84 -29.21 34.14 -21.33
C ILE F 84 -29.58 34.68 -22.72
N LYS F 85 -29.66 36.02 -22.82
CA LYS F 85 -30.03 36.72 -24.04
C LYS F 85 -28.98 36.52 -25.13
N PRO F 86 -27.68 36.77 -24.86
CA PRO F 86 -26.63 36.66 -25.88
C PRO F 86 -26.56 35.30 -26.60
N ASP F 87 -26.24 35.36 -27.89
CA ASP F 87 -25.85 34.17 -28.63
C ASP F 87 -24.51 33.69 -28.08
N VAL F 88 -24.44 32.39 -27.74
CA VAL F 88 -23.18 31.78 -27.34
C VAL F 88 -22.68 30.93 -28.50
N GLN F 89 -21.59 31.38 -29.13
CA GLN F 89 -20.92 30.63 -30.17
C GLN F 89 -20.15 29.48 -29.52
N THR F 90 -19.99 28.38 -30.28
CA THR F 90 -19.22 27.24 -29.81
C THR F 90 -18.18 26.91 -30.86
N ILE F 91 -16.92 26.77 -30.42
CA ILE F 91 -15.78 26.48 -31.29
C ILE F 91 -15.05 25.27 -30.71
N CYS F 92 -15.14 24.14 -31.40
CA CYS F 92 -14.43 22.94 -30.98
C CYS F 92 -12.99 22.97 -31.49
N ILE F 93 -12.06 22.83 -30.55
CA ILE F 93 -10.64 22.86 -30.84
C ILE F 93 -9.97 21.72 -30.08
N GLY F 94 -9.34 20.80 -30.81
CA GLY F 94 -8.75 19.62 -30.21
C GLY F 94 -9.72 18.45 -30.24
N MET F 95 -10.57 18.34 -29.21
CA MET F 95 -11.68 17.39 -29.24
C MET F 95 -12.88 17.89 -28.45
N ALA F 96 -14.02 17.23 -28.73
CA ALA F 96 -15.23 17.35 -27.95
C ALA F 96 -15.87 15.96 -27.86
N ALA F 97 -15.87 15.37 -26.66
CA ALA F 97 -16.49 14.08 -26.43
C ALA F 97 -17.61 14.19 -25.40
N SER F 98 -18.50 13.18 -25.35
CA SER F 98 -19.53 13.07 -24.33
C SER F 98 -20.28 14.40 -24.24
N MET F 99 -20.47 14.93 -23.02
CA MET F 99 -21.17 16.18 -22.83
C MET F 99 -20.43 17.34 -23.49
N GLY F 100 -19.15 17.14 -23.82
CA GLY F 100 -18.39 18.11 -24.60
C GLY F 100 -19.01 18.34 -25.97
N SER F 101 -19.29 17.26 -26.70
CA SER F 101 -19.85 17.42 -28.03
C SER F 101 -21.32 17.82 -27.93
N PHE F 102 -21.97 17.49 -26.81
CA PHE F 102 -23.34 17.91 -26.58
C PHE F 102 -23.41 19.43 -26.54
N LEU F 103 -22.44 20.06 -25.85
CA LEU F 103 -22.46 21.49 -25.62
C LEU F 103 -22.08 22.23 -26.90
N LEU F 104 -21.16 21.64 -27.67
CA LEU F 104 -20.83 22.14 -28.99
C LEU F 104 -22.10 22.31 -29.81
N ALA F 105 -22.98 21.31 -29.77
CA ALA F 105 -24.22 21.30 -30.53
C ALA F 105 -25.25 22.27 -29.95
N ALA F 106 -25.04 22.73 -28.71
CA ALA F 106 -26.00 23.58 -28.01
C ALA F 106 -25.72 25.05 -28.27
N GLY F 107 -24.70 25.35 -29.08
CA GLY F 107 -24.38 26.71 -29.46
C GLY F 107 -25.49 27.36 -30.26
N ALA F 108 -25.43 28.70 -30.36
CA ALA F 108 -26.40 29.48 -31.12
C ALA F 108 -26.45 28.99 -32.56
N LYS F 109 -27.67 28.86 -33.10
CA LYS F 109 -27.88 28.24 -34.40
C LYS F 109 -27.15 29.07 -35.44
N GLY F 110 -26.37 28.40 -36.30
CA GLY F 110 -25.52 29.06 -37.29
C GLY F 110 -24.14 29.45 -36.77
N LYS F 111 -23.84 29.26 -35.48
CA LYS F 111 -22.60 29.76 -34.90
C LYS F 111 -21.88 28.68 -34.11
N ARG F 112 -21.95 27.44 -34.61
CA ARG F 112 -21.30 26.29 -33.99
C ARG F 112 -20.20 25.83 -34.93
N PHE F 113 -18.96 25.91 -34.43
CA PHE F 113 -17.77 25.78 -35.25
C PHE F 113 -16.85 24.71 -34.67
N ALA F 114 -16.09 24.08 -35.56
CA ALA F 114 -14.92 23.30 -35.19
C ALA F 114 -13.79 23.68 -36.14
N LEU F 115 -12.54 23.56 -35.68
CA LEU F 115 -11.39 23.76 -36.54
C LEU F 115 -11.07 22.44 -37.25
N PRO F 116 -10.40 22.48 -38.43
CA PRO F 116 -10.42 21.34 -39.38
C PRO F 116 -10.02 19.97 -38.84
N ASN F 117 -9.12 19.94 -37.84
CA ASN F 117 -8.59 18.68 -37.35
C ASN F 117 -9.18 18.34 -35.99
N ALA F 118 -10.14 19.16 -35.51
CA ALA F 118 -10.80 18.92 -34.23
C ALA F 118 -11.62 17.64 -34.32
N GLU F 119 -11.64 16.89 -33.21
CA GLU F 119 -12.27 15.59 -33.14
C GLU F 119 -13.56 15.69 -32.34
N VAL F 120 -14.64 15.11 -32.87
CA VAL F 120 -15.91 15.11 -32.16
C VAL F 120 -16.32 13.66 -31.97
N MET F 121 -16.71 13.31 -30.74
CA MET F 121 -17.10 11.95 -30.42
C MET F 121 -18.45 11.97 -29.71
N ILE F 122 -19.36 11.08 -30.14
CA ILE F 122 -20.65 10.91 -29.49
C ILE F 122 -20.80 9.44 -29.09
N HIS F 123 -21.48 9.21 -27.96
CA HIS F 123 -21.73 7.86 -27.43
C HIS F 123 -22.82 7.94 -26.35
N GLN F 124 -23.19 6.78 -25.80
CA GLN F 124 -24.26 6.76 -24.81
C GLN F 124 -23.66 7.01 -23.42
N PRO F 125 -24.43 7.64 -22.50
CA PRO F 125 -23.94 7.93 -21.15
C PRO F 125 -23.49 6.69 -20.39
N LEU F 126 -22.56 6.91 -19.46
CA LEU F 126 -21.96 5.87 -18.64
C LEU F 126 -22.40 6.07 -17.19
N GLY F 127 -22.55 4.95 -16.47
CA GLY F 127 -22.85 5.02 -15.05
C GLY F 127 -22.55 3.70 -14.36
N GLY F 128 -22.94 3.63 -13.09
CA GLY F 128 -22.77 2.42 -12.30
C GLY F 128 -23.93 2.23 -11.34
N ALA F 129 -24.11 1.00 -10.88
CA ALA F 129 -25.05 0.73 -9.81
C ALA F 129 -24.65 -0.56 -9.12
N GLN F 130 -24.74 -0.57 -7.79
CA GLN F 130 -24.63 -1.79 -7.02
C GLN F 130 -25.63 -1.76 -5.88
N GLY F 131 -26.01 -2.96 -5.42
CA GLY F 131 -26.90 -3.13 -4.30
C GLY F 131 -28.01 -4.11 -4.67
N GLN F 132 -29.19 -3.89 -4.07
CA GLN F 132 -30.36 -4.72 -4.29
C GLN F 132 -30.92 -4.54 -5.70
N ALA F 133 -31.52 -5.61 -6.24
CA ALA F 133 -32.14 -5.60 -7.56
C ALA F 133 -33.00 -4.35 -7.76
N THR F 134 -33.68 -3.95 -6.69
CA THR F 134 -34.56 -2.80 -6.72
C THR F 134 -33.77 -1.52 -6.97
N GLU F 135 -32.53 -1.46 -6.44
CA GLU F 135 -31.71 -0.28 -6.57
C GLU F 135 -31.08 -0.26 -7.96
N ILE F 136 -30.71 -1.45 -8.48
CA ILE F 136 -30.20 -1.56 -9.84
C ILE F 136 -31.28 -1.07 -10.81
N GLU F 137 -32.56 -1.36 -10.47
CA GLU F 137 -33.68 -1.01 -11.34
C GLU F 137 -33.80 0.51 -11.38
N ILE F 138 -33.74 1.15 -10.20
CA ILE F 138 -33.86 2.60 -10.13
C ILE F 138 -32.75 3.27 -10.94
N ALA F 139 -31.51 2.79 -10.79
CA ALA F 139 -30.35 3.37 -11.46
C ALA F 139 -30.45 3.20 -12.98
N ALA F 140 -30.83 2.00 -13.42
CA ALA F 140 -31.04 1.70 -14.83
C ALA F 140 -32.07 2.64 -15.45
N ASN F 141 -33.25 2.79 -14.82
CA ASN F 141 -34.29 3.66 -15.33
C ASN F 141 -33.78 5.10 -15.40
N HIS F 142 -33.00 5.49 -14.40
CA HIS F 142 -32.46 6.83 -14.32
C HIS F 142 -31.54 7.12 -15.51
N ILE F 143 -30.60 6.21 -15.79
CA ILE F 143 -29.64 6.46 -16.87
C ILE F 143 -30.34 6.35 -18.23
N LEU F 144 -31.29 5.42 -18.39
CA LEU F 144 -32.08 5.30 -19.62
C LEU F 144 -32.86 6.58 -19.91
N LYS F 145 -33.51 7.13 -18.88
CA LYS F 145 -34.22 8.40 -19.00
C LYS F 145 -33.26 9.54 -19.34
N THR F 146 -32.08 9.52 -18.72
CA THR F 146 -31.06 10.53 -18.99
C THR F 146 -30.65 10.44 -20.46
N ARG F 147 -30.56 9.22 -21.00
CA ARG F 147 -30.16 9.04 -22.38
C ARG F 147 -31.24 9.55 -23.34
N GLU F 148 -32.52 9.31 -23.05
CA GLU F 148 -33.60 9.80 -23.90
C GLU F 148 -33.61 11.32 -23.92
N LYS F 149 -33.40 11.92 -22.75
CA LYS F 149 -33.34 13.37 -22.61
C LYS F 149 -32.27 13.94 -23.54
N LEU F 150 -31.04 13.40 -23.46
CA LEU F 150 -29.93 13.84 -24.28
C LEU F 150 -30.24 13.64 -25.75
N ASN F 151 -30.74 12.44 -26.07
CA ASN F 151 -30.98 12.05 -27.45
C ASN F 151 -32.06 12.94 -28.06
N ARG F 152 -33.08 13.30 -27.25
CA ARG F 152 -34.17 14.15 -27.72
C ARG F 152 -33.62 15.54 -28.05
N ILE F 153 -32.70 16.04 -27.21
CA ILE F 153 -32.17 17.40 -27.39
C ILE F 153 -31.21 17.42 -28.56
N LEU F 154 -30.38 16.37 -28.72
CA LEU F 154 -29.50 16.25 -29.87
C LEU F 154 -30.30 16.26 -31.18
N SER F 155 -31.40 15.52 -31.21
CA SER F 155 -32.29 15.47 -32.35
C SER F 155 -32.75 16.87 -32.74
N GLU F 156 -33.30 17.61 -31.77
CA GLU F 156 -33.77 18.97 -31.99
C GLU F 156 -32.63 19.84 -32.52
N ARG F 157 -31.41 19.59 -32.05
CA ARG F 157 -30.27 20.45 -32.34
C ARG F 157 -29.61 20.12 -33.67
N THR F 158 -29.63 18.83 -34.05
CA THR F 158 -28.94 18.36 -35.25
C THR F 158 -29.88 18.28 -36.45
N GLY F 159 -31.13 17.87 -36.21
CA GLY F 159 -32.08 17.64 -37.28
C GLY F 159 -32.27 16.15 -37.56
N GLN F 160 -31.41 15.32 -36.97
CA GLN F 160 -31.49 13.88 -37.11
C GLN F 160 -32.63 13.37 -36.23
N SER F 161 -33.19 12.21 -36.62
CA SER F 161 -34.27 11.58 -35.88
C SER F 161 -33.71 10.93 -34.61
N ILE F 162 -34.58 10.78 -33.59
CA ILE F 162 -34.19 10.16 -32.34
C ILE F 162 -33.74 8.73 -32.60
N GLU F 163 -34.33 8.04 -33.59
CA GLU F 163 -33.97 6.66 -33.91
C GLU F 163 -32.49 6.60 -34.32
N LYS F 164 -32.06 7.53 -35.17
CA LYS F 164 -30.72 7.53 -35.74
C LYS F 164 -29.69 7.97 -34.69
N ILE F 165 -30.04 8.95 -33.86
CA ILE F 165 -29.18 9.36 -32.76
C ILE F 165 -28.87 8.11 -31.94
N GLN F 166 -29.88 7.28 -31.66
CA GLN F 166 -29.67 6.16 -30.76
C GLN F 166 -28.81 5.08 -31.42
N LYS F 167 -28.96 4.86 -32.73
CA LYS F 167 -28.09 3.91 -33.39
C LYS F 167 -26.64 4.39 -33.33
N ASP F 168 -26.45 5.69 -33.60
CA ASP F 168 -25.12 6.23 -33.81
C ASP F 168 -24.37 6.42 -32.48
N THR F 169 -25.10 6.45 -31.35
CA THR F 169 -24.47 6.66 -30.06
C THR F 169 -24.36 5.35 -29.30
N ASP F 170 -24.85 4.25 -29.88
CA ASP F 170 -24.85 2.97 -29.20
C ASP F 170 -23.43 2.59 -28.78
N ARG F 171 -22.45 2.84 -29.67
CA ARG F 171 -21.05 2.60 -29.35
C ARG F 171 -20.24 3.84 -29.73
N ASP F 172 -19.01 3.94 -29.21
CA ASP F 172 -18.16 5.10 -29.46
C ASP F 172 -18.14 5.38 -30.96
N ASN F 173 -18.48 6.62 -31.31
CA ASN F 173 -18.59 7.10 -32.68
C ASN F 173 -17.75 8.36 -32.80
N PHE F 174 -16.57 8.23 -33.45
CA PHE F 174 -15.68 9.35 -33.71
C PHE F 174 -16.02 9.99 -35.05
N LEU F 175 -16.01 11.33 -35.09
CA LEU F 175 -16.33 12.11 -36.28
C LEU F 175 -15.24 13.15 -36.55
N THR F 176 -14.93 13.36 -37.83
CA THR F 176 -14.11 14.48 -38.24
C THR F 176 -14.98 15.74 -38.20
N ALA F 177 -14.34 16.93 -38.25
CA ALA F 177 -15.06 18.18 -38.21
C ALA F 177 -16.05 18.25 -39.38
N GLU F 178 -15.63 17.72 -40.54
CA GLU F 178 -16.45 17.77 -41.74
C GLU F 178 -17.64 16.81 -41.57
N GLU F 179 -17.39 15.68 -40.90
CA GLU F 179 -18.45 14.73 -40.59
C GLU F 179 -19.42 15.33 -39.57
N ALA F 180 -18.88 16.05 -38.58
CA ALA F 180 -19.69 16.72 -37.56
C ALA F 180 -20.63 17.73 -38.21
N LYS F 181 -20.17 18.36 -39.30
CA LYS F 181 -20.96 19.37 -39.99
C LYS F 181 -22.14 18.72 -40.71
N GLU F 182 -21.91 17.66 -41.49
CA GLU F 182 -23.02 17.08 -42.24
C GLU F 182 -23.98 16.39 -41.27
N TYR F 183 -23.51 16.04 -40.05
CA TYR F 183 -24.35 15.40 -39.07
C TYR F 183 -25.31 16.41 -38.42
N GLY F 184 -24.88 17.68 -38.31
CA GLY F 184 -25.70 18.72 -37.71
C GLY F 184 -25.19 19.18 -36.34
N LEU F 185 -24.06 18.62 -35.88
CA LEU F 185 -23.51 18.95 -34.57
C LEU F 185 -22.90 20.37 -34.62
N ILE F 186 -22.34 20.74 -35.78
CA ILE F 186 -21.85 22.09 -36.02
C ILE F 186 -22.44 22.64 -37.32
N ASP F 187 -22.28 23.95 -37.52
CA ASP F 187 -22.76 24.60 -38.72
C ASP F 187 -21.65 24.74 -39.76
N GLU F 188 -20.41 24.93 -39.30
CA GLU F 188 -19.34 25.41 -40.16
C GLU F 188 -17.98 24.92 -39.65
N VAL F 189 -17.13 24.45 -40.56
CA VAL F 189 -15.73 24.25 -40.27
C VAL F 189 -15.02 25.59 -40.49
N MET F 190 -14.37 26.11 -39.43
CA MET F 190 -13.57 27.33 -39.53
C MET F 190 -12.31 27.06 -40.35
N VAL F 191 -12.10 27.85 -41.39
CA VAL F 191 -10.97 27.65 -42.30
C VAL F 191 -9.94 28.76 -42.08
N PRO F 192 -8.63 28.48 -42.31
CA PRO F 192 -7.60 29.52 -42.25
C PRO F 192 -7.87 30.73 -43.15
N LEU G 3 -8.21 26.95 -12.58
CA LEU G 3 -8.06 28.40 -12.32
C LEU G 3 -9.44 29.06 -12.29
N ILE G 4 -9.71 29.82 -11.23
CA ILE G 4 -10.90 30.66 -11.13
C ILE G 4 -10.59 31.95 -11.88
N PRO G 5 -11.41 32.38 -12.88
CA PRO G 5 -11.11 33.60 -13.64
C PRO G 5 -11.33 34.86 -12.82
N THR G 6 -10.62 35.93 -13.22
CA THR G 6 -10.65 37.22 -12.56
C THR G 6 -11.33 38.23 -13.49
N VAL G 7 -11.95 39.25 -12.89
CA VAL G 7 -12.77 40.22 -13.59
C VAL G 7 -12.47 41.59 -12.98
N ILE G 8 -12.37 42.61 -13.83
CA ILE G 8 -11.96 43.94 -13.38
C ILE G 8 -12.98 44.97 -13.85
N ARG G 16 -11.05 47.71 -8.35
CA ARG G 16 -11.84 46.50 -7.96
C ARG G 16 -11.56 45.37 -8.94
N ALA G 17 -10.63 44.48 -8.55
CA ALA G 17 -10.38 43.23 -9.25
C ALA G 17 -10.94 42.09 -8.42
N TYR G 18 -11.86 41.33 -9.02
CA TYR G 18 -12.63 40.31 -8.32
C TYR G 18 -12.43 38.95 -9.01
N ASP G 19 -12.28 37.89 -8.20
CA ASP G 19 -12.56 36.54 -8.68
C ASP G 19 -14.05 36.46 -9.00
N ILE G 20 -14.41 35.59 -9.95
CA ILE G 20 -15.76 35.61 -10.51
C ILE G 20 -16.80 35.42 -9.41
N TYR G 21 -16.55 34.51 -8.46
CA TYR G 21 -17.54 34.19 -7.44
C TYR G 21 -17.71 35.38 -6.50
N SER G 22 -16.61 36.06 -6.17
CA SER G 22 -16.69 37.27 -5.37
C SER G 22 -17.43 38.38 -6.11
N ARG G 23 -17.28 38.44 -7.44
CA ARG G 23 -17.98 39.41 -8.27
C ARG G 23 -19.48 39.17 -8.19
N LEU G 24 -19.90 37.90 -8.32
CA LEU G 24 -21.28 37.51 -8.18
C LEU G 24 -21.79 37.81 -6.77
N LEU G 25 -20.93 37.61 -5.76
CA LEU G 25 -21.33 37.88 -4.39
C LEU G 25 -21.67 39.35 -4.20
N LYS G 26 -20.98 40.24 -4.93
CA LYS G 26 -21.24 41.66 -4.84
C LYS G 26 -22.67 41.97 -5.31
N ASP G 27 -23.22 41.15 -6.19
CA ASP G 27 -24.60 41.32 -6.63
C ASP G 27 -25.55 40.37 -5.88
N ARG G 28 -25.16 39.99 -4.65
CA ARG G 28 -26.02 39.20 -3.76
C ARG G 28 -26.30 37.81 -4.33
N ILE G 29 -25.36 37.26 -5.12
CA ILE G 29 -25.50 35.92 -5.65
C ILE G 29 -24.53 35.01 -4.88
N ILE G 30 -25.05 33.89 -4.35
CA ILE G 30 -24.25 32.93 -3.62
C ILE G 30 -24.28 31.61 -4.38
N MET G 31 -23.10 30.99 -4.55
CA MET G 31 -22.97 29.77 -5.32
C MET G 31 -22.79 28.60 -4.35
N LEU G 32 -23.80 27.72 -4.30
CA LEU G 32 -23.66 26.42 -3.68
C LEU G 32 -23.48 25.40 -4.81
N GLY G 33 -22.22 25.07 -5.10
CA GLY G 33 -21.89 24.30 -6.29
C GLY G 33 -20.94 23.14 -5.97
N SER G 34 -21.08 22.61 -4.75
CA SER G 34 -20.29 21.46 -4.31
C SER G 34 -21.08 20.62 -3.31
N GLN G 35 -20.42 19.57 -2.83
CA GLN G 35 -20.88 18.81 -1.68
C GLN G 35 -21.03 19.77 -0.50
N ILE G 36 -22.05 19.53 0.34
CA ILE G 36 -22.26 20.29 1.55
C ILE G 36 -21.52 19.60 2.70
N ASP G 37 -20.52 20.30 3.24
CA ASP G 37 -19.85 19.92 4.47
C ASP G 37 -19.82 21.16 5.35
N ASP G 38 -19.21 21.06 6.54
CA ASP G 38 -19.18 22.15 7.51
C ASP G 38 -18.53 23.40 6.91
N ASN G 39 -17.48 23.25 6.09
CA ASN G 39 -16.78 24.39 5.50
C ASN G 39 -17.69 25.14 4.55
N VAL G 40 -18.27 24.41 3.59
CA VAL G 40 -19.21 25.00 2.65
C VAL G 40 -20.35 25.67 3.41
N ALA G 41 -20.81 25.03 4.50
CA ALA G 41 -21.88 25.61 5.30
C ALA G 41 -21.45 26.95 5.87
N ASN G 42 -20.26 26.99 6.49
CA ASN G 42 -19.80 28.19 7.18
C ASN G 42 -19.61 29.34 6.19
N SER G 43 -19.12 29.02 4.99
CA SER G 43 -18.93 30.01 3.93
C SER G 43 -20.26 30.61 3.52
N ILE G 44 -21.26 29.76 3.30
CA ILE G 44 -22.57 30.21 2.85
C ILE G 44 -23.29 30.94 3.98
N VAL G 45 -23.15 30.47 5.23
CA VAL G 45 -23.77 31.19 6.34
C VAL G 45 -23.20 32.62 6.39
N SER G 46 -21.88 32.74 6.29
CA SER G 46 -21.18 34.01 6.38
C SER G 46 -21.64 34.95 5.27
N GLN G 47 -21.78 34.41 4.05
CA GLN G 47 -22.20 35.21 2.92
C GLN G 47 -23.60 35.75 3.17
N LEU G 48 -24.48 34.88 3.69
CA LEU G 48 -25.85 35.29 3.98
C LEU G 48 -25.84 36.41 5.02
N LEU G 49 -25.03 36.26 6.07
CA LEU G 49 -25.04 37.22 7.16
C LEU G 49 -24.52 38.57 6.69
N PHE G 50 -23.57 38.53 5.75
CA PHE G 50 -22.93 39.72 5.22
C PHE G 50 -23.91 40.48 4.33
N LEU G 51 -24.54 39.76 3.40
CA LEU G 51 -25.46 40.37 2.45
C LEU G 51 -26.61 41.04 3.19
N GLN G 52 -27.09 40.41 4.26
CA GLN G 52 -28.14 40.99 5.08
C GLN G 52 -27.66 42.30 5.68
N ALA G 53 -26.42 42.31 6.16
CA ALA G 53 -25.83 43.49 6.77
C ALA G 53 -25.74 44.61 5.75
N GLN G 54 -25.37 44.29 4.51
CA GLN G 54 -25.28 45.28 3.45
C GLN G 54 -26.65 45.88 3.11
N ASP G 55 -27.70 45.07 3.20
CA ASP G 55 -29.03 45.47 2.80
C ASP G 55 -30.01 44.38 3.22
N SER G 56 -30.87 44.69 4.19
CA SER G 56 -31.76 43.72 4.78
C SER G 56 -33.06 43.60 3.98
N GLU G 57 -33.19 44.36 2.88
CA GLU G 57 -34.42 44.45 2.11
C GLU G 57 -34.31 43.69 0.80
N LYS G 58 -33.16 43.76 0.12
CA LYS G 58 -33.01 43.24 -1.22
C LYS G 58 -32.87 41.72 -1.20
N ASP G 59 -33.42 41.07 -2.23
CA ASP G 59 -33.32 39.63 -2.37
C ASP G 59 -31.87 39.18 -2.48
N ILE G 60 -31.64 37.94 -2.02
CA ILE G 60 -30.43 37.19 -2.27
C ILE G 60 -30.77 36.08 -3.25
N TYR G 61 -29.78 35.63 -4.01
CA TYR G 61 -29.94 34.51 -4.93
C TYR G 61 -28.96 33.42 -4.53
N LEU G 62 -29.52 32.24 -4.20
CA LEU G 62 -28.74 31.05 -3.93
C LEU G 62 -28.86 30.08 -5.11
N TYR G 63 -27.79 30.01 -5.90
CA TYR G 63 -27.62 29.01 -6.94
C TYR G 63 -27.27 27.68 -6.30
N ILE G 64 -27.96 26.62 -6.72
CA ILE G 64 -27.74 25.30 -6.14
C ILE G 64 -27.41 24.31 -7.26
N ASN G 65 -26.16 23.84 -7.27
CA ASN G 65 -25.74 22.68 -8.04
C ASN G 65 -24.92 21.79 -7.12
N SER G 66 -25.60 20.92 -6.37
CA SER G 66 -25.03 20.20 -5.24
C SER G 66 -25.60 18.79 -5.15
N PRO G 67 -24.76 17.74 -4.94
CA PRO G 67 -25.29 16.41 -4.61
C PRO G 67 -25.73 16.27 -3.15
N GLY G 68 -25.55 17.35 -2.37
CA GLY G 68 -25.97 17.37 -0.97
C GLY G 68 -24.80 17.01 -0.07
N GLY G 69 -25.09 16.53 1.14
CA GLY G 69 -24.05 16.12 2.07
C GLY G 69 -24.54 16.10 3.51
N SER G 70 -23.71 16.61 4.43
CA SER G 70 -24.02 16.62 5.86
C SER G 70 -25.36 17.31 6.12
N VAL G 71 -26.17 16.68 6.97
CA VAL G 71 -27.49 17.18 7.32
C VAL G 71 -27.34 18.39 8.25
N THR G 72 -26.47 18.28 9.25
CA THR G 72 -26.28 19.35 10.22
C THR G 72 -25.76 20.60 9.51
N ALA G 73 -24.81 20.42 8.59
CA ALA G 73 -24.29 21.50 7.79
C ALA G 73 -25.40 22.14 6.95
N GLY G 74 -26.24 21.28 6.35
CA GLY G 74 -27.37 21.76 5.58
C GLY G 74 -28.32 22.61 6.42
N PHE G 75 -28.52 22.20 7.68
CA PHE G 75 -29.41 22.90 8.60
C PHE G 75 -28.75 24.18 9.11
N ALA G 76 -27.42 24.25 9.10
CA ALA G 76 -26.74 25.51 9.36
C ALA G 76 -27.20 26.53 8.31
N ILE G 77 -27.15 26.13 7.04
CA ILE G 77 -27.61 26.98 5.96
C ILE G 77 -29.12 27.22 6.10
N TYR G 78 -29.87 26.16 6.36
CA TYR G 78 -31.32 26.27 6.35
C TYR G 78 -31.76 27.32 7.39
N ASP G 79 -31.27 27.19 8.62
CA ASP G 79 -31.71 28.07 9.68
C ASP G 79 -31.28 29.51 9.40
N THR G 80 -30.14 29.69 8.72
CA THR G 80 -29.64 31.01 8.45
C THR G 80 -30.54 31.70 7.42
N ILE G 81 -30.90 30.98 6.35
CA ILE G 81 -31.84 31.47 5.35
C ILE G 81 -33.12 31.97 6.01
N GLN G 82 -33.68 31.18 6.94
CA GLN G 82 -34.97 31.50 7.54
C GLN G 82 -34.84 32.61 8.58
N HIS G 83 -33.64 32.83 9.12
CA HIS G 83 -33.46 33.81 10.18
C HIS G 83 -33.37 35.23 9.62
N ILE G 84 -32.69 35.40 8.48
CA ILE G 84 -32.38 36.72 7.94
C ILE G 84 -33.62 37.30 7.26
N LYS G 85 -33.67 38.65 7.22
CA LYS G 85 -34.80 39.41 6.71
C LYS G 85 -34.98 39.17 5.22
N PRO G 86 -33.93 39.33 4.39
CA PRO G 86 -34.05 39.17 2.94
C PRO G 86 -34.63 37.82 2.52
N ASP G 87 -35.48 37.86 1.49
CA ASP G 87 -35.89 36.65 0.80
C ASP G 87 -34.68 36.05 0.12
N VAL G 88 -34.43 34.75 0.34
CA VAL G 88 -33.42 34.04 -0.40
C VAL G 88 -34.10 33.25 -1.51
N GLN G 89 -33.86 33.64 -2.77
CA GLN G 89 -34.34 32.87 -3.91
C GLN G 89 -33.43 31.65 -4.02
N THR G 90 -33.99 30.52 -4.49
CA THR G 90 -33.20 29.33 -4.77
C THR G 90 -33.40 28.95 -6.23
N ILE G 91 -32.29 28.57 -6.88
CA ILE G 91 -32.26 28.34 -8.31
C ILE G 91 -31.43 27.09 -8.58
N CYS G 92 -32.11 25.98 -8.92
CA CYS G 92 -31.44 24.73 -9.17
C CYS G 92 -30.96 24.67 -10.63
N ILE G 93 -29.66 24.50 -10.79
CA ILE G 93 -29.03 24.43 -12.09
C ILE G 93 -28.14 23.20 -12.11
N GLY G 94 -28.41 22.27 -13.02
CA GLY G 94 -27.66 21.02 -13.08
C GLY G 94 -28.33 19.93 -12.26
N MET G 95 -28.03 19.88 -10.94
CA MET G 95 -28.77 18.99 -10.05
C MET G 95 -28.82 19.53 -8.63
N ALA G 96 -29.87 19.14 -7.90
CA ALA G 96 -29.91 19.20 -6.45
C ALA G 96 -30.25 17.80 -5.92
N ALA G 97 -29.42 17.27 -5.01
CA ALA G 97 -29.73 16.00 -4.36
C ALA G 97 -29.54 16.13 -2.85
N SER G 98 -30.11 15.19 -2.09
CA SER G 98 -29.93 15.13 -0.64
C SER G 98 -30.32 16.49 -0.04
N MET G 99 -29.49 17.05 0.84
CA MET G 99 -29.78 18.33 1.46
C MET G 99 -29.78 19.44 0.41
N GLY G 100 -29.15 19.20 -0.75
CA GLY G 100 -29.21 20.14 -1.85
C GLY G 100 -30.65 20.46 -2.25
N SER G 101 -31.46 19.43 -2.43
CA SER G 101 -32.84 19.63 -2.84
C SER G 101 -33.69 20.10 -1.65
N PHE G 102 -33.24 19.81 -0.42
CA PHE G 102 -33.91 20.30 0.77
C PHE G 102 -33.79 21.83 0.86
N LEU G 103 -32.59 22.33 0.55
CA LEU G 103 -32.33 23.76 0.60
C LEU G 103 -33.04 24.45 -0.57
N LEU G 104 -33.12 23.77 -1.71
CA LEU G 104 -33.89 24.28 -2.83
C LEU G 104 -35.33 24.55 -2.38
N ALA G 105 -35.89 23.62 -1.62
CA ALA G 105 -37.26 23.73 -1.13
C ALA G 105 -37.37 24.81 -0.06
N ALA G 106 -36.23 25.23 0.49
CA ALA G 106 -36.17 26.11 1.65
C ALA G 106 -36.18 27.58 1.22
N GLY G 107 -36.12 27.83 -0.09
CA GLY G 107 -36.19 29.18 -0.62
C GLY G 107 -37.46 29.92 -0.21
N ALA G 108 -37.47 31.24 -0.45
CA ALA G 108 -38.61 32.09 -0.17
C ALA G 108 -39.80 31.65 -1.03
N LYS G 109 -41.00 31.70 -0.43
CA LYS G 109 -42.21 31.24 -1.09
C LYS G 109 -42.41 32.03 -2.38
N GLY G 110 -42.57 31.31 -3.50
CA GLY G 110 -42.79 31.93 -4.80
C GLY G 110 -41.49 32.23 -5.55
N LYS G 111 -40.33 32.01 -4.91
CA LYS G 111 -39.05 32.36 -5.50
C LYS G 111 -38.11 31.16 -5.48
N ARG G 112 -38.70 29.99 -5.77
CA ARG G 112 -37.94 28.72 -5.86
C ARG G 112 -38.00 28.32 -7.33
N PHE G 113 -36.85 28.11 -7.95
CA PHE G 113 -36.79 27.92 -9.39
C PHE G 113 -35.84 26.78 -9.75
N ALA G 114 -36.02 26.26 -10.96
CA ALA G 114 -35.06 25.35 -11.57
C ALA G 114 -35.11 25.56 -13.07
N LEU G 115 -33.95 25.46 -13.72
CA LEU G 115 -33.90 25.56 -15.16
C LEU G 115 -34.39 24.25 -15.76
N PRO G 116 -34.83 24.24 -17.04
CA PRO G 116 -35.66 23.15 -17.57
C PRO G 116 -35.10 21.73 -17.48
N ASN G 117 -33.77 21.61 -17.48
CA ASN G 117 -33.14 20.31 -17.56
C ASN G 117 -32.46 19.95 -16.24
N ALA G 118 -32.67 20.81 -15.22
CA ALA G 118 -32.13 20.54 -13.90
C ALA G 118 -32.77 19.28 -13.35
N GLU G 119 -32.00 18.50 -12.60
CA GLU G 119 -32.46 17.26 -12.01
C GLU G 119 -32.62 17.48 -10.50
N VAL G 120 -33.68 16.93 -9.91
CA VAL G 120 -33.86 17.03 -8.46
C VAL G 120 -34.07 15.62 -7.92
N MET G 121 -33.31 15.26 -6.88
CA MET G 121 -33.42 13.93 -6.30
C MET G 121 -33.72 14.07 -4.81
N ILE G 122 -34.71 13.30 -4.35
CA ILE G 122 -35.03 13.17 -2.93
C ILE G 122 -34.89 11.70 -2.53
N HIS G 123 -34.43 11.49 -1.29
CA HIS G 123 -34.17 10.17 -0.75
C HIS G 123 -33.95 10.30 0.75
N GLN G 124 -33.92 9.17 1.47
CA GLN G 124 -33.79 9.23 2.91
C GLN G 124 -32.34 9.47 3.29
N PRO G 125 -32.08 10.00 4.51
CA PRO G 125 -30.73 10.21 5.01
C PRO G 125 -29.93 8.91 5.13
N LEU G 126 -28.61 9.05 4.94
CA LEU G 126 -27.64 7.98 5.03
C LEU G 126 -26.80 8.17 6.29
N GLY G 127 -26.33 7.07 6.87
CA GLY G 127 -25.40 7.13 7.99
C GLY G 127 -24.84 5.76 8.33
N GLY G 128 -24.24 5.67 9.52
CA GLY G 128 -23.62 4.45 9.97
C GLY G 128 -23.62 4.37 11.49
N ALA G 129 -23.25 3.20 12.00
CA ALA G 129 -23.10 2.98 13.42
C ALA G 129 -22.42 1.63 13.61
N GLN G 130 -21.37 1.60 14.43
CA GLN G 130 -20.81 0.34 14.89
C GLN G 130 -20.60 0.39 16.39
N GLY G 131 -20.56 -0.79 17.01
CA GLY G 131 -20.28 -0.92 18.42
C GLY G 131 -21.33 -1.77 19.12
N GLN G 132 -21.59 -1.44 20.38
CA GLN G 132 -22.52 -2.22 21.20
C GLN G 132 -23.93 -1.99 20.68
N ALA G 133 -24.81 -2.96 20.97
CA ALA G 133 -26.21 -2.91 20.57
C ALA G 133 -26.84 -1.60 21.03
N THR G 134 -26.51 -1.19 22.25
CA THR G 134 -27.01 0.04 22.85
C THR G 134 -26.58 1.26 22.05
N GLU G 135 -25.34 1.23 21.53
CA GLU G 135 -24.83 2.33 20.73
C GLU G 135 -25.49 2.32 19.35
N ILE G 136 -25.72 1.13 18.78
CA ILE G 136 -26.42 1.05 17.50
C ILE G 136 -27.81 1.68 17.69
N GLU G 137 -28.47 1.35 18.80
CA GLU G 137 -29.81 1.82 19.10
C GLU G 137 -29.84 3.34 19.12
N ILE G 138 -28.90 3.93 19.87
CA ILE G 138 -28.77 5.37 19.99
C ILE G 138 -28.58 5.99 18.60
N ALA G 139 -27.70 5.40 17.78
CA ALA G 139 -27.43 5.93 16.45
C ALA G 139 -28.67 5.81 15.57
N ALA G 140 -29.41 4.70 15.72
CA ALA G 140 -30.59 4.44 14.93
C ALA G 140 -31.72 5.43 15.28
N ASN G 141 -31.93 5.68 16.58
CA ASN G 141 -32.92 6.67 17.00
C ASN G 141 -32.54 8.05 16.47
N HIS G 142 -31.24 8.32 16.40
CA HIS G 142 -30.75 9.62 15.97
C HIS G 142 -31.07 9.85 14.50
N ILE G 143 -30.75 8.89 13.63
CA ILE G 143 -30.96 9.10 12.20
C ILE G 143 -32.44 9.05 11.87
N LEU G 144 -33.24 8.38 12.70
CA LEU G 144 -34.67 8.30 12.48
C LEU G 144 -35.32 9.64 12.84
N LYS G 145 -34.94 10.20 14.00
CA LYS G 145 -35.41 11.51 14.42
C LYS G 145 -35.02 12.57 13.38
N THR G 146 -33.79 12.48 12.89
CA THR G 146 -33.30 13.37 11.85
C THR G 146 -34.19 13.26 10.63
N ARG G 147 -34.56 12.03 10.24
CA ARG G 147 -35.43 11.84 9.09
C ARG G 147 -36.80 12.45 9.36
N GLU G 148 -37.37 12.18 10.54
CA GLU G 148 -38.63 12.78 10.92
C GLU G 148 -38.56 14.29 10.76
N LYS G 149 -37.47 14.89 11.24
CA LYS G 149 -37.31 16.34 11.22
C LYS G 149 -37.31 16.87 9.80
N LEU G 150 -36.57 16.19 8.91
CA LEU G 150 -36.44 16.59 7.52
C LEU G 150 -37.79 16.51 6.83
N ASN G 151 -38.50 15.40 7.06
CA ASN G 151 -39.75 15.12 6.37
C ASN G 151 -40.84 16.10 6.81
N ARG G 152 -40.82 16.53 8.07
CA ARG G 152 -41.81 17.44 8.60
C ARG G 152 -41.64 18.82 7.95
N ILE G 153 -40.39 19.23 7.73
CA ILE G 153 -40.12 20.52 7.14
C ILE G 153 -40.40 20.49 5.64
N LEU G 154 -40.04 19.37 4.97
CA LEU G 154 -40.39 19.19 3.56
C LEU G 154 -41.90 19.24 3.36
N SER G 155 -42.65 18.71 4.35
CA SER G 155 -44.10 18.70 4.32
C SER G 155 -44.66 20.11 4.42
N GLU G 156 -44.13 20.90 5.37
CA GLU G 156 -44.47 22.31 5.54
C GLU G 156 -44.17 23.12 4.27
N ARG G 157 -43.09 22.76 3.57
CA ARG G 157 -42.54 23.54 2.46
C ARG G 157 -43.18 23.19 1.11
N THR G 158 -43.59 21.92 0.95
CA THR G 158 -44.05 21.41 -0.34
C THR G 158 -45.56 21.34 -0.41
N GLY G 159 -46.21 21.19 0.76
CA GLY G 159 -47.64 20.97 0.83
C GLY G 159 -48.02 19.49 0.82
N GLN G 160 -47.03 18.60 0.69
CA GLN G 160 -47.28 17.16 0.70
C GLN G 160 -47.32 16.67 2.14
N SER G 161 -47.87 15.47 2.31
CA SER G 161 -48.01 14.88 3.63
C SER G 161 -46.70 14.23 4.04
N ILE G 162 -46.48 14.15 5.37
CA ILE G 162 -45.37 13.42 5.93
C ILE G 162 -45.38 11.98 5.41
N GLU G 163 -46.57 11.38 5.33
CA GLU G 163 -46.75 10.00 4.87
C GLU G 163 -46.21 9.85 3.45
N LYS G 164 -46.47 10.85 2.60
CA LYS G 164 -46.11 10.77 1.19
C LYS G 164 -44.62 11.01 0.98
N ILE G 165 -44.07 12.01 1.69
CA ILE G 165 -42.64 12.28 1.70
C ILE G 165 -41.93 10.97 2.06
N GLN G 166 -42.36 10.35 3.17
CA GLN G 166 -41.75 9.13 3.68
C GLN G 166 -41.68 8.07 2.59
N LYS G 167 -42.81 7.81 1.91
CA LYS G 167 -42.85 6.77 0.89
C LYS G 167 -41.99 7.15 -0.32
N ASP G 168 -42.01 8.44 -0.67
CA ASP G 168 -41.36 8.93 -1.88
C ASP G 168 -39.86 9.11 -1.68
N THR G 169 -39.36 8.99 -0.44
CA THR G 169 -37.93 9.12 -0.17
C THR G 169 -37.34 7.78 0.30
N ASP G 170 -38.17 6.74 0.40
CA ASP G 170 -37.72 5.42 0.82
C ASP G 170 -36.53 4.98 -0.05
N ARG G 171 -36.61 5.25 -1.35
CA ARG G 171 -35.51 4.96 -2.24
C ARG G 171 -35.22 6.21 -3.07
N ASP G 172 -34.16 6.14 -3.88
CA ASP G 172 -33.74 7.26 -4.70
C ASP G 172 -34.88 7.63 -5.63
N ASN G 173 -35.23 8.93 -5.64
CA ASN G 173 -36.35 9.44 -6.40
C ASN G 173 -35.85 10.61 -7.25
N PHE G 174 -35.64 10.34 -8.54
CA PHE G 174 -35.21 11.36 -9.49
C PHE G 174 -36.43 12.06 -10.08
N LEU G 175 -36.41 13.41 -10.05
CA LEU G 175 -37.48 14.24 -10.57
C LEU G 175 -36.94 15.16 -11.66
N THR G 176 -37.75 15.42 -12.70
CA THR G 176 -37.50 16.50 -13.62
C THR G 176 -37.87 17.82 -12.94
N ALA G 177 -37.48 18.92 -13.57
CA ALA G 177 -37.82 20.24 -13.07
C ALA G 177 -39.34 20.40 -12.96
N GLU G 178 -40.06 19.95 -14.00
CA GLU G 178 -41.50 20.11 -14.06
C GLU G 178 -42.13 19.25 -12.97
N GLU G 179 -41.59 18.05 -12.75
CA GLU G 179 -42.06 17.18 -11.68
C GLU G 179 -41.81 17.81 -10.32
N ALA G 180 -40.65 18.48 -10.17
CA ALA G 180 -40.30 19.11 -8.92
C ALA G 180 -41.24 20.28 -8.62
N LYS G 181 -41.68 20.98 -9.67
CA LYS G 181 -42.68 22.03 -9.54
C LYS G 181 -43.99 21.44 -9.03
N GLU G 182 -44.43 20.35 -9.67
CA GLU G 182 -45.66 19.66 -9.30
C GLU G 182 -45.59 19.14 -7.85
N TYR G 183 -44.40 18.77 -7.39
CA TYR G 183 -44.23 18.20 -6.06
C TYR G 183 -44.30 19.29 -4.99
N GLY G 184 -44.07 20.55 -5.38
CA GLY G 184 -44.01 21.66 -4.42
C GLY G 184 -42.58 21.99 -3.98
N LEU G 185 -41.57 21.36 -4.63
CA LEU G 185 -40.18 21.58 -4.26
C LEU G 185 -39.71 22.93 -4.81
N ILE G 186 -40.25 23.31 -5.97
CA ILE G 186 -40.00 24.61 -6.56
C ILE G 186 -41.34 25.20 -6.95
N ASP G 187 -41.35 26.53 -7.18
CA ASP G 187 -42.58 27.25 -7.52
C ASP G 187 -42.71 27.41 -9.03
N GLU G 188 -41.59 27.43 -9.75
CA GLU G 188 -41.57 27.80 -11.16
C GLU G 188 -40.37 27.17 -11.85
N VAL G 189 -40.57 26.80 -13.12
CA VAL G 189 -39.48 26.48 -14.02
C VAL G 189 -39.11 27.75 -14.77
N MET G 190 -37.86 28.18 -14.65
CA MET G 190 -37.36 29.37 -15.33
C MET G 190 -37.24 29.10 -16.82
N VAL G 191 -38.08 29.75 -17.62
CA VAL G 191 -38.02 29.62 -19.07
C VAL G 191 -37.06 30.68 -19.63
N PRO G 192 -36.42 30.40 -20.78
CA PRO G 192 -35.49 31.34 -21.43
C PRO G 192 -35.99 32.77 -21.67
N GLU G 193 -35.04 33.72 -21.62
CA GLU G 193 -35.24 35.10 -22.04
C GLU G 193 -34.89 35.23 -23.52
N LEU H 3 11.35 -27.35 7.61
CA LEU H 3 11.23 -28.82 7.70
C LEU H 3 11.57 -29.28 9.13
N ILE H 4 10.58 -29.91 9.76
CA ILE H 4 10.77 -30.64 11.01
C ILE H 4 11.28 -32.03 10.63
N PRO H 5 12.40 -32.54 11.21
CA PRO H 5 12.93 -33.84 10.82
C PRO H 5 12.09 -35.00 11.33
N THR H 6 12.21 -36.16 10.65
CA THR H 6 11.49 -37.35 11.01
C THR H 6 12.46 -38.39 11.56
N VAL H 7 11.95 -39.17 12.51
CA VAL H 7 12.72 -40.20 13.21
C VAL H 7 11.93 -41.50 13.10
N ILE H 8 12.64 -42.62 12.88
CA ILE H 8 11.98 -43.91 12.71
C ILE H 8 12.62 -44.95 13.65
N GLU H 9 11.75 -45.57 14.48
CA GLU H 9 12.12 -46.64 15.39
C GLU H 9 11.59 -47.98 14.91
N THR H 10 12.23 -49.05 15.41
CA THR H 10 11.85 -50.42 15.11
C THR H 10 11.01 -50.94 16.29
N THR H 11 9.69 -51.09 16.08
CA THR H 11 8.77 -51.68 17.05
C THR H 11 8.48 -53.12 16.65
N ASN H 12 7.59 -53.80 17.38
CA ASN H 12 7.21 -55.16 17.04
C ASN H 12 6.01 -55.19 16.09
N ARG H 13 5.35 -54.06 15.88
CA ARG H 13 4.27 -53.95 14.90
C ARG H 13 4.77 -53.18 13.67
N GLY H 14 6.02 -53.45 13.26
CA GLY H 14 6.65 -52.72 12.17
C GLY H 14 7.30 -51.42 12.64
N GLU H 15 7.77 -50.61 11.68
CA GLU H 15 8.45 -49.36 11.95
C GLU H 15 7.41 -48.25 12.17
N ARG H 16 7.59 -47.46 13.24
CA ARG H 16 6.76 -46.30 13.52
C ARG H 16 7.57 -45.02 13.28
N ALA H 17 6.98 -44.07 12.56
CA ALA H 17 7.68 -42.85 12.15
C ALA H 17 7.08 -41.63 12.85
N TYR H 18 7.95 -40.87 13.54
CA TYR H 18 7.56 -39.73 14.33
C TYR H 18 8.28 -38.49 13.82
N ASP H 19 7.58 -37.34 13.82
CA ASP H 19 8.28 -36.07 13.80
C ASP H 19 8.97 -35.92 15.16
N ILE H 20 10.06 -35.16 15.17
CA ILE H 20 10.96 -35.15 16.32
C ILE H 20 10.24 -34.69 17.58
N TYR H 21 9.24 -33.81 17.43
CA TYR H 21 8.56 -33.25 18.60
C TYR H 21 7.65 -34.31 19.19
N SER H 22 6.98 -35.05 18.29
CA SER H 22 6.10 -36.14 18.68
C SER H 22 6.91 -37.24 19.36
N ARG H 23 8.11 -37.51 18.84
CA ARG H 23 9.03 -38.48 19.43
C ARG H 23 9.36 -38.09 20.87
N LEU H 24 9.57 -36.79 21.11
CA LEU H 24 9.83 -36.34 22.48
C LEU H 24 8.57 -36.47 23.34
N LEU H 25 7.40 -36.22 22.76
CA LEU H 25 6.16 -36.28 23.51
C LEU H 25 5.92 -37.69 24.02
N LYS H 26 6.38 -38.70 23.26
CA LYS H 26 6.25 -40.09 23.66
C LYS H 26 6.99 -40.32 24.97
N ASP H 27 8.08 -39.57 25.22
CA ASP H 27 8.83 -39.67 26.46
C ASP H 27 8.44 -38.57 27.45
N ARG H 28 7.25 -37.98 27.28
CA ARG H 28 6.62 -37.11 28.27
C ARG H 28 7.34 -35.76 28.30
N ILE H 29 7.86 -35.35 27.13
CA ILE H 29 8.52 -34.06 26.96
C ILE H 29 7.63 -33.17 26.10
N ILE H 30 7.25 -32.01 26.66
CA ILE H 30 6.47 -31.03 25.92
C ILE H 30 7.37 -29.82 25.63
N MET H 31 7.29 -29.31 24.39
CA MET H 31 8.14 -28.21 23.97
C MET H 31 7.29 -26.94 23.90
N LEU H 32 7.52 -25.99 24.81
CA LEU H 32 7.00 -24.64 24.66
C LEU H 32 8.11 -23.76 24.11
N GLY H 33 8.13 -23.60 22.78
CA GLY H 33 9.25 -22.99 22.08
C GLY H 33 8.78 -21.94 21.10
N SER H 34 7.78 -21.14 21.51
CA SER H 34 7.27 -20.08 20.67
C SER H 34 6.48 -19.09 21.54
N GLN H 35 6.03 -18.02 20.89
CA GLN H 35 5.11 -17.08 21.52
C GLN H 35 3.94 -17.89 22.06
N ILE H 36 3.42 -17.52 23.24
CA ILE H 36 2.23 -18.13 23.83
C ILE H 36 0.99 -17.40 23.30
N ASP H 37 0.24 -18.06 22.40
CA ASP H 37 -1.07 -17.60 21.97
C ASP H 37 -2.08 -18.68 22.35
N ASP H 38 -3.34 -18.54 21.92
CA ASP H 38 -4.36 -19.50 22.29
C ASP H 38 -4.08 -20.87 21.66
N ASN H 39 -3.63 -20.94 20.40
CA ASN H 39 -3.33 -22.20 19.76
C ASN H 39 -2.26 -22.98 20.53
N VAL H 40 -1.19 -22.29 20.92
CA VAL H 40 -0.08 -22.93 21.61
C VAL H 40 -0.56 -23.47 22.95
N ALA H 41 -1.38 -22.67 23.65
CA ALA H 41 -1.94 -23.07 24.93
C ALA H 41 -2.83 -24.30 24.78
N ASN H 42 -3.67 -24.36 23.73
CA ASN H 42 -4.56 -25.51 23.55
C ASN H 42 -3.75 -26.78 23.31
N SER H 43 -2.74 -26.66 22.43
CA SER H 43 -1.81 -27.75 22.13
C SER H 43 -1.16 -28.28 23.40
N ILE H 44 -0.63 -27.38 24.23
CA ILE H 44 0.11 -27.79 25.42
C ILE H 44 -0.85 -28.34 26.48
N VAL H 45 -2.03 -27.73 26.63
CA VAL H 45 -3.03 -28.23 27.56
C VAL H 45 -3.37 -29.69 27.18
N SER H 46 -3.58 -29.92 25.89
CA SER H 46 -3.97 -31.23 25.38
C SER H 46 -2.90 -32.26 25.67
N GLN H 47 -1.64 -31.87 25.47
CA GLN H 47 -0.51 -32.77 25.71
C GLN H 47 -0.51 -33.13 27.19
N LEU H 48 -0.62 -32.11 28.04
CA LEU H 48 -0.61 -32.32 29.48
C LEU H 48 -1.66 -33.34 29.89
N LEU H 49 -2.88 -33.16 29.37
CA LEU H 49 -4.03 -34.00 29.70
C LEU H 49 -3.83 -35.42 29.18
N PHE H 50 -3.31 -35.52 27.94
CA PHE H 50 -3.00 -36.81 27.34
C PHE H 50 -1.98 -37.54 28.19
N LEU H 51 -0.90 -36.84 28.58
CA LEU H 51 0.19 -37.47 29.29
C LEU H 51 -0.27 -37.95 30.66
N GLN H 52 -1.19 -37.21 31.29
CA GLN H 52 -1.73 -37.60 32.57
C GLN H 52 -2.50 -38.93 32.43
N ALA H 53 -3.27 -39.04 31.34
CA ALA H 53 -4.09 -40.20 31.11
C ALA H 53 -3.20 -41.43 30.86
N GLN H 54 -2.12 -41.24 30.10
CA GLN H 54 -1.17 -42.33 29.87
C GLN H 54 -0.52 -42.77 31.19
N ASP H 55 -0.22 -41.82 32.07
CA ASP H 55 0.52 -42.12 33.28
C ASP H 55 0.36 -40.97 34.26
N SER H 56 -0.46 -41.20 35.29
CA SER H 56 -0.78 -40.19 36.27
C SER H 56 0.35 -40.01 37.29
N GLU H 57 1.40 -40.84 37.22
CA GLU H 57 2.41 -40.88 38.26
C GLU H 57 3.73 -40.29 37.77
N LYS H 58 4.18 -40.66 36.56
CA LYS H 58 5.49 -40.28 36.06
C LYS H 58 5.54 -38.79 35.72
N ASP H 59 6.74 -38.22 35.88
CA ASP H 59 6.98 -36.81 35.68
C ASP H 59 6.78 -36.45 34.21
N ILE H 60 6.43 -35.18 33.99
CA ILE H 60 6.38 -34.56 32.67
C ILE H 60 7.48 -33.49 32.64
N TYR H 61 8.03 -33.24 31.46
CA TYR H 61 9.09 -32.26 31.29
C TYR H 61 8.61 -31.20 30.30
N LEU H 62 8.56 -29.94 30.77
CA LEU H 62 8.15 -28.81 29.96
C LEU H 62 9.37 -27.95 29.67
N TYR H 63 9.89 -28.08 28.44
CA TYR H 63 10.95 -27.22 27.95
C TYR H 63 10.32 -25.87 27.63
N ILE H 64 10.98 -24.80 28.09
CA ILE H 64 10.49 -23.45 27.84
C ILE H 64 11.58 -22.63 27.18
N ASN H 65 11.33 -22.26 25.92
CA ASN H 65 12.08 -21.24 25.21
C ASN H 65 11.06 -20.32 24.55
N SER H 66 10.60 -19.31 25.32
CA SER H 66 9.45 -18.52 24.92
C SER H 66 9.58 -17.08 25.41
N PRO H 67 9.28 -16.09 24.55
CA PRO H 67 9.25 -14.70 24.95
C PRO H 67 7.94 -14.36 25.66
N GLY H 68 7.06 -15.36 25.77
CA GLY H 68 5.80 -15.19 26.46
C GLY H 68 4.67 -14.87 25.48
N GLY H 69 3.65 -14.18 25.97
CA GLY H 69 2.53 -13.81 25.12
C GLY H 69 1.29 -13.58 25.97
N SER H 70 0.15 -14.09 25.47
CA SER H 70 -1.15 -13.89 26.08
C SER H 70 -1.14 -14.36 27.53
N VAL H 71 -1.65 -13.52 28.44
CA VAL H 71 -1.74 -13.86 29.86
C VAL H 71 -2.77 -14.96 30.06
N THR H 72 -3.95 -14.83 29.42
CA THR H 72 -5.00 -15.82 29.62
C THR H 72 -4.53 -17.15 29.05
N ALA H 73 -3.93 -17.14 27.86
CA ALA H 73 -3.37 -18.34 27.27
C ALA H 73 -2.38 -18.99 28.24
N GLY H 74 -1.52 -18.15 28.84
CA GLY H 74 -0.56 -18.65 29.81
C GLY H 74 -1.22 -19.33 31.00
N PHE H 75 -2.36 -18.78 31.44
CA PHE H 75 -3.02 -19.31 32.62
C PHE H 75 -3.76 -20.61 32.32
N ALA H 76 -4.10 -20.82 31.05
CA ALA H 76 -4.69 -22.07 30.64
C ALA H 76 -3.68 -23.18 30.93
N ILE H 77 -2.44 -22.94 30.49
CA ILE H 77 -1.36 -23.89 30.71
C ILE H 77 -1.10 -24.00 32.20
N TYR H 78 -1.03 -22.85 32.88
CA TYR H 78 -0.67 -22.83 34.29
C TYR H 78 -1.65 -23.67 35.09
N ASP H 79 -2.96 -23.48 34.84
CA ASP H 79 -3.99 -24.14 35.62
C ASP H 79 -4.01 -25.63 35.31
N THR H 80 -3.76 -25.98 34.05
CA THR H 80 -3.66 -27.39 33.66
C THR H 80 -2.48 -28.04 34.39
N ILE H 81 -1.35 -27.32 34.50
CA ILE H 81 -0.18 -27.85 35.17
C ILE H 81 -0.53 -28.19 36.61
N GLN H 82 -1.18 -27.27 37.32
CA GLN H 82 -1.47 -27.47 38.74
C GLN H 82 -2.54 -28.54 38.91
N HIS H 83 -3.44 -28.71 37.92
CA HIS H 83 -4.59 -29.59 38.06
C HIS H 83 -4.21 -31.06 38.00
N ILE H 84 -3.35 -31.43 37.06
CA ILE H 84 -3.03 -32.83 36.80
C ILE H 84 -2.14 -33.39 37.92
N LYS H 85 -2.30 -34.70 38.17
CA LYS H 85 -1.60 -35.44 39.22
C LYS H 85 -0.09 -35.35 39.02
N PRO H 86 0.45 -35.63 37.81
CA PRO H 86 1.91 -35.70 37.63
C PRO H 86 2.63 -34.39 37.90
N ASP H 87 3.83 -34.49 38.48
CA ASP H 87 4.74 -33.36 38.57
C ASP H 87 5.12 -32.96 37.15
N VAL H 88 5.03 -31.66 36.86
CA VAL H 88 5.55 -31.09 35.62
C VAL H 88 6.84 -30.34 35.94
N GLN H 89 7.98 -30.89 35.48
CA GLN H 89 9.25 -30.21 35.57
C GLN H 89 9.30 -29.13 34.52
N THR H 90 9.93 -28.00 34.85
CA THR H 90 10.16 -26.91 33.90
C THR H 90 11.66 -26.75 33.70
N ILE H 91 12.07 -26.48 32.45
CA ILE H 91 13.47 -26.39 32.06
C ILE H 91 13.63 -25.23 31.08
N CYS H 92 14.25 -24.13 31.53
CA CYS H 92 14.45 -22.96 30.68
C CYS H 92 15.73 -23.12 29.86
N ILE H 93 15.56 -23.04 28.54
CA ILE H 93 16.65 -23.16 27.58
C ILE H 93 16.47 -22.05 26.56
N GLY H 94 17.51 -21.23 26.39
CA GLY H 94 17.44 -20.03 25.58
C GLY H 94 16.91 -18.83 26.38
N MET H 95 15.59 -18.66 26.41
CA MET H 95 15.01 -17.66 27.28
C MET H 95 13.60 -18.03 27.71
N ALA H 96 13.20 -17.38 28.81
CA ALA H 96 11.83 -17.32 29.28
C ALA H 96 11.55 -15.87 29.64
N ALA H 97 10.60 -15.24 28.95
CA ALA H 97 10.19 -13.90 29.31
C ALA H 97 8.67 -13.86 29.42
N SER H 98 8.15 -12.86 30.16
CA SER H 98 6.70 -12.65 30.28
C SER H 98 6.07 -13.90 30.90
N MET H 99 4.98 -14.41 30.30
CA MET H 99 4.31 -15.60 30.80
C MET H 99 5.21 -16.83 30.64
N GLY H 100 6.23 -16.74 29.78
CA GLY H 100 7.24 -17.79 29.68
C GLY H 100 7.94 -18.05 31.02
N SER H 101 8.32 -16.96 31.69
CA SER H 101 9.04 -17.07 32.95
C SER H 101 8.05 -17.33 34.11
N PHE H 102 6.79 -16.91 33.92
CA PHE H 102 5.73 -17.24 34.86
C PHE H 102 5.55 -18.76 34.92
N LEU H 103 5.49 -19.39 33.74
CA LEU H 103 5.29 -20.83 33.65
C LEU H 103 6.52 -21.55 34.18
N LEU H 104 7.71 -21.00 33.92
CA LEU H 104 8.93 -21.57 34.46
C LEU H 104 8.80 -21.68 35.99
N ALA H 105 8.37 -20.59 36.62
CA ALA H 105 8.21 -20.54 38.06
C ALA H 105 7.11 -21.51 38.52
N ALA H 106 6.21 -21.88 37.61
CA ALA H 106 5.00 -22.64 37.91
C ALA H 106 5.26 -24.15 37.96
N GLY H 107 6.49 -24.59 37.69
CA GLY H 107 6.82 -26.00 37.71
C GLY H 107 6.77 -26.59 39.12
N ALA H 108 6.79 -27.92 39.18
CA ALA H 108 6.74 -28.65 40.44
C ALA H 108 7.91 -28.25 41.32
N LYS H 109 7.67 -28.18 42.63
CA LYS H 109 8.63 -27.61 43.58
C LYS H 109 9.86 -28.52 43.65
N GLY H 110 11.04 -27.91 43.51
CA GLY H 110 12.30 -28.64 43.48
C GLY H 110 12.66 -29.14 42.08
N LYS H 111 11.82 -28.87 41.08
CA LYS H 111 12.03 -29.45 39.76
C LYS H 111 11.87 -28.39 38.67
N ARG H 112 12.27 -27.15 39.02
CA ARG H 112 12.34 -26.05 38.08
C ARG H 112 13.81 -25.73 37.85
N PHE H 113 14.17 -25.63 36.57
CA PHE H 113 15.56 -25.66 36.14
C PHE H 113 15.79 -24.65 35.01
N ALA H 114 17.03 -24.20 34.86
CA ALA H 114 17.47 -23.55 33.64
C ALA H 114 18.91 -23.95 33.38
N LEU H 115 19.27 -24.00 32.09
CA LEU H 115 20.65 -24.26 31.71
C LEU H 115 21.46 -22.96 31.86
N PRO H 116 22.81 -23.05 32.01
CA PRO H 116 23.59 -21.96 32.60
C PRO H 116 23.52 -20.62 31.88
N ASN H 117 23.31 -20.64 30.55
CA ASN H 117 23.32 -19.41 29.76
C ASN H 117 21.90 -19.02 29.33
N ALA H 118 20.88 -19.70 29.89
CA ALA H 118 19.50 -19.31 29.64
C ALA H 118 19.21 -17.98 30.33
N GLU H 119 18.29 -17.23 29.74
CA GLU H 119 17.95 -15.88 30.16
C GLU H 119 16.50 -15.84 30.66
N VAL H 120 16.26 -15.23 31.82
CA VAL H 120 14.93 -15.14 32.37
C VAL H 120 14.58 -13.66 32.53
N MET H 121 13.44 -13.22 31.95
CA MET H 121 13.04 -11.84 32.08
C MET H 121 11.65 -11.75 32.73
N ILE H 122 11.49 -10.79 33.65
CA ILE H 122 10.21 -10.51 34.27
C ILE H 122 9.91 -9.02 34.13
N HIS H 123 8.64 -8.70 33.84
CA HIS H 123 8.18 -7.33 33.70
C HIS H 123 6.69 -7.32 33.99
N GLN H 124 6.02 -6.20 33.75
CA GLN H 124 4.59 -6.14 34.02
C GLN H 124 3.83 -6.45 32.74
N PRO H 125 2.54 -6.85 32.84
CA PRO H 125 1.72 -7.11 31.65
C PRO H 125 1.50 -5.86 30.81
N LEU H 126 1.33 -6.10 29.51
CA LEU H 126 1.17 -5.08 28.50
C LEU H 126 -0.25 -5.18 27.95
N GLY H 127 -0.83 -4.05 27.56
CA GLY H 127 -2.19 -4.05 27.03
C GLY H 127 -2.51 -2.75 26.30
N GLY H 128 -3.80 -2.57 26.03
CA GLY H 128 -4.27 -1.41 25.30
C GLY H 128 -5.73 -1.15 25.63
N ALA H 129 -6.16 0.10 25.41
CA ALA H 129 -7.55 0.50 25.61
C ALA H 129 -7.83 1.74 24.78
N GLN H 130 -9.01 1.78 24.16
CA GLN H 130 -9.49 3.02 23.55
C GLN H 130 -10.98 3.14 23.82
N GLY H 131 -11.52 4.32 23.52
CA GLY H 131 -12.94 4.58 23.65
C GLY H 131 -13.22 5.57 24.77
N GLN H 132 -14.42 5.48 25.33
CA GLN H 132 -14.87 6.40 26.35
C GLN H 132 -14.04 6.23 27.62
N ALA H 133 -13.99 7.28 28.43
CA ALA H 133 -13.29 7.25 29.71
C ALA H 133 -13.67 5.99 30.50
N THR H 134 -14.97 5.70 30.52
CA THR H 134 -15.54 4.61 31.28
C THR H 134 -15.04 3.28 30.75
N GLU H 135 -14.79 3.21 29.43
CA GLU H 135 -14.23 2.02 28.82
C GLU H 135 -12.76 1.87 29.21
N ILE H 136 -12.02 2.99 29.21
CA ILE H 136 -10.62 2.98 29.59
C ILE H 136 -10.49 2.47 31.03
N GLU H 137 -11.39 2.95 31.90
CA GLU H 137 -11.35 2.62 33.31
C GLU H 137 -11.51 1.10 33.49
N ILE H 138 -12.50 0.51 32.80
CA ILE H 138 -12.74 -0.92 32.86
C ILE H 138 -11.48 -1.66 32.40
N ALA H 139 -10.84 -1.20 31.31
CA ALA H 139 -9.64 -1.84 30.80
C ALA H 139 -8.49 -1.70 31.81
N ALA H 140 -8.39 -0.53 32.43
CA ALA H 140 -7.34 -0.28 33.40
C ALA H 140 -7.48 -1.23 34.60
N ASN H 141 -8.70 -1.33 35.16
CA ASN H 141 -8.95 -2.15 36.34
C ASN H 141 -8.64 -3.60 36.03
N HIS H 142 -9.01 -4.00 34.80
CA HIS H 142 -8.84 -5.36 34.34
C HIS H 142 -7.35 -5.71 34.34
N ILE H 143 -6.51 -4.88 33.71
CA ILE H 143 -5.10 -5.20 33.58
C ILE H 143 -4.40 -5.05 34.93
N LEU H 144 -4.85 -4.10 35.78
CA LEU H 144 -4.30 -3.97 37.12
C LEU H 144 -4.61 -5.22 37.95
N LYS H 145 -5.84 -5.68 37.93
CA LYS H 145 -6.23 -6.90 38.61
C LYS H 145 -5.42 -8.08 38.09
N THR H 146 -5.22 -8.14 36.77
CA THR H 146 -4.46 -9.22 36.15
C THR H 146 -3.04 -9.24 36.73
N ARG H 147 -2.46 -8.05 36.91
CA ARG H 147 -1.12 -7.94 37.43
C ARG H 147 -1.09 -8.43 38.88
N GLU H 148 -2.06 -8.01 39.70
CA GLU H 148 -2.14 -8.43 41.10
C GLU H 148 -2.15 -9.95 41.17
N LYS H 149 -2.91 -10.59 40.27
CA LYS H 149 -3.05 -12.03 40.20
C LYS H 149 -1.68 -12.68 39.91
N LEU H 150 -1.00 -12.18 38.87
CA LEU H 150 0.29 -12.70 38.46
C LEU H 150 1.29 -12.57 39.63
N ASN H 151 1.32 -11.38 40.24
CA ASN H 151 2.30 -11.07 41.26
C ASN H 151 2.07 -11.93 42.50
N ARG H 152 0.81 -12.18 42.86
CA ARG H 152 0.46 -12.94 44.05
C ARG H 152 0.92 -14.39 43.90
N ILE H 153 0.74 -14.97 42.71
CA ILE H 153 1.16 -16.35 42.44
C ILE H 153 2.68 -16.44 42.38
N LEU H 154 3.34 -15.44 41.77
CA LEU H 154 4.80 -15.38 41.77
C LEU H 154 5.33 -15.31 43.20
N SER H 155 4.65 -14.54 44.05
CA SER H 155 5.02 -14.43 45.45
C SER H 155 5.01 -15.81 46.11
N GLU H 156 3.91 -16.54 45.94
CA GLU H 156 3.77 -17.88 46.50
C GLU H 156 4.90 -18.76 45.98
N ARG H 157 5.17 -18.66 44.67
CA ARG H 157 6.03 -19.58 43.95
C ARG H 157 7.52 -19.34 44.22
N THR H 158 7.90 -18.09 44.50
CA THR H 158 9.29 -17.69 44.64
C THR H 158 9.68 -17.48 46.11
N GLY H 159 8.72 -17.12 46.97
CA GLY H 159 9.00 -16.81 48.36
C GLY H 159 9.24 -15.32 48.60
N GLN H 160 9.36 -14.54 47.52
CA GLN H 160 9.51 -13.08 47.64
C GLN H 160 8.17 -12.47 48.00
N SER H 161 8.21 -11.24 48.53
CA SER H 161 7.00 -10.52 48.89
C SER H 161 6.37 -9.89 47.65
N ILE H 162 5.08 -9.57 47.76
CA ILE H 162 4.32 -8.91 46.70
C ILE H 162 4.89 -7.52 46.43
N GLU H 163 5.34 -6.87 47.50
CA GLU H 163 5.98 -5.56 47.43
C GLU H 163 7.18 -5.62 46.50
N LYS H 164 8.00 -6.67 46.66
CA LYS H 164 9.25 -6.79 45.93
C LYS H 164 8.98 -7.19 44.48
N ILE H 165 8.05 -8.14 44.28
CA ILE H 165 7.67 -8.59 42.95
C ILE H 165 7.20 -7.38 42.13
N GLN H 166 6.46 -6.46 42.77
CA GLN H 166 5.95 -5.33 42.03
C GLN H 166 7.09 -4.38 41.65
N LYS H 167 8.01 -4.11 42.57
CA LYS H 167 9.15 -3.25 42.29
C LYS H 167 10.00 -3.85 41.18
N ASP H 168 10.22 -5.17 41.27
CA ASP H 168 11.17 -5.85 40.41
C ASP H 168 10.56 -6.13 39.04
N THR H 169 9.24 -5.94 38.87
CA THR H 169 8.60 -6.16 37.58
C THR H 169 8.18 -4.84 36.94
N ASP H 170 8.48 -3.71 37.60
CA ASP H 170 8.00 -2.42 37.16
C ASP H 170 8.47 -2.14 35.73
N ARG H 171 9.73 -2.49 35.45
CA ARG H 171 10.30 -2.39 34.11
C ARG H 171 10.98 -3.72 33.79
N ASP H 172 11.38 -3.91 32.53
CA ASP H 172 12.03 -5.13 32.08
C ASP H 172 13.21 -5.44 33.00
N ASN H 173 13.22 -6.68 33.51
CA ASN H 173 14.20 -7.12 34.50
C ASN H 173 14.78 -8.45 34.02
N PHE H 174 15.98 -8.40 33.41
CA PHE H 174 16.66 -9.57 32.86
C PHE H 174 17.50 -10.24 33.96
N LEU H 175 17.38 -11.57 34.08
CA LEU H 175 18.11 -12.32 35.09
C LEU H 175 18.90 -13.43 34.41
N THR H 176 20.11 -13.67 34.94
CA THR H 176 20.85 -14.87 34.59
C THR H 176 20.19 -16.08 35.25
N ALA H 177 20.56 -17.27 34.78
CA ALA H 177 20.10 -18.51 35.37
C ALA H 177 20.35 -18.48 36.89
N GLU H 178 21.59 -18.17 37.27
CA GLU H 178 22.00 -18.19 38.67
C GLU H 178 21.17 -17.16 39.46
N GLU H 179 20.92 -15.98 38.88
CA GLU H 179 20.12 -14.94 39.53
C GLU H 179 18.67 -15.40 39.68
N ALA H 180 18.16 -16.11 38.66
CA ALA H 180 16.82 -16.66 38.69
C ALA H 180 16.70 -17.64 39.86
N LYS H 181 17.75 -18.42 40.11
CA LYS H 181 17.75 -19.37 41.21
C LYS H 181 17.69 -18.66 42.57
N GLU H 182 18.48 -17.61 42.77
CA GLU H 182 18.47 -16.93 44.07
C GLU H 182 17.18 -16.10 44.20
N TYR H 183 16.51 -15.82 43.08
CA TYR H 183 15.24 -15.12 43.13
C TYR H 183 14.11 -16.07 43.56
N GLY H 184 14.29 -17.37 43.33
CA GLY H 184 13.28 -18.37 43.64
C GLY H 184 12.36 -18.69 42.45
N LEU H 185 12.74 -18.23 41.25
CA LEU H 185 12.03 -18.55 40.02
C LEU H 185 12.33 -19.98 39.59
N ILE H 186 13.54 -20.45 39.88
CA ILE H 186 13.92 -21.83 39.63
C ILE H 186 14.60 -22.36 40.89
N ASP H 187 14.81 -23.69 40.92
CA ASP H 187 15.40 -24.34 42.07
C ASP H 187 16.89 -24.62 41.84
N GLU H 188 17.28 -24.79 40.57
CA GLU H 188 18.60 -25.33 40.25
C GLU H 188 19.02 -24.90 38.85
N VAL H 189 20.33 -24.73 38.67
CA VAL H 189 20.91 -24.57 37.34
C VAL H 189 21.44 -25.94 36.92
N MET H 190 21.01 -26.41 35.75
CA MET H 190 21.40 -27.72 35.26
C MET H 190 22.86 -27.67 34.81
N VAL H 191 23.72 -28.45 35.46
CA VAL H 191 25.13 -28.43 35.11
C VAL H 191 25.42 -29.60 34.19
N PRO H 192 26.34 -29.41 33.20
CA PRO H 192 26.70 -30.47 32.25
C PRO H 192 26.94 -31.87 32.81
N GLU H 193 26.48 -32.88 32.06
CA GLU H 193 26.82 -34.27 32.28
C GLU H 193 28.24 -34.53 31.74
N LEU I 3 2.93 -26.79 14.32
CA LEU I 3 2.87 -28.28 14.25
C LEU I 3 1.99 -28.79 15.40
N ILE I 4 0.98 -29.59 15.03
CA ILE I 4 0.16 -30.31 15.99
C ILE I 4 0.83 -31.65 16.28
N PRO I 5 1.16 -32.00 17.55
CA PRO I 5 1.86 -33.24 17.83
C PRO I 5 1.04 -34.49 17.45
N THR I 6 1.76 -35.55 17.05
CA THR I 6 1.14 -36.84 16.79
C THR I 6 1.38 -37.76 17.98
N VAL I 7 0.42 -38.65 18.21
CA VAL I 7 0.38 -39.56 19.36
C VAL I 7 0.07 -40.97 18.82
N ILE I 8 0.84 -41.98 19.24
CA ILE I 8 0.68 -43.32 18.71
C ILE I 8 0.44 -44.32 19.85
N GLU I 9 -0.64 -45.11 19.74
CA GLU I 9 -0.97 -46.15 20.70
C GLU I 9 -0.87 -47.54 20.07
N THR I 10 -0.66 -48.56 20.92
CA THR I 10 -0.72 -49.95 20.53
C THR I 10 -2.11 -50.50 20.80
N THR I 11 -2.91 -50.65 19.74
CA THR I 11 -4.23 -51.25 19.83
C THR I 11 -4.09 -52.78 19.80
N ASN I 12 -5.21 -53.49 19.93
CA ASN I 12 -5.24 -54.93 19.72
C ASN I 12 -5.03 -55.21 18.24
N ARG I 13 -5.70 -54.41 17.38
CA ARG I 13 -5.66 -54.58 15.94
C ARG I 13 -4.64 -53.61 15.32
N GLY I 14 -3.37 -53.75 15.72
CA GLY I 14 -2.28 -52.95 15.17
C GLY I 14 -2.08 -51.64 15.93
N GLU I 15 -1.29 -50.72 15.35
CA GLU I 15 -1.07 -49.40 15.91
C GLU I 15 -1.99 -48.38 15.25
N ARG I 16 -2.41 -47.36 16.03
CA ARG I 16 -3.21 -46.26 15.53
C ARG I 16 -2.51 -44.95 15.89
N ALA I 17 -2.32 -44.08 14.88
CA ALA I 17 -1.67 -42.79 15.06
C ALA I 17 -2.70 -41.67 14.93
N TYR I 18 -2.68 -40.74 15.89
CA TYR I 18 -3.64 -39.66 16.02
C TYR I 18 -2.91 -38.34 16.21
N ASP I 19 -3.41 -37.27 15.59
CA ASP I 19 -3.06 -35.93 16.05
C ASP I 19 -3.73 -35.75 17.42
N ILE I 20 -3.11 -34.93 18.28
CA ILE I 20 -3.45 -34.89 19.69
C ILE I 20 -4.94 -34.57 19.89
N TYR I 21 -5.50 -33.70 19.05
CA TYR I 21 -6.86 -33.24 19.24
C TYR I 21 -7.84 -34.35 18.89
N SER I 22 -7.53 -35.09 17.82
CA SER I 22 -8.31 -36.27 17.42
C SER I 22 -8.24 -37.37 18.49
N ARG I 23 -7.09 -37.50 19.15
CA ARG I 23 -6.92 -38.46 20.23
C ARG I 23 -7.89 -38.12 21.36
N LEU I 24 -8.00 -36.84 21.69
CA LEU I 24 -8.86 -36.39 22.77
C LEU I 24 -10.33 -36.57 22.39
N LEU I 25 -10.63 -36.41 21.09
CA LEU I 25 -11.98 -36.58 20.58
C LEU I 25 -12.41 -38.04 20.76
N LYS I 26 -11.46 -38.98 20.61
CA LYS I 26 -11.78 -40.38 20.83
C LYS I 26 -12.32 -40.56 22.25
N ASP I 27 -11.84 -39.75 23.21
CA ASP I 27 -12.31 -39.85 24.58
C ASP I 27 -13.40 -38.82 24.90
N ARG I 28 -14.08 -38.32 23.85
CA ARG I 28 -15.31 -37.54 23.97
C ARG I 28 -14.98 -36.13 24.48
N ILE I 29 -13.77 -35.64 24.17
CA ILE I 29 -13.34 -34.31 24.54
C ILE I 29 -13.32 -33.45 23.29
N ILE I 30 -14.04 -32.32 23.33
CA ILE I 30 -14.03 -31.35 22.24
C ILE I 30 -13.29 -30.11 22.71
N MET I 31 -12.42 -29.57 21.83
CA MET I 31 -11.62 -28.40 22.14
C MET I 31 -12.15 -27.18 21.39
N LEU I 32 -12.80 -26.27 22.12
CA LEU I 32 -13.13 -24.94 21.59
C LEU I 32 -12.06 -23.98 22.08
N GLY I 33 -11.05 -23.73 21.23
CA GLY I 33 -9.85 -23.05 21.67
C GLY I 33 -9.47 -21.88 20.76
N SER I 34 -10.49 -21.23 20.19
CA SER I 34 -10.28 -20.21 19.18
C SER I 34 -11.48 -19.28 19.12
N GLN I 35 -11.39 -18.27 18.25
CA GLN I 35 -12.51 -17.41 17.91
C GLN I 35 -13.63 -18.27 17.32
N ILE I 36 -14.88 -17.88 17.56
CA ILE I 36 -16.03 -18.63 17.08
C ILE I 36 -16.51 -18.04 15.75
N ASP I 37 -16.24 -18.76 14.65
CA ASP I 37 -16.84 -18.44 13.37
C ASP I 37 -17.62 -19.66 12.90
N ASP I 38 -18.08 -19.63 11.64
CA ASP I 38 -18.89 -20.69 11.08
C ASP I 38 -18.09 -22.00 11.03
N ASN I 39 -16.84 -21.94 10.52
CA ASN I 39 -16.01 -23.13 10.41
C ASN I 39 -15.86 -23.83 11.75
N VAL I 40 -15.56 -23.06 12.80
CA VAL I 40 -15.41 -23.61 14.14
C VAL I 40 -16.72 -24.23 14.58
N ALA I 41 -17.83 -23.51 14.35
CA ALA I 41 -19.15 -24.01 14.70
C ALA I 41 -19.44 -25.31 13.97
N ASN I 42 -19.17 -25.39 12.66
CA ASN I 42 -19.51 -26.60 11.90
C ASN I 42 -18.72 -27.80 12.41
N SER I 43 -17.45 -27.57 12.78
CA SER I 43 -16.59 -28.64 13.25
C SER I 43 -17.10 -29.16 14.60
N ILE I 44 -17.41 -28.26 15.52
CA ILE I 44 -17.84 -28.66 16.85
C ILE I 44 -19.20 -29.35 16.79
N VAL I 45 -20.11 -28.83 15.95
CA VAL I 45 -21.43 -29.43 15.75
C VAL I 45 -21.25 -30.86 15.22
N SER I 46 -20.35 -31.02 14.24
CA SER I 46 -20.08 -32.32 13.66
C SER I 46 -19.52 -33.28 14.71
N GLN I 47 -18.65 -32.75 15.58
CA GLN I 47 -18.05 -33.54 16.64
C GLN I 47 -19.13 -33.97 17.63
N LEU I 48 -20.00 -33.03 18.03
CA LEU I 48 -21.07 -33.36 18.95
C LEU I 48 -21.96 -34.47 18.38
N LEU I 49 -22.32 -34.33 17.10
CA LEU I 49 -23.22 -35.26 16.43
C LEU I 49 -22.59 -36.66 16.43
N PHE I 50 -21.32 -36.72 16.08
CA PHE I 50 -20.58 -37.97 16.00
C PHE I 50 -20.52 -38.64 17.36
N LEU I 51 -20.21 -37.87 18.40
CA LEU I 51 -20.02 -38.44 19.73
C LEU I 51 -21.32 -39.02 20.26
N GLN I 52 -22.44 -38.36 19.95
CA GLN I 52 -23.75 -38.85 20.35
C GLN I 52 -24.09 -40.16 19.64
N ALA I 53 -23.77 -40.24 18.35
CA ALA I 53 -24.00 -41.44 17.56
C ALA I 53 -23.15 -42.59 18.07
N GLN I 54 -21.95 -42.30 18.60
CA GLN I 54 -21.10 -43.33 19.15
C GLN I 54 -21.69 -43.87 20.44
N ASP I 55 -22.22 -42.96 21.26
CA ASP I 55 -22.72 -43.35 22.56
C ASP I 55 -23.62 -42.24 23.09
N SER I 56 -24.91 -42.53 23.21
CA SER I 56 -25.91 -41.55 23.57
C SER I 56 -25.92 -41.29 25.07
N GLU I 57 -25.29 -42.14 25.89
CA GLU I 57 -25.41 -42.05 27.34
C GLU I 57 -24.23 -41.27 27.93
N LYS I 58 -23.01 -41.56 27.46
CA LYS I 58 -21.79 -41.06 28.10
C LYS I 58 -21.65 -39.54 27.94
N ASP I 59 -21.14 -38.88 29.00
CA ASP I 59 -20.85 -37.46 28.96
C ASP I 59 -19.84 -37.14 27.86
N ILE I 60 -19.99 -35.91 27.32
CA ILE I 60 -19.04 -35.24 26.46
C ILE I 60 -18.40 -34.11 27.25
N TYR I 61 -17.12 -33.82 26.98
CA TYR I 61 -16.40 -32.72 27.61
C TYR I 61 -16.05 -31.64 26.58
N LEU I 62 -16.58 -30.43 26.78
CA LEU I 62 -16.26 -29.29 25.94
C LEU I 62 -15.33 -28.34 26.69
N TYR I 63 -14.07 -28.28 26.25
CA TYR I 63 -13.07 -27.33 26.74
C TYR I 63 -13.30 -25.98 26.08
N ILE I 64 -13.30 -24.90 26.87
CA ILE I 64 -13.59 -23.56 26.34
C ILE I 64 -12.45 -22.62 26.71
N ASN I 65 -11.69 -22.24 25.68
CA ASN I 65 -10.72 -21.15 25.73
C ASN I 65 -10.94 -20.26 24.53
N SER I 66 -11.91 -19.35 24.65
CA SER I 66 -12.38 -18.63 23.49
C SER I 66 -12.78 -17.20 23.85
N PRO I 67 -12.42 -16.20 23.01
CA PRO I 67 -12.92 -14.83 23.17
C PRO I 67 -14.32 -14.62 22.62
N GLY I 68 -14.95 -15.71 22.16
CA GLY I 68 -16.26 -15.62 21.54
C GLY I 68 -16.11 -15.37 20.04
N GLY I 69 -17.07 -14.63 19.46
CA GLY I 69 -17.18 -14.46 18.03
C GLY I 69 -18.64 -14.36 17.59
N SER I 70 -18.96 -14.97 16.44
CA SER I 70 -20.28 -14.90 15.83
C SER I 70 -21.34 -15.47 16.77
N VAL I 71 -22.44 -14.73 16.93
CA VAL I 71 -23.57 -15.13 17.76
C VAL I 71 -24.29 -16.32 17.12
N THR I 72 -24.55 -16.25 15.82
CA THR I 72 -25.28 -17.34 15.16
C THR I 72 -24.43 -18.61 15.21
N ALA I 73 -23.12 -18.48 14.96
CA ALA I 73 -22.25 -19.64 14.98
C ALA I 73 -22.23 -20.22 16.39
N GLY I 74 -22.32 -19.32 17.37
CA GLY I 74 -22.42 -19.71 18.77
C GLY I 74 -23.70 -20.50 19.04
N PHE I 75 -24.82 -20.05 18.47
CA PHE I 75 -26.10 -20.70 18.68
C PHE I 75 -26.16 -22.03 17.96
N ALA I 76 -25.40 -22.17 16.86
CA ALA I 76 -25.26 -23.44 16.19
C ALA I 76 -24.78 -24.47 17.20
N ILE I 77 -23.73 -24.10 17.94
CA ILE I 77 -23.13 -24.97 18.93
C ILE I 77 -24.13 -25.16 20.06
N TYR I 78 -24.72 -24.06 20.53
CA TYR I 78 -25.61 -24.10 21.68
C TYR I 78 -26.72 -25.10 21.44
N ASP I 79 -27.42 -24.95 20.30
CA ASP I 79 -28.60 -25.74 19.99
C ASP I 79 -28.24 -27.22 19.87
N THR I 80 -27.07 -27.51 19.31
CA THR I 80 -26.63 -28.87 19.13
C THR I 80 -26.41 -29.50 20.50
N ILE I 81 -25.78 -28.75 21.40
CA ILE I 81 -25.57 -29.20 22.78
C ILE I 81 -26.90 -29.58 23.41
N GLN I 82 -27.92 -28.71 23.31
CA GLN I 82 -29.17 -28.96 24.00
C GLN I 82 -29.95 -30.10 23.35
N HIS I 83 -29.73 -30.32 22.03
CA HIS I 83 -30.53 -31.29 21.27
C HIS I 83 -30.09 -32.72 21.52
N ILE I 84 -28.79 -32.98 21.66
CA ILE I 84 -28.28 -34.33 21.77
C ILE I 84 -28.57 -34.88 23.17
N LYS I 85 -28.70 -36.21 23.26
CA LYS I 85 -29.05 -36.89 24.51
C LYS I 85 -27.96 -36.65 25.55
N PRO I 86 -26.66 -36.88 25.26
CA PRO I 86 -25.61 -36.81 26.27
C PRO I 86 -25.46 -35.44 26.95
N ASP I 87 -25.10 -35.49 28.23
CA ASP I 87 -24.65 -34.33 28.96
C ASP I 87 -23.32 -33.83 28.38
N VAL I 88 -23.30 -32.55 27.98
CA VAL I 88 -22.08 -31.88 27.57
C VAL I 88 -21.59 -31.02 28.74
N GLN I 89 -20.52 -31.48 29.39
CA GLN I 89 -19.83 -30.68 30.41
C GLN I 89 -19.04 -29.58 29.72
N THR I 90 -18.95 -28.43 30.39
CA THR I 90 -18.20 -27.28 29.89
C THR I 90 -17.12 -26.93 30.92
N ILE I 91 -15.89 -26.72 30.41
CA ILE I 91 -14.73 -26.47 31.25
C ILE I 91 -13.99 -25.26 30.68
N CYS I 92 -14.05 -24.14 31.42
CA CYS I 92 -13.37 -22.93 31.03
C CYS I 92 -11.94 -22.98 31.53
N ILE I 93 -11.01 -22.93 30.58
CA ILE I 93 -9.59 -22.90 30.83
C ILE I 93 -9.02 -21.71 30.07
N GLY I 94 -8.37 -20.80 30.80
CA GLY I 94 -7.82 -19.59 30.21
C GLY I 94 -8.82 -18.43 30.26
N MET I 95 -9.69 -18.35 29.24
CA MET I 95 -10.79 -17.40 29.29
C MET I 95 -11.97 -17.90 28.47
N ALA I 96 -13.15 -17.40 28.85
CA ALA I 96 -14.35 -17.45 28.03
C ALA I 96 -14.97 -16.06 28.02
N ALA I 97 -14.98 -15.42 26.85
CA ALA I 97 -15.65 -14.13 26.70
C ALA I 97 -16.72 -14.22 25.62
N SER I 98 -17.71 -13.31 25.70
CA SER I 98 -18.72 -13.15 24.67
C SER I 98 -19.44 -14.50 24.50
N MET I 99 -19.58 -15.00 23.26
CA MET I 99 -20.31 -16.25 23.07
C MET I 99 -19.59 -17.40 23.76
N GLY I 100 -18.28 -17.25 24.00
CA GLY I 100 -17.54 -18.26 24.73
C GLY I 100 -18.16 -18.51 26.10
N SER I 101 -18.41 -17.44 26.84
CA SER I 101 -18.95 -17.57 28.19
C SER I 101 -20.44 -17.96 28.11
N PHE I 102 -21.10 -17.62 26.99
CA PHE I 102 -22.48 -18.01 26.79
C PHE I 102 -22.53 -19.52 26.69
N LEU I 103 -21.60 -20.09 25.92
CA LEU I 103 -21.56 -21.53 25.75
C LEU I 103 -21.13 -22.22 27.04
N LEU I 104 -20.32 -21.53 27.86
CA LEU I 104 -19.89 -22.09 29.14
C LEU I 104 -21.12 -22.30 30.03
N ALA I 105 -21.97 -21.28 30.09
CA ALA I 105 -23.18 -21.35 30.87
C ALA I 105 -24.18 -22.38 30.30
N ALA I 106 -24.00 -22.79 29.04
CA ALA I 106 -24.93 -23.67 28.37
C ALA I 106 -24.64 -25.15 28.64
N GLY I 107 -23.59 -25.44 29.42
CA GLY I 107 -23.24 -26.81 29.74
C GLY I 107 -24.31 -27.47 30.60
N ALA I 108 -24.23 -28.80 30.71
CA ALA I 108 -25.16 -29.58 31.51
C ALA I 108 -25.16 -29.09 32.95
N LYS I 109 -26.35 -29.03 33.54
CA LYS I 109 -26.56 -28.41 34.84
C LYS I 109 -25.77 -29.22 35.86
N GLY I 110 -24.93 -28.54 36.64
CA GLY I 110 -24.09 -29.21 37.63
C GLY I 110 -22.77 -29.69 37.06
N LYS I 111 -22.56 -29.45 35.76
CA LYS I 111 -21.35 -29.89 35.08
C LYS I 111 -20.74 -28.76 34.26
N ARG I 112 -20.85 -27.53 34.77
CA ARG I 112 -20.18 -26.37 34.20
C ARG I 112 -19.08 -25.94 35.15
N PHE I 113 -17.85 -25.91 34.63
CA PHE I 113 -16.65 -25.77 35.44
C PHE I 113 -15.75 -24.67 34.88
N ALA I 114 -14.93 -24.11 35.76
CA ALA I 114 -13.77 -23.36 35.34
C ALA I 114 -12.63 -23.71 36.28
N LEU I 115 -11.39 -23.59 35.77
CA LEU I 115 -10.23 -23.78 36.61
C LEU I 115 -9.96 -22.45 37.31
N PRO I 116 -9.20 -22.44 38.44
CA PRO I 116 -9.19 -21.31 39.37
C PRO I 116 -8.81 -19.93 38.82
N ASN I 117 -7.93 -19.91 37.81
CA ASN I 117 -7.41 -18.65 37.28
C ASN I 117 -8.05 -18.34 35.93
N ALA I 118 -9.04 -19.13 35.52
CA ALA I 118 -9.76 -18.83 34.30
C ALA I 118 -10.52 -17.53 34.48
N GLU I 119 -10.70 -16.84 33.35
CA GLU I 119 -11.31 -15.53 33.30
C GLU I 119 -12.60 -15.64 32.48
N VAL I 120 -13.71 -15.14 33.03
CA VAL I 120 -14.97 -15.14 32.32
C VAL I 120 -15.39 -13.69 32.11
N MET I 121 -15.85 -13.36 30.90
CA MET I 121 -16.31 -12.01 30.61
C MET I 121 -17.63 -12.06 29.84
N ILE I 122 -18.56 -11.22 30.31
CA ILE I 122 -19.87 -11.03 29.71
C ILE I 122 -20.02 -9.57 29.30
N HIS I 123 -20.65 -9.34 28.13
CA HIS I 123 -20.88 -7.99 27.62
C HIS I 123 -22.03 -8.05 26.62
N GLN I 124 -22.38 -6.91 26.01
CA GLN I 124 -23.47 -6.93 25.05
C GLN I 124 -22.92 -7.25 23.66
N PRO I 125 -23.75 -7.81 22.77
CA PRO I 125 -23.35 -8.09 21.39
C PRO I 125 -22.84 -6.85 20.69
N LEU I 126 -21.98 -7.07 19.69
CA LEU I 126 -21.34 -6.02 18.92
C LEU I 126 -21.76 -6.18 17.46
N GLY I 127 -21.81 -5.09 16.72
CA GLY I 127 -22.19 -5.15 15.32
C GLY I 127 -22.01 -3.82 14.62
N GLY I 128 -22.66 -3.69 13.47
CA GLY I 128 -22.40 -2.55 12.62
C GLY I 128 -23.43 -2.46 11.51
N ALA I 129 -23.67 -1.24 11.06
CA ALA I 129 -24.62 -1.00 9.99
C ALA I 129 -24.28 0.34 9.34
N GLN I 130 -24.35 0.37 8.02
CA GLN I 130 -24.27 1.61 7.27
C GLN I 130 -25.31 1.54 6.16
N GLY I 131 -25.72 2.72 5.69
CA GLY I 131 -26.71 2.82 4.65
C GLY I 131 -27.86 3.72 5.09
N GLN I 132 -29.05 3.47 4.55
CA GLN I 132 -30.19 4.36 4.74
C GLN I 132 -30.70 4.26 6.17
N ALA I 133 -31.37 5.32 6.62
CA ALA I 133 -31.98 5.31 7.94
C ALA I 133 -32.71 4.00 8.18
N THR I 134 -33.49 3.58 7.18
CA THR I 134 -34.34 2.39 7.21
C THR I 134 -33.51 1.13 7.45
N GLU I 135 -32.32 1.05 6.84
CA GLU I 135 -31.44 -0.09 7.00
C GLU I 135 -30.79 -0.06 8.38
N ILE I 136 -30.45 1.14 8.89
CA ILE I 136 -29.88 1.28 10.23
C ILE I 136 -30.92 0.79 11.25
N GLU I 137 -32.20 1.10 11.01
CA GLU I 137 -33.29 0.69 11.87
C GLU I 137 -33.38 -0.83 11.92
N ILE I 138 -33.33 -1.46 10.74
CA ILE I 138 -33.45 -2.90 10.66
C ILE I 138 -32.32 -3.56 11.46
N ALA I 139 -31.09 -3.08 11.26
CA ALA I 139 -29.94 -3.64 11.93
C ALA I 139 -30.07 -3.48 13.45
N ALA I 140 -30.50 -2.28 13.86
CA ALA I 140 -30.69 -1.97 15.26
C ALA I 140 -31.66 -2.97 15.89
N ASN I 141 -32.84 -3.13 15.28
CA ASN I 141 -33.84 -4.05 15.79
C ASN I 141 -33.26 -5.45 15.87
N HIS I 142 -32.49 -5.82 14.83
CA HIS I 142 -31.94 -7.16 14.75
C HIS I 142 -31.00 -7.43 15.92
N ILE I 143 -30.08 -6.49 16.22
CA ILE I 143 -29.12 -6.74 17.28
C ILE I 143 -29.76 -6.57 18.66
N LEU I 144 -30.83 -5.77 18.77
CA LEU I 144 -31.52 -5.62 20.05
C LEU I 144 -32.31 -6.90 20.36
N LYS I 145 -32.95 -7.48 19.35
CA LYS I 145 -33.64 -8.76 19.51
C LYS I 145 -32.63 -9.84 19.89
N THR I 146 -31.53 -9.93 19.14
CA THR I 146 -30.47 -10.87 19.44
C THR I 146 -30.05 -10.74 20.90
N ARG I 147 -29.94 -9.50 21.38
CA ARG I 147 -29.53 -9.26 22.76
C ARG I 147 -30.57 -9.78 23.75
N GLU I 148 -31.86 -9.49 23.51
CA GLU I 148 -32.92 -10.03 24.35
C GLU I 148 -32.81 -11.55 24.40
N LYS I 149 -32.63 -12.16 23.23
CA LYS I 149 -32.55 -13.61 23.10
C LYS I 149 -31.45 -14.16 24.01
N LEU I 150 -30.24 -13.61 23.89
CA LEU I 150 -29.10 -14.04 24.67
C LEU I 150 -29.35 -13.85 26.15
N ASN I 151 -29.93 -12.70 26.50
CA ASN I 151 -30.13 -12.33 27.90
C ASN I 151 -31.18 -13.23 28.56
N ARG I 152 -32.24 -13.58 27.81
CA ARG I 152 -33.29 -14.43 28.32
C ARG I 152 -32.74 -15.80 28.67
N ILE I 153 -31.93 -16.37 27.77
CA ILE I 153 -31.39 -17.71 28.00
C ILE I 153 -30.42 -17.68 29.17
N LEU I 154 -29.61 -16.61 29.28
CA LEU I 154 -28.69 -16.45 30.39
C LEU I 154 -29.45 -16.38 31.71
N SER I 155 -30.63 -15.73 31.69
CA SER I 155 -31.47 -15.67 32.86
C SER I 155 -31.86 -17.07 33.30
N GLU I 156 -32.35 -17.87 32.35
CA GLU I 156 -32.76 -19.24 32.60
C GLU I 156 -31.59 -20.05 33.13
N ARG I 157 -30.40 -19.87 32.53
CA ARG I 157 -29.22 -20.68 32.80
C ARG I 157 -28.54 -20.32 34.12
N THR I 158 -28.61 -19.04 34.52
CA THR I 158 -27.91 -18.56 35.70
C THR I 158 -28.84 -18.44 36.90
N GLY I 159 -30.11 -18.12 36.66
CA GLY I 159 -31.04 -17.87 37.75
C GLY I 159 -31.12 -16.39 38.09
N GLN I 160 -30.38 -15.57 37.35
CA GLN I 160 -30.45 -14.12 37.52
C GLN I 160 -31.64 -13.59 36.73
N SER I 161 -32.15 -12.44 37.15
CA SER I 161 -33.22 -11.77 36.42
C SER I 161 -32.67 -11.17 35.14
N ILE I 162 -33.54 -11.07 34.12
CA ILE I 162 -33.25 -10.36 32.89
C ILE I 162 -32.79 -8.93 33.21
N GLU I 163 -33.44 -8.27 34.18
CA GLU I 163 -33.10 -6.87 34.50
C GLU I 163 -31.62 -6.81 34.88
N LYS I 164 -31.19 -7.76 35.71
CA LYS I 164 -29.84 -7.79 36.25
C LYS I 164 -28.85 -8.16 35.15
N ILE I 165 -29.19 -9.15 34.29
CA ILE I 165 -28.32 -9.54 33.20
C ILE I 165 -28.03 -8.31 32.34
N GLN I 166 -29.04 -7.46 32.14
CA GLN I 166 -28.87 -6.36 31.22
C GLN I 166 -27.96 -5.29 31.83
N LYS I 167 -28.13 -4.99 33.12
CA LYS I 167 -27.24 -4.06 33.79
C LYS I 167 -25.80 -4.56 33.74
N ASP I 168 -25.61 -5.85 34.05
CA ASP I 168 -24.30 -6.46 34.20
C ASP I 168 -23.62 -6.77 32.87
N THR I 169 -24.34 -6.66 31.74
CA THR I 169 -23.69 -6.85 30.43
C THR I 169 -23.58 -5.54 29.67
N ASP I 170 -23.99 -4.43 30.28
CA ASP I 170 -24.04 -3.14 29.62
C ASP I 170 -22.65 -2.75 29.09
N ARG I 171 -21.62 -2.97 29.92
CA ARG I 171 -20.24 -2.78 29.49
C ARG I 171 -19.47 -4.07 29.82
N ASP I 172 -18.26 -4.21 29.26
CA ASP I 172 -17.38 -5.33 29.54
C ASP I 172 -17.34 -5.60 31.05
N ASN I 173 -17.60 -6.86 31.41
CA ASN I 173 -17.69 -7.26 32.80
C ASN I 173 -16.84 -8.52 33.00
N PHE I 174 -15.65 -8.34 33.57
CA PHE I 174 -14.73 -9.44 33.81
C PHE I 174 -15.03 -10.07 35.17
N LEU I 175 -15.10 -11.41 35.19
CA LEU I 175 -15.40 -12.19 36.39
C LEU I 175 -14.27 -13.20 36.63
N THR I 176 -13.92 -13.39 37.91
CA THR I 176 -13.06 -14.50 38.30
C THR I 176 -13.87 -15.78 38.24
N ALA I 177 -13.20 -16.93 38.24
CA ALA I 177 -13.89 -18.21 38.25
C ALA I 177 -14.84 -18.29 39.45
N GLU I 178 -14.39 -17.82 40.62
CA GLU I 178 -15.20 -17.90 41.82
C GLU I 178 -16.46 -17.04 41.62
N GLU I 179 -16.28 -15.85 41.03
CA GLU I 179 -17.37 -14.93 40.77
C GLU I 179 -18.35 -15.48 39.73
N ALA I 180 -17.84 -16.21 38.74
CA ALA I 180 -18.70 -16.83 37.72
C ALA I 180 -19.60 -17.86 38.38
N LYS I 181 -19.06 -18.57 39.39
CA LYS I 181 -19.83 -19.54 40.14
C LYS I 181 -20.96 -18.86 40.90
N GLU I 182 -20.65 -17.83 41.69
CA GLU I 182 -21.73 -17.19 42.44
C GLU I 182 -22.71 -16.54 41.47
N TYR I 183 -22.28 -16.16 40.27
CA TYR I 183 -23.18 -15.56 39.30
C TYR I 183 -24.13 -16.61 38.75
N GLY I 184 -23.69 -17.88 38.67
CA GLY I 184 -24.50 -18.94 38.09
C GLY I 184 -24.10 -19.29 36.66
N LEU I 185 -22.95 -18.80 36.18
CA LEU I 185 -22.46 -19.10 34.84
C LEU I 185 -21.76 -20.47 34.84
N ILE I 186 -21.18 -20.84 36.00
CA ILE I 186 -20.64 -22.18 36.20
C ILE I 186 -21.18 -22.72 37.51
N ASP I 187 -21.07 -24.03 37.71
CA ASP I 187 -21.55 -24.67 38.92
C ASP I 187 -20.42 -24.82 39.94
N GLU I 188 -19.17 -24.95 39.48
CA GLU I 188 -18.08 -25.39 40.35
C GLU I 188 -16.74 -24.89 39.80
N VAL I 189 -15.83 -24.52 40.72
CA VAL I 189 -14.44 -24.26 40.40
C VAL I 189 -13.66 -25.55 40.61
N MET I 190 -13.10 -26.12 39.54
CA MET I 190 -12.32 -27.35 39.61
C MET I 190 -11.07 -27.10 40.44
N VAL I 191 -10.87 -27.88 41.50
CA VAL I 191 -9.69 -27.71 42.33
C VAL I 191 -8.68 -28.82 42.01
N PRO I 192 -7.36 -28.57 42.22
CA PRO I 192 -6.33 -29.60 42.03
C PRO I 192 -6.62 -30.91 42.77
N ILE J 4 -9.48 -29.80 11.26
CA ILE J 4 -10.48 -30.85 10.89
C ILE J 4 -10.09 -32.15 11.60
N PRO J 5 -10.80 -32.55 12.68
CA PRO J 5 -10.43 -33.76 13.41
C PRO J 5 -10.63 -35.05 12.62
N THR J 6 -9.92 -36.11 13.04
CA THR J 6 -9.99 -37.42 12.42
C THR J 6 -10.64 -38.40 13.40
N VAL J 7 -11.50 -39.29 12.89
CA VAL J 7 -12.09 -40.35 13.69
C VAL J 7 -11.73 -41.69 13.06
N ILE J 8 -11.53 -42.73 13.91
CA ILE J 8 -11.15 -44.06 13.45
C ILE J 8 -12.28 -45.04 13.82
N GLU J 9 -12.70 -45.86 12.84
CA GLU J 9 -13.77 -46.84 13.01
C GLU J 9 -13.20 -48.25 12.87
N THR J 10 -13.73 -49.19 13.67
CA THR J 10 -13.28 -50.58 13.69
C THR J 10 -14.44 -51.50 13.26
N GLU J 15 -9.71 -51.02 10.45
CA GLU J 15 -9.62 -49.61 10.92
C GLU J 15 -9.44 -48.68 9.72
N ARG J 16 -10.55 -48.08 9.28
CA ARG J 16 -10.55 -46.99 8.31
C ARG J 16 -10.60 -45.66 9.07
N ALA J 17 -9.76 -44.69 8.65
CA ALA J 17 -9.67 -43.39 9.31
C ALA J 17 -10.27 -42.31 8.42
N TYR J 18 -11.24 -41.58 8.96
CA TYR J 18 -11.94 -40.54 8.22
C TYR J 18 -11.69 -39.17 8.86
N ASP J 19 -11.73 -38.11 8.05
CA ASP J 19 -11.95 -36.78 8.58
C ASP J 19 -13.42 -36.69 9.01
N ILE J 20 -13.72 -35.87 10.01
CA ILE J 20 -15.06 -35.86 10.60
C ILE J 20 -16.13 -35.70 9.53
N TYR J 21 -15.87 -34.87 8.51
CA TYR J 21 -16.88 -34.51 7.51
C TYR J 21 -17.12 -35.69 6.57
N SER J 22 -16.05 -36.40 6.21
CA SER J 22 -16.14 -37.59 5.37
C SER J 22 -16.86 -38.72 6.10
N ARG J 23 -16.73 -38.77 7.43
CA ARG J 23 -17.41 -39.79 8.23
C ARG J 23 -18.91 -39.51 8.26
N LEU J 24 -19.27 -38.22 8.39
CA LEU J 24 -20.66 -37.82 8.35
C LEU J 24 -21.25 -38.08 6.96
N LEU J 25 -20.43 -37.99 5.91
CA LEU J 25 -20.91 -38.23 4.56
C LEU J 25 -21.21 -39.72 4.35
N LYS J 26 -20.49 -40.59 5.05
CA LYS J 26 -20.76 -42.02 4.97
C LYS J 26 -22.17 -42.31 5.46
N ASP J 27 -22.67 -41.51 6.41
CA ASP J 27 -24.02 -41.66 6.94
C ASP J 27 -25.03 -40.73 6.27
N ARG J 28 -24.72 -40.31 5.04
CA ARG J 28 -25.65 -39.57 4.19
C ARG J 28 -25.93 -38.16 4.72
N ILE J 29 -24.97 -37.57 5.46
CA ILE J 29 -25.06 -36.19 5.91
C ILE J 29 -24.10 -35.32 5.10
N ILE J 30 -24.63 -34.27 4.46
CA ILE J 30 -23.85 -33.28 3.74
C ILE J 30 -23.85 -31.97 4.51
N MET J 31 -22.67 -31.33 4.63
CA MET J 31 -22.53 -30.12 5.42
C MET J 31 -22.34 -28.94 4.48
N LEU J 32 -23.34 -28.03 4.46
CA LEU J 32 -23.23 -26.74 3.81
C LEU J 32 -23.03 -25.66 4.87
N GLY J 33 -21.76 -25.47 5.26
CA GLY J 33 -21.41 -24.66 6.42
C GLY J 33 -20.53 -23.47 6.06
N SER J 34 -20.75 -22.89 4.88
CA SER J 34 -19.94 -21.79 4.40
C SER J 34 -20.70 -20.97 3.36
N GLN J 35 -20.07 -19.88 2.93
CA GLN J 35 -20.56 -19.07 1.82
C GLN J 35 -20.71 -19.98 0.59
N ILE J 36 -21.75 -19.73 -0.20
CA ILE J 36 -22.03 -20.56 -1.36
C ILE J 36 -21.36 -19.93 -2.57
N ASP J 37 -20.32 -20.60 -3.06
CA ASP J 37 -19.67 -20.25 -4.31
C ASP J 37 -19.68 -21.48 -5.20
N ASP J 38 -19.11 -21.36 -6.40
CA ASP J 38 -19.08 -22.44 -7.36
C ASP J 38 -18.38 -23.69 -6.79
N ASN J 39 -17.32 -23.50 -5.99
CA ASN J 39 -16.58 -24.62 -5.44
C ASN J 39 -17.45 -25.42 -4.49
N VAL J 40 -18.10 -24.73 -3.55
CA VAL J 40 -18.99 -25.35 -2.58
C VAL J 40 -20.13 -26.06 -3.31
N ALA J 41 -20.68 -25.45 -4.36
CA ALA J 41 -21.79 -26.05 -5.10
C ALA J 41 -21.35 -27.37 -5.71
N ASN J 42 -20.19 -27.39 -6.40
CA ASN J 42 -19.70 -28.59 -7.06
C ASN J 42 -19.45 -29.71 -6.05
N SER J 43 -18.95 -29.34 -4.86
CA SER J 43 -18.69 -30.35 -3.85
C SER J 43 -20.02 -30.97 -3.41
N ILE J 44 -21.03 -30.13 -3.16
CA ILE J 44 -22.30 -30.60 -2.67
C ILE J 44 -23.04 -31.36 -3.79
N VAL J 45 -23.00 -30.84 -5.02
CA VAL J 45 -23.58 -31.56 -6.14
C VAL J 45 -23.00 -32.97 -6.19
N SER J 46 -21.68 -33.10 -6.01
CA SER J 46 -20.99 -34.36 -6.14
C SER J 46 -21.35 -35.31 -5.00
N GLN J 47 -21.48 -34.76 -3.78
CA GLN J 47 -21.89 -35.54 -2.63
C GLN J 47 -23.30 -36.10 -2.82
N LEU J 48 -24.20 -35.30 -3.37
CA LEU J 48 -25.57 -35.75 -3.65
C LEU J 48 -25.55 -36.88 -4.67
N LEU J 49 -24.86 -36.66 -5.80
CA LEU J 49 -24.88 -37.59 -6.93
C LEU J 49 -24.37 -38.96 -6.48
N PHE J 50 -23.37 -38.95 -5.60
CA PHE J 50 -22.74 -40.16 -5.08
C PHE J 50 -23.67 -40.87 -4.11
N LEU J 51 -24.29 -40.13 -3.18
CA LEU J 51 -25.15 -40.71 -2.17
C LEU J 51 -26.37 -41.36 -2.82
N GLN J 52 -26.86 -40.75 -3.91
CA GLN J 52 -27.94 -41.33 -4.69
C GLN J 52 -27.50 -42.69 -5.23
N ALA J 53 -26.33 -42.72 -5.88
CA ALA J 53 -25.78 -43.91 -6.52
C ALA J 53 -25.61 -45.04 -5.51
N GLN J 54 -25.19 -44.69 -4.29
CA GLN J 54 -25.03 -45.67 -3.22
C GLN J 54 -26.38 -46.29 -2.85
N ASP J 55 -27.42 -45.44 -2.74
CA ASP J 55 -28.71 -45.89 -2.24
C ASP J 55 -29.76 -44.84 -2.61
N SER J 56 -30.67 -45.20 -3.52
CA SER J 56 -31.56 -44.22 -4.12
C SER J 56 -32.86 -44.11 -3.33
N GLU J 57 -32.98 -44.88 -2.24
CA GLU J 57 -34.18 -44.92 -1.42
C GLU J 57 -34.00 -44.09 -0.16
N LYS J 58 -32.83 -44.19 0.47
CA LYS J 58 -32.60 -43.63 1.80
C LYS J 58 -32.50 -42.11 1.74
N ASP J 59 -32.96 -41.49 2.84
CA ASP J 59 -32.85 -40.05 3.02
C ASP J 59 -31.38 -39.62 3.07
N ILE J 60 -31.19 -38.37 2.61
CA ILE J 60 -29.96 -37.59 2.76
C ILE J 60 -30.27 -36.42 3.68
N TYR J 61 -29.29 -36.01 4.50
CA TYR J 61 -29.47 -34.87 5.40
C TYR J 61 -28.55 -33.73 5.01
N LEU J 62 -29.12 -32.58 4.64
CA LEU J 62 -28.35 -31.38 4.32
C LEU J 62 -28.40 -30.39 5.48
N TYR J 63 -27.29 -30.35 6.23
CA TYR J 63 -27.07 -29.34 7.27
C TYR J 63 -26.83 -28.01 6.60
N ILE J 64 -27.45 -26.95 7.14
CA ILE J 64 -27.29 -25.62 6.58
C ILE J 64 -26.95 -24.64 7.69
N ASN J 65 -25.72 -24.13 7.63
CA ASN J 65 -25.27 -22.97 8.38
C ASN J 65 -24.47 -22.08 7.44
N SER J 66 -25.15 -21.14 6.77
CA SER J 66 -24.59 -20.45 5.61
C SER J 66 -25.20 -19.06 5.45
N PRO J 67 -24.40 -18.02 5.12
CA PRO J 67 -24.94 -16.70 4.81
C PRO J 67 -25.43 -16.60 3.38
N GLY J 68 -25.29 -17.70 2.63
CA GLY J 68 -25.67 -17.73 1.23
C GLY J 68 -24.48 -17.44 0.33
N GLY J 69 -24.72 -16.75 -0.79
CA GLY J 69 -23.71 -16.49 -1.80
C GLY J 69 -24.31 -16.56 -3.19
N SER J 70 -23.56 -17.11 -4.14
CA SER J 70 -23.92 -17.06 -5.54
C SER J 70 -25.29 -17.70 -5.78
N VAL J 71 -26.12 -16.99 -6.56
CA VAL J 71 -27.44 -17.47 -6.91
C VAL J 71 -27.34 -18.72 -7.80
N THR J 72 -26.52 -18.66 -8.86
CA THR J 72 -26.41 -19.75 -9.83
C THR J 72 -25.84 -21.00 -9.16
N ALA J 73 -24.83 -20.80 -8.31
CA ALA J 73 -24.26 -21.88 -7.51
C ALA J 73 -25.36 -22.51 -6.64
N GLY J 74 -26.18 -21.65 -6.02
CA GLY J 74 -27.30 -22.09 -5.22
C GLY J 74 -28.26 -22.96 -6.04
N PHE J 75 -28.47 -22.61 -7.31
CA PHE J 75 -29.38 -23.35 -8.16
C PHE J 75 -28.75 -24.66 -8.62
N ALA J 76 -27.42 -24.68 -8.76
CA ALA J 76 -26.72 -25.93 -8.99
C ALA J 76 -27.11 -26.95 -7.93
N ILE J 77 -27.10 -26.53 -6.66
CA ILE J 77 -27.45 -27.40 -5.56
C ILE J 77 -28.95 -27.73 -5.61
N TYR J 78 -29.78 -26.71 -5.84
CA TYR J 78 -31.22 -26.88 -5.83
C TYR J 78 -31.65 -27.90 -6.88
N ASP J 79 -31.22 -27.71 -8.14
CA ASP J 79 -31.66 -28.56 -9.24
C ASP J 79 -31.21 -30.00 -9.01
N THR J 80 -30.06 -30.20 -8.37
CA THR J 80 -29.54 -31.51 -8.06
C THR J 80 -30.38 -32.16 -6.94
N ILE J 81 -30.72 -31.38 -5.91
CA ILE J 81 -31.57 -31.88 -4.83
C ILE J 81 -32.90 -32.38 -5.42
N GLN J 82 -33.51 -31.57 -6.30
CA GLN J 82 -34.81 -31.90 -6.85
C GLN J 82 -34.69 -33.08 -7.84
N HIS J 83 -33.53 -33.20 -8.50
CA HIS J 83 -33.36 -34.18 -9.56
C HIS J 83 -33.27 -35.60 -9.02
N ILE J 84 -32.53 -35.80 -7.92
CA ILE J 84 -32.26 -37.14 -7.40
C ILE J 84 -33.50 -37.72 -6.72
N LYS J 85 -33.58 -39.06 -6.74
CA LYS J 85 -34.67 -39.83 -6.16
C LYS J 85 -34.79 -39.55 -4.66
N PRO J 86 -33.73 -39.75 -3.86
CA PRO J 86 -33.82 -39.58 -2.41
C PRO J 86 -34.45 -38.27 -1.94
N ASP J 87 -35.12 -38.34 -0.80
CA ASP J 87 -35.50 -37.16 -0.05
C ASP J 87 -34.26 -36.54 0.58
N VAL J 88 -34.11 -35.22 0.40
CA VAL J 88 -33.06 -34.46 1.05
C VAL J 88 -33.69 -33.59 2.14
N GLN J 89 -33.49 -34.00 3.40
CA GLN J 89 -33.92 -33.20 4.53
C GLN J 89 -33.00 -31.99 4.60
N THR J 90 -33.52 -30.88 5.11
CA THR J 90 -32.71 -29.70 5.36
C THR J 90 -32.81 -29.38 6.84
N ILE J 91 -31.66 -29.05 7.43
CA ILE J 91 -31.57 -28.70 8.85
C ILE J 91 -30.83 -27.37 8.98
N CYS J 92 -31.53 -26.32 9.41
CA CYS J 92 -30.87 -25.05 9.61
C CYS J 92 -30.36 -24.95 11.04
N ILE J 93 -29.03 -24.79 11.17
CA ILE J 93 -28.38 -24.68 12.46
C ILE J 93 -27.50 -23.42 12.44
N GLY J 94 -27.74 -22.52 13.39
CA GLY J 94 -27.04 -21.24 13.41
C GLY J 94 -27.75 -20.18 12.57
N MET J 95 -27.45 -20.12 11.27
CA MET J 95 -28.25 -19.26 10.41
C MET J 95 -28.28 -19.78 8.99
N ALA J 96 -29.32 -19.35 8.26
CA ALA J 96 -29.43 -19.54 6.83
C ALA J 96 -29.92 -18.23 6.22
N ALA J 97 -29.09 -17.59 5.38
CA ALA J 97 -29.50 -16.35 4.75
C ALA J 97 -29.30 -16.44 3.23
N SER J 98 -29.90 -15.50 2.48
CA SER J 98 -29.73 -15.47 1.04
C SER J 98 -30.09 -16.85 0.47
N MET J 99 -29.24 -17.43 -0.39
CA MET J 99 -29.53 -18.71 -1.03
C MET J 99 -29.45 -19.84 0.00
N GLY J 100 -28.83 -19.55 1.15
CA GLY J 100 -28.87 -20.45 2.29
C GLY J 100 -30.31 -20.81 2.68
N SER J 101 -31.14 -19.78 2.86
CA SER J 101 -32.51 -20.00 3.28
C SER J 101 -33.36 -20.51 2.11
N PHE J 102 -32.96 -20.16 0.88
CA PHE J 102 -33.61 -20.70 -0.30
C PHE J 102 -33.47 -22.23 -0.38
N LEU J 103 -32.32 -22.76 0.07
CA LEU J 103 -32.04 -24.18 -0.03
C LEU J 103 -32.69 -24.92 1.12
N LEU J 104 -32.72 -24.26 2.29
CA LEU J 104 -33.47 -24.74 3.43
C LEU J 104 -34.91 -25.01 3.02
N ALA J 105 -35.52 -24.06 2.31
CA ALA J 105 -36.91 -24.18 1.88
C ALA J 105 -37.07 -25.25 0.81
N ALA J 106 -35.98 -25.61 0.13
CA ALA J 106 -36.02 -26.51 -1.02
C ALA J 106 -35.91 -27.98 -0.60
N GLY J 107 -35.81 -28.24 0.71
CA GLY J 107 -35.76 -29.59 1.22
C GLY J 107 -37.05 -30.35 0.88
N ALA J 108 -37.02 -31.67 1.12
CA ALA J 108 -38.17 -32.55 0.88
C ALA J 108 -39.33 -32.13 1.79
N LYS J 109 -40.54 -32.16 1.23
CA LYS J 109 -41.71 -31.60 1.88
C LYS J 109 -41.98 -32.42 3.14
N GLY J 110 -42.14 -31.74 4.28
CA GLY J 110 -42.33 -32.41 5.55
C GLY J 110 -41.04 -32.66 6.32
N LYS J 111 -39.88 -32.41 5.69
CA LYS J 111 -38.60 -32.80 6.25
C LYS J 111 -37.62 -31.63 6.25
N ARG J 112 -38.15 -30.42 6.49
CA ARG J 112 -37.35 -29.21 6.54
C ARG J 112 -37.43 -28.66 7.97
N PHE J 113 -36.26 -28.49 8.58
CA PHE J 113 -36.17 -28.24 10.01
C PHE J 113 -35.23 -27.08 10.29
N ALA J 114 -35.41 -26.47 11.47
CA ALA J 114 -34.41 -25.62 12.09
C ALA J 114 -34.42 -25.88 13.59
N LEU J 115 -33.25 -25.79 14.23
CA LEU J 115 -33.17 -25.87 15.68
C LEU J 115 -33.63 -24.54 16.28
N PRO J 116 -34.06 -24.51 17.56
CA PRO J 116 -34.87 -23.41 18.11
C PRO J 116 -34.32 -22.00 17.99
N ASN J 117 -33.00 -21.86 18.06
CA ASN J 117 -32.39 -20.55 18.10
C ASN J 117 -31.73 -20.23 16.76
N ALA J 118 -31.94 -21.10 15.75
CA ALA J 118 -31.44 -20.82 14.42
C ALA J 118 -32.17 -19.60 13.87
N GLU J 119 -31.47 -18.86 13.02
CA GLU J 119 -31.97 -17.61 12.47
C GLU J 119 -32.09 -17.79 10.96
N VAL J 120 -33.21 -17.35 10.39
CA VAL J 120 -33.40 -17.43 8.96
C VAL J 120 -33.66 -16.03 8.42
N MET J 121 -32.92 -15.65 7.38
CA MET J 121 -33.07 -14.33 6.79
C MET J 121 -33.42 -14.48 5.31
N ILE J 122 -34.43 -13.72 4.88
CA ILE J 122 -34.77 -13.59 3.47
C ILE J 122 -34.65 -12.13 3.06
N HIS J 123 -34.22 -11.91 1.81
CA HIS J 123 -33.99 -10.58 1.28
C HIS J 123 -33.85 -10.68 -0.24
N GLN J 124 -33.74 -9.55 -0.93
CA GLN J 124 -33.69 -9.59 -2.38
C GLN J 124 -32.25 -9.82 -2.83
N PRO J 125 -32.07 -10.31 -4.09
CA PRO J 125 -30.72 -10.56 -4.60
C PRO J 125 -29.93 -9.28 -4.77
N LEU J 126 -28.60 -9.42 -4.67
CA LEU J 126 -27.65 -8.32 -4.77
C LEU J 126 -26.81 -8.51 -6.03
N GLY J 127 -26.45 -7.40 -6.67
CA GLY J 127 -25.60 -7.45 -7.84
C GLY J 127 -24.94 -6.10 -8.11
N GLY J 128 -24.37 -5.98 -9.30
CA GLY J 128 -23.77 -4.74 -9.71
C GLY J 128 -23.76 -4.61 -11.23
N ALA J 129 -23.59 -3.38 -11.71
CA ALA J 129 -23.46 -3.14 -13.13
C ALA J 129 -22.77 -1.80 -13.31
N GLN J 130 -21.82 -1.77 -14.25
CA GLN J 130 -21.25 -0.51 -14.69
C GLN J 130 -21.02 -0.55 -16.20
N GLY J 131 -20.93 0.64 -16.78
CA GLY J 131 -20.70 0.79 -18.21
C GLY J 131 -21.81 1.64 -18.84
N GLN J 132 -22.17 1.28 -20.07
CA GLN J 132 -23.10 2.03 -20.86
C GLN J 132 -24.53 1.79 -20.36
N ALA J 133 -25.40 2.78 -20.59
CA ALA J 133 -26.80 2.70 -20.22
C ALA J 133 -27.37 1.34 -20.62
N THR J 134 -27.08 0.93 -21.85
CA THR J 134 -27.60 -0.29 -22.46
C THR J 134 -27.14 -1.52 -21.68
N GLU J 135 -25.94 -1.45 -21.10
CA GLU J 135 -25.36 -2.54 -20.34
C GLU J 135 -25.98 -2.59 -18.94
N ILE J 136 -26.16 -1.42 -18.32
CA ILE J 136 -26.89 -1.29 -17.07
C ILE J 136 -28.25 -1.96 -17.24
N GLU J 137 -28.96 -1.59 -18.32
CA GLU J 137 -30.27 -2.12 -18.64
C GLU J 137 -30.26 -3.64 -18.68
N ILE J 138 -29.30 -4.22 -19.40
CA ILE J 138 -29.21 -5.65 -19.53
C ILE J 138 -28.98 -6.28 -18.17
N ALA J 139 -28.19 -5.63 -17.31
CA ALA J 139 -27.87 -6.21 -16.00
C ALA J 139 -29.07 -6.08 -15.05
N ALA J 140 -29.82 -4.98 -15.21
CA ALA J 140 -31.02 -4.74 -14.41
C ALA J 140 -32.09 -5.78 -14.74
N ASN J 141 -32.40 -5.94 -16.03
CA ASN J 141 -33.38 -6.95 -16.41
C ASN J 141 -32.93 -8.32 -15.88
N HIS J 142 -31.62 -8.61 -15.96
CA HIS J 142 -31.12 -9.92 -15.59
C HIS J 142 -31.37 -10.23 -14.11
N ILE J 143 -31.09 -9.26 -13.22
CA ILE J 143 -31.23 -9.47 -11.79
C ILE J 143 -32.71 -9.48 -11.42
N LEU J 144 -33.52 -8.68 -12.13
CA LEU J 144 -34.96 -8.61 -11.89
C LEU J 144 -35.60 -9.95 -12.21
N LYS J 145 -35.24 -10.54 -13.36
CA LYS J 145 -35.69 -11.88 -13.75
C LYS J 145 -35.25 -12.90 -12.71
N THR J 146 -33.99 -12.79 -12.27
CA THR J 146 -33.44 -13.74 -11.31
C THR J 146 -34.29 -13.71 -10.05
N ARG J 147 -34.78 -12.51 -9.68
CA ARG J 147 -35.59 -12.32 -8.49
C ARG J 147 -36.99 -12.92 -8.68
N GLU J 148 -37.62 -12.69 -9.83
CA GLU J 148 -38.90 -13.31 -10.12
C GLU J 148 -38.77 -14.83 -10.00
N LYS J 149 -37.70 -15.39 -10.61
CA LYS J 149 -37.49 -16.82 -10.64
C LYS J 149 -37.34 -17.38 -9.22
N LEU J 150 -36.52 -16.72 -8.40
CA LEU J 150 -36.35 -17.10 -7.01
C LEU J 150 -37.68 -17.03 -6.27
N ASN J 151 -38.41 -15.92 -6.46
CA ASN J 151 -39.62 -15.65 -5.71
C ASN J 151 -40.69 -16.70 -6.02
N ARG J 152 -40.88 -16.96 -7.31
CA ARG J 152 -41.81 -17.99 -7.77
C ARG J 152 -41.58 -19.31 -7.03
N ILE J 153 -40.32 -19.74 -6.98
CA ILE J 153 -39.97 -21.03 -6.40
C ILE J 153 -40.19 -21.01 -4.89
N LEU J 154 -39.90 -19.88 -4.22
CA LEU J 154 -40.20 -19.73 -2.79
C LEU J 154 -41.71 -19.83 -2.55
N SER J 155 -42.48 -19.15 -3.39
CA SER J 155 -43.93 -19.22 -3.34
C SER J 155 -44.37 -20.69 -3.35
N GLU J 156 -43.84 -21.45 -4.30
CA GLU J 156 -44.22 -22.85 -4.49
C GLU J 156 -43.87 -23.68 -3.27
N ARG J 157 -42.77 -23.33 -2.61
CA ARG J 157 -42.20 -24.13 -1.53
C ARG J 157 -42.75 -23.73 -0.17
N THR J 158 -43.15 -22.46 -0.03
CA THR J 158 -43.61 -21.93 1.25
C THR J 158 -45.13 -21.96 1.34
N GLY J 159 -45.81 -21.82 0.19
CA GLY J 159 -47.24 -21.60 0.17
C GLY J 159 -47.62 -20.13 0.25
N GLN J 160 -46.65 -19.23 0.35
CA GLN J 160 -46.92 -17.80 0.34
C GLN J 160 -47.05 -17.34 -1.10
N SER J 161 -47.76 -16.22 -1.29
CA SER J 161 -47.95 -15.66 -2.62
C SER J 161 -46.64 -15.02 -3.09
N ILE J 162 -46.51 -14.83 -4.41
CA ILE J 162 -45.40 -14.09 -5.00
C ILE J 162 -45.45 -12.64 -4.54
N GLU J 163 -46.66 -12.07 -4.42
CA GLU J 163 -46.83 -10.69 -4.01
C GLU J 163 -46.27 -10.49 -2.60
N LYS J 164 -46.51 -11.48 -1.72
CA LYS J 164 -46.11 -11.36 -0.33
C LYS J 164 -44.59 -11.58 -0.20
N ILE J 165 -44.07 -12.54 -0.94
CA ILE J 165 -42.63 -12.78 -1.00
C ILE J 165 -41.94 -11.49 -1.41
N GLN J 166 -42.50 -10.79 -2.40
CA GLN J 166 -41.81 -9.61 -2.89
C GLN J 166 -41.83 -8.49 -1.86
N LYS J 167 -42.96 -8.27 -1.18
CA LYS J 167 -42.98 -7.27 -0.13
C LYS J 167 -42.02 -7.65 1.00
N ASP J 168 -42.01 -8.93 1.37
CA ASP J 168 -41.31 -9.39 2.56
C ASP J 168 -39.80 -9.51 2.31
N THR J 169 -39.37 -9.58 1.04
CA THR J 169 -37.96 -9.69 0.73
C THR J 169 -37.40 -8.34 0.30
N ASP J 170 -38.23 -7.30 0.25
CA ASP J 170 -37.81 -6.00 -0.26
C ASP J 170 -36.62 -5.50 0.56
N ARG J 171 -36.62 -5.75 1.86
CA ARG J 171 -35.45 -5.44 2.68
C ARG J 171 -35.09 -6.67 3.51
N ASP J 172 -33.95 -6.60 4.20
CA ASP J 172 -33.49 -7.69 5.04
C ASP J 172 -34.57 -8.02 6.07
N ASN J 173 -34.90 -9.31 6.17
CA ASN J 173 -35.99 -9.80 6.97
C ASN J 173 -35.52 -11.00 7.81
N PHE J 174 -35.33 -10.77 9.11
CA PHE J 174 -34.76 -11.76 10.00
C PHE J 174 -35.87 -12.51 10.73
N LEU J 175 -35.85 -13.85 10.65
CA LEU J 175 -36.91 -14.67 11.22
C LEU J 175 -36.31 -15.63 12.25
N THR J 176 -37.04 -15.81 13.34
CA THR J 176 -36.82 -16.91 14.26
C THR J 176 -37.22 -18.22 13.57
N ALA J 177 -36.82 -19.34 14.18
CA ALA J 177 -37.15 -20.65 13.65
C ALA J 177 -38.67 -20.84 13.63
N GLU J 178 -39.33 -20.34 14.68
CA GLU J 178 -40.78 -20.51 14.82
C GLU J 178 -41.49 -19.69 13.74
N GLU J 179 -41.06 -18.43 13.55
CA GLU J 179 -41.51 -17.60 12.44
C GLU J 179 -41.24 -18.25 11.09
N ALA J 180 -40.12 -18.97 10.96
CA ALA J 180 -39.77 -19.58 9.68
C ALA J 180 -40.74 -20.73 9.41
N LYS J 181 -41.17 -21.39 10.48
CA LYS J 181 -42.14 -22.47 10.37
C LYS J 181 -43.49 -21.93 9.89
N GLU J 182 -43.98 -20.83 10.48
CA GLU J 182 -45.27 -20.31 10.10
C GLU J 182 -45.17 -19.57 8.76
N TYR J 183 -43.96 -19.25 8.32
CA TYR J 183 -43.79 -18.68 6.98
C TYR J 183 -43.93 -19.79 5.94
N GLY J 184 -43.51 -21.01 6.30
CA GLY J 184 -43.49 -22.13 5.38
C GLY J 184 -42.10 -22.45 4.83
N LEU J 185 -41.05 -21.79 5.36
CA LEU J 185 -39.67 -22.04 4.93
C LEU J 185 -39.19 -23.37 5.51
N ILE J 186 -39.70 -23.71 6.69
CA ILE J 186 -39.47 -25.01 7.32
C ILE J 186 -40.81 -25.56 7.79
N ASP J 187 -40.84 -26.88 8.02
CA ASP J 187 -42.05 -27.58 8.42
C ASP J 187 -42.13 -27.65 9.93
N GLU J 188 -40.98 -27.68 10.60
CA GLU J 188 -40.91 -28.12 11.99
C GLU J 188 -39.67 -27.52 12.66
N VAL J 189 -39.81 -27.16 13.94
CA VAL J 189 -38.68 -26.81 14.79
C VAL J 189 -38.29 -28.05 15.58
N MET J 190 -37.05 -28.54 15.38
CA MET J 190 -36.57 -29.73 16.08
C MET J 190 -36.41 -29.42 17.57
N VAL J 191 -37.01 -30.26 18.42
CA VAL J 191 -37.01 -30.00 19.86
C VAL J 191 -36.14 -31.04 20.55
N PRO J 192 -35.51 -30.69 21.70
CA PRO J 192 -34.68 -31.62 22.47
C PRO J 192 -35.34 -32.99 22.76
N ILE K 4 -12.58 -30.95 0.50
CA ILE K 4 -12.97 -32.03 -0.48
C ILE K 4 -13.17 -33.34 0.29
N PRO K 5 -14.40 -33.89 0.36
CA PRO K 5 -14.64 -35.08 1.17
C PRO K 5 -14.07 -36.35 0.54
N THR K 6 -13.80 -37.33 1.41
CA THR K 6 -13.26 -38.62 1.03
C THR K 6 -14.36 -39.66 1.08
N VAL K 7 -14.27 -40.64 0.18
CA VAL K 7 -15.26 -41.70 0.05
C VAL K 7 -14.50 -43.04 0.02
N ILE K 8 -14.94 -44.00 0.85
CA ILE K 8 -14.16 -45.22 1.10
C ILE K 8 -15.01 -46.47 0.83
N ALA K 17 -10.18 -45.96 -1.04
CA ALA K 17 -10.47 -44.55 -0.66
C ALA K 17 -10.23 -43.62 -1.86
N TYR K 18 -11.18 -42.71 -2.06
CA TYR K 18 -11.14 -41.74 -3.14
C TYR K 18 -11.60 -40.38 -2.63
N ASP K 19 -10.99 -39.30 -3.14
CA ASP K 19 -11.63 -37.99 -3.07
C ASP K 19 -12.86 -38.04 -3.98
N ILE K 20 -13.87 -37.21 -3.67
CA ILE K 20 -15.18 -37.33 -4.29
C ILE K 20 -15.08 -37.15 -5.80
N TYR K 21 -14.20 -36.28 -6.29
CA TYR K 21 -14.10 -35.97 -7.71
C TYR K 21 -13.41 -37.12 -8.46
N SER K 22 -12.42 -37.73 -7.82
CA SER K 22 -11.75 -38.89 -8.38
C SER K 22 -12.70 -40.09 -8.43
N ARG K 23 -13.56 -40.22 -7.42
CA ARG K 23 -14.57 -41.26 -7.38
C ARG K 23 -15.51 -41.11 -8.57
N LEU K 24 -15.88 -39.87 -8.89
CA LEU K 24 -16.78 -39.60 -10.01
C LEU K 24 -16.06 -39.86 -11.33
N LEU K 25 -14.74 -39.63 -11.35
CA LEU K 25 -13.94 -39.81 -12.54
C LEU K 25 -13.89 -41.29 -12.90
N LYS K 26 -13.98 -42.17 -11.89
CA LYS K 26 -13.98 -43.61 -12.14
C LYS K 26 -15.25 -44.03 -12.89
N ASP K 27 -16.33 -43.24 -12.74
CA ASP K 27 -17.58 -43.50 -13.46
C ASP K 27 -17.69 -42.59 -14.69
N ARG K 28 -16.57 -42.04 -15.15
CA ARG K 28 -16.49 -41.36 -16.44
C ARG K 28 -17.17 -39.99 -16.37
N ILE K 29 -17.18 -39.39 -15.17
CA ILE K 29 -17.70 -38.05 -14.96
C ILE K 29 -16.52 -37.09 -14.75
N ILE K 30 -16.49 -36.03 -15.56
CA ILE K 30 -15.52 -34.96 -15.42
C ILE K 30 -16.25 -33.69 -15.00
N MET K 31 -15.68 -33.00 -14.02
CA MET K 31 -16.30 -31.81 -13.44
C MET K 31 -15.56 -30.56 -13.93
N LEU K 32 -16.24 -29.74 -14.74
CA LEU K 32 -15.75 -28.41 -15.09
C LEU K 32 -16.52 -27.36 -14.27
N GLY K 33 -15.99 -27.08 -13.07
CA GLY K 33 -16.71 -26.31 -12.06
C GLY K 33 -15.95 -25.06 -11.64
N SER K 34 -15.27 -24.44 -12.60
CA SER K 34 -14.46 -23.26 -12.30
C SER K 34 -14.17 -22.48 -13.57
N GLN K 35 -13.59 -21.29 -13.39
CA GLN K 35 -13.04 -20.50 -14.47
C GLN K 35 -12.10 -21.37 -15.31
N ILE K 36 -12.16 -21.20 -16.63
CA ILE K 36 -11.33 -21.98 -17.55
C ILE K 36 -10.01 -21.24 -17.76
N ASP K 37 -8.94 -21.83 -17.23
CA ASP K 37 -7.58 -21.39 -17.50
C ASP K 37 -6.81 -22.57 -18.08
N ASP K 38 -5.50 -22.40 -18.30
CA ASP K 38 -4.71 -23.45 -18.93
C ASP K 38 -4.60 -24.66 -18.01
N ASN K 39 -4.54 -24.47 -16.69
CA ASN K 39 -4.45 -25.60 -15.77
C ASN K 39 -5.70 -26.47 -15.85
N VAL K 40 -6.87 -25.82 -15.71
CA VAL K 40 -8.13 -26.52 -15.76
C VAL K 40 -8.23 -27.28 -17.08
N ALA K 41 -7.86 -26.60 -18.18
CA ALA K 41 -7.86 -27.23 -19.48
C ALA K 41 -6.98 -28.48 -19.46
N ASN K 42 -5.73 -28.37 -19.00
CA ASN K 42 -4.83 -29.51 -19.08
C ASN K 42 -5.38 -30.67 -18.26
N SER K 43 -6.01 -30.35 -17.12
CA SER K 43 -6.61 -31.38 -16.28
C SER K 43 -7.72 -32.11 -17.04
N ILE K 44 -8.61 -31.35 -17.67
CA ILE K 44 -9.78 -31.91 -18.35
C ILE K 44 -9.33 -32.70 -19.59
N VAL K 45 -8.32 -32.20 -20.31
CA VAL K 45 -7.79 -32.90 -21.47
C VAL K 45 -7.23 -34.24 -21.01
N SER K 46 -6.45 -34.22 -19.94
CA SER K 46 -5.85 -35.43 -19.39
C SER K 46 -6.93 -36.46 -19.07
N GLN K 47 -8.05 -36.01 -18.50
CA GLN K 47 -9.11 -36.88 -18.01
C GLN K 47 -9.83 -37.53 -19.19
N LEU K 48 -10.11 -36.74 -20.23
CA LEU K 48 -10.70 -37.24 -21.47
C LEU K 48 -9.80 -38.30 -22.12
N LEU K 49 -8.50 -38.02 -22.21
CA LEU K 49 -7.56 -38.91 -22.87
C LEU K 49 -7.52 -40.26 -22.15
N PHE K 50 -7.53 -40.18 -20.80
CA PHE K 50 -7.48 -41.33 -19.92
C PHE K 50 -8.75 -42.17 -20.05
N LEU K 51 -9.91 -41.51 -20.03
CA LEU K 51 -11.19 -42.22 -20.10
C LEU K 51 -11.31 -42.93 -21.45
N GLN K 52 -10.83 -42.30 -22.51
CA GLN K 52 -10.82 -42.96 -23.81
C GLN K 52 -9.96 -44.22 -23.72
N ALA K 53 -8.76 -44.09 -23.17
CA ALA K 53 -7.83 -45.21 -23.11
C ALA K 53 -8.44 -46.40 -22.34
N GLN K 54 -9.23 -46.12 -21.29
CA GLN K 54 -9.87 -47.17 -20.52
C GLN K 54 -10.98 -47.85 -21.32
N ASP K 55 -11.77 -47.05 -22.02
CA ASP K 55 -12.91 -47.56 -22.77
C ASP K 55 -13.29 -46.54 -23.85
N SER K 56 -13.13 -46.93 -25.13
CA SER K 56 -13.34 -46.01 -26.24
C SER K 56 -14.79 -46.04 -26.72
N GLU K 57 -15.63 -46.89 -26.09
CA GLU K 57 -17.00 -47.08 -26.52
C GLU K 57 -17.95 -46.30 -25.63
N LYS K 58 -17.74 -46.41 -24.30
CA LYS K 58 -18.65 -45.87 -23.31
C LYS K 58 -18.64 -44.33 -23.31
N ASP K 59 -19.83 -43.77 -23.05
CA ASP K 59 -20.02 -42.33 -22.97
C ASP K 59 -19.22 -41.74 -21.81
N ILE K 60 -18.90 -40.44 -21.94
CA ILE K 60 -18.34 -39.62 -20.88
C ILE K 60 -19.34 -38.51 -20.55
N TYR K 61 -19.38 -38.11 -19.27
CA TYR K 61 -20.27 -37.06 -18.80
C TYR K 61 -19.44 -35.86 -18.33
N LEU K 62 -19.62 -34.71 -19.00
CA LEU K 62 -18.93 -33.48 -18.62
C LEU K 62 -19.91 -32.50 -17.97
N TYR K 63 -19.81 -32.40 -16.64
CA TYR K 63 -20.55 -31.43 -15.85
C TYR K 63 -19.96 -30.04 -16.11
N ILE K 64 -20.82 -29.06 -16.37
CA ILE K 64 -20.37 -27.70 -16.62
C ILE K 64 -21.09 -26.77 -15.66
N ASN K 65 -20.32 -26.20 -14.73
CA ASN K 65 -20.71 -25.03 -13.95
C ASN K 65 -19.57 -24.03 -13.98
N SER K 66 -19.54 -23.18 -15.01
CA SER K 66 -18.35 -22.40 -15.31
C SER K 66 -18.73 -21.04 -15.93
N PRO K 67 -18.09 -19.94 -15.50
CA PRO K 67 -18.29 -18.64 -16.13
C PRO K 67 -17.49 -18.48 -17.42
N GLY K 68 -16.75 -19.54 -17.79
CA GLY K 68 -15.89 -19.54 -18.96
C GLY K 68 -14.47 -19.11 -18.62
N GLY K 69 -13.82 -18.39 -19.53
CA GLY K 69 -12.46 -17.96 -19.33
C GLY K 69 -11.69 -17.88 -20.65
N SER K 70 -10.43 -18.33 -20.61
CA SER K 70 -9.56 -18.28 -21.77
C SER K 70 -10.18 -19.03 -22.94
N VAL K 71 -10.16 -18.38 -24.12
CA VAL K 71 -10.67 -18.97 -25.34
C VAL K 71 -9.80 -20.16 -25.76
N THR K 72 -8.47 -19.97 -25.81
CA THR K 72 -7.57 -21.00 -26.31
C THR K 72 -7.64 -22.23 -25.40
N ALA K 73 -7.72 -21.99 -24.08
CA ALA K 73 -7.82 -23.07 -23.10
C ALA K 73 -9.12 -23.85 -23.33
N GLY K 74 -10.20 -23.12 -23.62
CA GLY K 74 -11.46 -23.75 -23.97
C GLY K 74 -11.34 -24.59 -25.22
N PHE K 75 -10.62 -24.08 -26.22
CA PHE K 75 -10.45 -24.81 -27.47
C PHE K 75 -9.62 -26.06 -27.23
N ALA K 76 -8.73 -26.04 -26.23
CA ALA K 76 -8.00 -27.24 -25.86
C ALA K 76 -8.99 -28.35 -25.54
N ILE K 77 -9.97 -28.03 -24.68
CA ILE K 77 -10.96 -28.98 -24.24
C ILE K 77 -11.84 -29.37 -25.43
N TYR K 78 -12.22 -28.35 -26.22
CA TYR K 78 -13.11 -28.55 -27.36
C TYR K 78 -12.52 -29.60 -28.31
N ASP K 79 -11.30 -29.34 -28.81
CA ASP K 79 -10.71 -30.20 -29.82
C ASP K 79 -10.53 -31.61 -29.28
N THR K 80 -10.18 -31.73 -27.99
CA THR K 80 -9.97 -33.04 -27.37
C THR K 80 -11.28 -33.80 -27.34
N ILE K 81 -12.38 -33.11 -26.97
CA ILE K 81 -13.70 -33.70 -27.00
C ILE K 81 -13.99 -34.24 -28.39
N GLN K 82 -13.79 -33.41 -29.42
CA GLN K 82 -14.10 -33.80 -30.78
C GLN K 82 -13.18 -34.94 -31.24
N HIS K 83 -11.92 -34.95 -30.76
CA HIS K 83 -10.94 -35.87 -31.30
C HIS K 83 -11.18 -37.30 -30.84
N ILE K 84 -11.63 -37.49 -29.59
CA ILE K 84 -11.70 -38.81 -29.00
C ILE K 84 -12.92 -39.55 -29.54
N LYS K 85 -12.90 -40.89 -29.40
CA LYS K 85 -13.95 -41.76 -29.90
C LYS K 85 -15.24 -41.56 -29.11
N PRO K 86 -15.24 -41.76 -27.77
CA PRO K 86 -16.48 -41.71 -26.98
C PRO K 86 -17.26 -40.40 -27.16
N ASP K 87 -18.59 -40.55 -27.13
CA ASP K 87 -19.50 -39.43 -27.00
C ASP K 87 -19.24 -38.76 -25.65
N VAL K 88 -19.09 -37.42 -25.67
CA VAL K 88 -19.00 -36.66 -24.43
C VAL K 88 -20.33 -35.93 -24.23
N GLN K 89 -21.09 -36.37 -23.22
CA GLN K 89 -22.30 -35.66 -22.82
C GLN K 89 -21.91 -34.42 -22.02
N THR K 90 -22.65 -33.33 -22.23
CA THR K 90 -22.48 -32.09 -21.48
C THR K 90 -23.76 -31.80 -20.69
N ILE K 91 -23.60 -31.57 -19.38
CA ILE K 91 -24.71 -31.32 -18.48
C ILE K 91 -24.43 -29.98 -17.80
N CYS K 92 -25.17 -28.94 -18.16
CA CYS K 92 -25.02 -27.65 -17.51
C CYS K 92 -25.83 -27.63 -16.23
N ILE K 93 -25.14 -27.32 -15.13
CA ILE K 93 -25.75 -27.16 -13.82
C ILE K 93 -25.23 -25.85 -13.23
N GLY K 94 -26.11 -25.08 -12.60
CA GLY K 94 -25.73 -23.77 -12.10
C GLY K 94 -25.70 -22.75 -13.24
N MET K 95 -24.54 -22.58 -13.89
CA MET K 95 -24.48 -21.73 -15.07
C MET K 95 -23.42 -22.21 -16.06
N ALA K 96 -23.54 -21.69 -17.28
CA ALA K 96 -22.50 -21.78 -18.29
C ALA K 96 -22.44 -20.43 -19.03
N ALA K 97 -21.32 -19.72 -18.91
CA ALA K 97 -21.11 -18.47 -19.64
C ALA K 97 -19.81 -18.54 -20.44
N SER K 98 -19.64 -17.60 -21.36
CA SER K 98 -18.44 -17.49 -22.18
C SER K 98 -18.12 -18.85 -22.81
N MET K 99 -16.91 -19.37 -22.56
CA MET K 99 -16.48 -20.62 -23.15
C MET K 99 -17.15 -21.80 -22.46
N GLY K 100 -17.69 -21.55 -21.25
CA GLY K 100 -18.53 -22.52 -20.60
C GLY K 100 -19.69 -22.93 -21.50
N SER K 101 -20.36 -21.94 -22.10
CA SER K 101 -21.58 -22.21 -22.85
C SER K 101 -21.21 -22.74 -24.25
N PHE K 102 -20.04 -22.35 -24.74
CA PHE K 102 -19.51 -22.89 -25.98
C PHE K 102 -19.28 -24.40 -25.84
N LEU K 103 -18.71 -24.82 -24.70
CA LEU K 103 -18.38 -26.22 -24.47
C LEU K 103 -19.65 -27.04 -24.26
N LEU K 104 -20.63 -26.46 -23.56
CA LEU K 104 -21.93 -27.09 -23.39
C LEU K 104 -22.52 -27.45 -24.75
N ALA K 105 -22.45 -26.50 -25.69
CA ALA K 105 -22.92 -26.66 -27.06
C ALA K 105 -22.08 -27.66 -27.84
N ALA K 106 -20.88 -27.97 -27.35
CA ALA K 106 -19.90 -28.75 -28.08
C ALA K 106 -20.07 -30.25 -27.80
N GLY K 107 -20.99 -30.58 -26.88
CA GLY K 107 -21.25 -31.97 -26.50
C GLY K 107 -21.86 -32.77 -27.65
N ALA K 108 -21.83 -34.10 -27.52
CA ALA K 108 -22.30 -35.00 -28.57
C ALA K 108 -23.76 -34.68 -28.87
N LYS K 109 -24.07 -34.49 -30.16
CA LYS K 109 -25.42 -34.21 -30.63
C LYS K 109 -26.40 -35.17 -29.95
N GLY K 110 -27.49 -34.60 -29.41
CA GLY K 110 -28.53 -35.36 -28.75
C GLY K 110 -28.27 -35.58 -27.26
N LYS K 111 -27.07 -35.27 -26.78
CA LYS K 111 -26.69 -35.55 -25.41
C LYS K 111 -26.09 -34.30 -24.76
N ARG K 112 -26.65 -33.15 -25.12
CA ARG K 112 -26.33 -31.89 -24.46
C ARG K 112 -27.54 -31.48 -23.62
N PHE K 113 -27.31 -31.34 -22.30
CA PHE K 113 -28.38 -31.18 -21.34
C PHE K 113 -28.15 -29.96 -20.47
N ALA K 114 -29.24 -29.41 -19.91
CA ALA K 114 -29.14 -28.50 -18.78
C ALA K 114 -30.26 -28.82 -17.79
N LEU K 115 -30.01 -28.65 -16.49
CA LEU K 115 -31.08 -28.79 -15.52
C LEU K 115 -31.93 -27.54 -15.57
N PRO K 116 -33.19 -27.58 -15.06
CA PRO K 116 -34.21 -26.59 -15.39
C PRO K 116 -33.91 -25.14 -15.01
N ASN K 117 -33.23 -24.94 -13.87
CA ASN K 117 -32.92 -23.60 -13.40
C ASN K 117 -31.50 -23.18 -13.76
N ALA K 118 -30.78 -23.99 -14.54
CA ALA K 118 -29.45 -23.62 -15.01
C ALA K 118 -29.57 -22.40 -15.92
N GLU K 119 -28.52 -21.58 -15.89
CA GLU K 119 -28.44 -20.33 -16.64
C GLU K 119 -27.39 -20.48 -17.73
N VAL K 120 -27.66 -19.94 -18.92
CA VAL K 120 -26.73 -20.05 -20.04
C VAL K 120 -26.55 -18.65 -20.62
N MET K 121 -25.31 -18.16 -20.63
CA MET K 121 -25.05 -16.84 -21.17
C MET K 121 -24.10 -16.95 -22.36
N ILE K 122 -24.38 -16.15 -23.40
CA ILE K 122 -23.54 -16.01 -24.57
C ILE K 122 -23.28 -14.52 -24.79
N HIS K 123 -22.03 -14.20 -25.14
CA HIS K 123 -21.62 -12.84 -25.44
C HIS K 123 -20.38 -12.89 -26.33
N GLN K 124 -19.84 -11.74 -26.69
CA GLN K 124 -18.68 -11.73 -27.57
C GLN K 124 -17.42 -11.77 -26.71
N PRO K 125 -16.29 -12.26 -27.28
CA PRO K 125 -15.04 -12.38 -26.52
C PRO K 125 -14.47 -11.06 -26.03
N LEU K 126 -13.81 -11.12 -24.88
CA LEU K 126 -13.21 -9.96 -24.24
C LEU K 126 -11.69 -10.02 -24.38
N GLY K 127 -11.05 -8.84 -24.45
CA GLY K 127 -9.61 -8.77 -24.46
C GLY K 127 -9.09 -7.34 -24.27
N GLY K 128 -7.78 -7.18 -24.47
CA GLY K 128 -7.12 -5.90 -24.29
C GLY K 128 -5.93 -5.72 -25.24
N ALA K 129 -5.48 -4.48 -25.37
CA ALA K 129 -4.34 -4.16 -26.22
C ALA K 129 -3.83 -2.77 -25.84
N GLN K 130 -2.52 -2.66 -25.64
CA GLN K 130 -1.91 -1.35 -25.52
C GLN K 130 -0.58 -1.32 -26.27
N GLY K 131 -0.18 -0.11 -26.66
CA GLY K 131 1.04 0.12 -27.38
C GLY K 131 0.80 0.96 -28.63
N GLN K 132 1.59 0.67 -29.66
CA GLN K 132 1.54 1.43 -30.90
C GLN K 132 0.25 1.08 -31.66
N ALA K 133 -0.19 2.01 -32.50
CA ALA K 133 -1.35 1.77 -33.36
C ALA K 133 -1.24 0.44 -34.09
N THR K 134 -0.01 0.09 -34.51
CA THR K 134 0.25 -1.12 -35.26
C THR K 134 0.01 -2.35 -34.38
N GLU K 135 0.23 -2.24 -33.07
CA GLU K 135 0.02 -3.34 -32.16
C GLU K 135 -1.46 -3.49 -31.81
N ILE K 136 -2.17 -2.37 -31.69
CA ILE K 136 -3.60 -2.38 -31.44
C ILE K 136 -4.28 -3.13 -32.60
N GLU K 137 -3.88 -2.78 -33.82
CA GLU K 137 -4.44 -3.34 -35.04
C GLU K 137 -4.29 -4.86 -35.04
N ILE K 138 -3.10 -5.34 -34.65
CA ILE K 138 -2.81 -6.77 -34.66
C ILE K 138 -3.71 -7.49 -33.66
N ALA K 139 -3.86 -6.92 -32.45
CA ALA K 139 -4.74 -7.50 -31.43
C ALA K 139 -6.19 -7.39 -31.86
N ALA K 140 -6.59 -6.27 -32.47
CA ALA K 140 -7.95 -6.11 -32.98
C ALA K 140 -8.27 -7.18 -34.01
N ASN K 141 -7.37 -7.41 -34.99
CA ASN K 141 -7.56 -8.46 -35.99
C ASN K 141 -7.58 -9.83 -35.31
N HIS K 142 -6.76 -10.00 -34.27
CA HIS K 142 -6.66 -11.27 -33.58
C HIS K 142 -7.99 -11.66 -32.93
N ILE K 143 -8.63 -10.72 -32.21
CA ILE K 143 -9.82 -11.02 -31.45
C ILE K 143 -11.05 -11.07 -32.37
N LEU K 144 -11.01 -10.33 -33.48
CA LEU K 144 -12.06 -10.37 -34.49
C LEU K 144 -12.07 -11.72 -35.20
N LYS K 145 -10.87 -12.26 -35.49
CA LYS K 145 -10.73 -13.58 -36.08
C LYS K 145 -11.22 -14.66 -35.12
N THR K 146 -10.87 -14.50 -33.83
CA THR K 146 -11.25 -15.44 -32.78
C THR K 146 -12.77 -15.48 -32.67
N ARG K 147 -13.41 -14.32 -32.76
CA ARG K 147 -14.87 -14.27 -32.70
C ARG K 147 -15.49 -15.01 -33.88
N GLU K 148 -15.02 -14.73 -35.11
CA GLU K 148 -15.52 -15.40 -36.30
C GLU K 148 -15.41 -16.91 -36.13
N LYS K 149 -14.31 -17.36 -35.51
CA LYS K 149 -14.08 -18.78 -35.32
C LYS K 149 -15.12 -19.33 -34.37
N LEU K 150 -15.32 -18.64 -33.24
CA LEU K 150 -16.30 -19.02 -32.24
C LEU K 150 -17.71 -19.05 -32.82
N ASN K 151 -18.05 -18.03 -33.60
CA ASN K 151 -19.40 -17.87 -34.14
C ASN K 151 -19.68 -18.91 -35.22
N ARG K 152 -18.67 -19.30 -36.00
CA ARG K 152 -18.85 -20.26 -37.09
C ARG K 152 -19.17 -21.64 -36.52
N ILE K 153 -18.50 -22.00 -35.42
CA ILE K 153 -18.68 -23.30 -34.79
C ILE K 153 -20.04 -23.34 -34.10
N LEU K 154 -20.43 -22.23 -33.45
CA LEU K 154 -21.73 -22.15 -32.79
C LEU K 154 -22.84 -22.33 -33.81
N SER K 155 -22.65 -21.79 -35.02
CA SER K 155 -23.62 -21.94 -36.09
C SER K 155 -23.75 -23.40 -36.50
N GLU K 156 -22.62 -24.10 -36.65
CA GLU K 156 -22.64 -25.51 -37.00
C GLU K 156 -23.35 -26.32 -35.92
N ARG K 157 -23.15 -25.95 -34.65
CA ARG K 157 -23.59 -26.71 -33.49
C ARG K 157 -25.04 -26.42 -33.11
N THR K 158 -25.50 -25.19 -33.32
CA THR K 158 -26.84 -24.78 -32.89
C THR K 158 -27.85 -24.89 -34.03
N GLY K 159 -27.40 -24.67 -35.27
CA GLY K 159 -28.28 -24.64 -36.42
C GLY K 159 -28.65 -23.21 -36.83
N GLN K 160 -28.17 -22.23 -36.05
CA GLN K 160 -28.46 -20.82 -36.29
C GLN K 160 -27.48 -20.29 -37.32
N SER K 161 -27.89 -19.25 -38.06
CA SER K 161 -27.00 -18.62 -39.01
C SER K 161 -25.95 -17.80 -38.25
N ILE K 162 -24.78 -17.64 -38.86
CA ILE K 162 -23.73 -16.78 -38.34
C ILE K 162 -24.29 -15.37 -38.12
N GLU K 163 -25.12 -14.90 -39.06
CA GLU K 163 -25.67 -13.55 -39.01
C GLU K 163 -26.35 -13.35 -37.66
N LYS K 164 -27.13 -14.36 -37.24
CA LYS K 164 -27.96 -14.26 -36.06
C LYS K 164 -27.11 -14.41 -34.80
N ILE K 165 -26.16 -15.35 -34.81
CA ILE K 165 -25.24 -15.58 -33.70
C ILE K 165 -24.56 -14.26 -33.35
N GLN K 166 -24.18 -13.48 -34.37
CA GLN K 166 -23.42 -12.28 -34.12
C GLN K 166 -24.30 -11.21 -33.48
N LYS K 167 -25.55 -11.07 -33.93
CA LYS K 167 -26.46 -10.11 -33.33
C LYS K 167 -26.70 -10.49 -31.87
N ASP K 168 -26.89 -11.80 -31.64
CA ASP K 168 -27.33 -12.30 -30.34
C ASP K 168 -26.19 -12.32 -29.34
N THR K 169 -24.94 -12.16 -29.81
CA THR K 169 -23.77 -12.16 -28.92
C THR K 169 -23.15 -10.77 -28.81
N ASP K 170 -23.77 -9.77 -29.45
CA ASP K 170 -23.21 -8.42 -29.47
C ASP K 170 -23.13 -7.85 -28.06
N ARG K 171 -24.13 -8.18 -27.23
CA ARG K 171 -24.10 -7.84 -25.82
C ARG K 171 -24.47 -9.08 -25.04
N ASP K 172 -24.34 -9.00 -23.70
CA ASP K 172 -24.67 -10.11 -22.82
C ASP K 172 -26.11 -10.56 -23.06
N ASN K 173 -26.29 -11.87 -23.11
CA ASN K 173 -27.55 -12.49 -23.48
C ASN K 173 -27.74 -13.70 -22.57
N PHE K 174 -28.60 -13.54 -21.56
CA PHE K 174 -28.85 -14.57 -20.57
C PHE K 174 -30.03 -15.41 -21.03
N LEU K 175 -29.85 -16.73 -21.03
CA LEU K 175 -30.87 -17.67 -21.46
C LEU K 175 -31.26 -18.61 -20.32
N THR K 176 -32.53 -19.00 -20.31
CA THR K 176 -33.00 -20.07 -19.44
C THR K 176 -32.63 -21.40 -20.10
N ALA K 177 -32.66 -22.49 -19.33
CA ALA K 177 -32.44 -23.82 -19.87
C ALA K 177 -33.34 -24.05 -21.10
N GLU K 178 -34.61 -23.64 -21.00
CA GLU K 178 -35.58 -23.90 -22.05
C GLU K 178 -35.23 -23.10 -23.30
N GLU K 179 -34.81 -21.84 -23.11
CA GLU K 179 -34.45 -20.96 -24.21
C GLU K 179 -33.17 -21.46 -24.89
N ALA K 180 -32.25 -22.01 -24.08
CA ALA K 180 -31.04 -22.63 -24.59
C ALA K 180 -31.40 -23.78 -25.52
N LYS K 181 -32.43 -24.56 -25.14
CA LYS K 181 -32.87 -25.68 -25.94
C LYS K 181 -33.35 -25.23 -27.32
N GLU K 182 -34.24 -24.21 -27.37
CA GLU K 182 -34.81 -23.79 -28.64
C GLU K 182 -33.77 -23.03 -29.45
N TYR K 183 -32.69 -22.59 -28.79
CA TYR K 183 -31.61 -21.93 -29.48
C TYR K 183 -30.69 -22.95 -30.17
N GLY K 184 -30.63 -24.18 -29.63
CA GLY K 184 -29.80 -25.24 -30.18
C GLY K 184 -28.48 -25.39 -29.44
N LEU K 185 -28.35 -24.72 -28.29
CA LEU K 185 -27.17 -24.81 -27.44
C LEU K 185 -27.21 -26.10 -26.64
N ILE K 186 -28.42 -26.57 -26.32
CA ILE K 186 -28.60 -27.89 -25.75
C ILE K 186 -29.69 -28.60 -26.54
N ASP K 187 -29.86 -29.90 -26.25
CA ASP K 187 -30.88 -30.73 -26.89
C ASP K 187 -32.07 -30.96 -25.97
N GLU K 188 -31.84 -30.99 -24.66
CA GLU K 188 -32.88 -31.40 -23.72
C GLU K 188 -32.71 -30.66 -22.40
N VAL K 189 -33.84 -30.40 -21.71
CA VAL K 189 -33.82 -30.00 -20.32
C VAL K 189 -34.06 -31.25 -19.48
N MET K 190 -33.09 -31.64 -18.64
CA MET K 190 -33.24 -32.81 -17.78
C MET K 190 -34.31 -32.52 -16.73
N VAL K 191 -35.33 -33.38 -16.68
CA VAL K 191 -36.43 -33.24 -15.74
C VAL K 191 -36.24 -34.23 -14.59
N PRO K 192 -36.70 -33.89 -13.37
CA PRO K 192 -36.70 -34.82 -12.24
C PRO K 192 -37.24 -36.23 -12.54
N LEU L 3 -7.65 -29.16 -7.42
CA LEU L 3 -7.24 -30.57 -7.18
C LEU L 3 -6.93 -31.24 -8.51
N ILE L 4 -5.83 -32.01 -8.52
CA ILE L 4 -5.50 -32.91 -9.61
C ILE L 4 -6.14 -34.25 -9.30
N PRO L 5 -6.94 -34.85 -10.22
CA PRO L 5 -7.66 -36.09 -9.91
C PRO L 5 -6.74 -37.31 -9.82
N THR L 6 -7.16 -38.28 -9.01
CA THR L 6 -6.44 -39.51 -8.80
C THR L 6 -7.10 -40.63 -9.62
N VAL L 7 -6.27 -41.56 -10.07
CA VAL L 7 -6.68 -42.68 -10.91
C VAL L 7 -6.05 -43.95 -10.33
N ILE L 8 -6.80 -45.06 -10.32
CA ILE L 8 -6.32 -46.32 -9.77
C ILE L 8 -6.52 -47.40 -10.84
N GLU L 9 -5.63 -48.40 -10.86
CA GLU L 9 -5.61 -49.39 -11.93
C GLU L 9 -5.84 -50.79 -11.33
N ALA L 17 -2.28 -46.53 -7.72
CA ALA L 17 -2.89 -45.18 -7.63
C ALA L 17 -1.89 -44.13 -8.08
N TYR L 18 -2.18 -43.49 -9.22
CA TYR L 18 -1.37 -42.38 -9.69
C TYR L 18 -2.29 -41.17 -9.88
N ASP L 19 -1.78 -39.98 -9.60
CA ASP L 19 -2.40 -38.75 -10.08
C ASP L 19 -2.37 -38.75 -11.61
N ILE L 20 -3.27 -38.01 -12.23
CA ILE L 20 -3.57 -38.16 -13.65
C ILE L 20 -2.31 -37.92 -14.51
N TYR L 21 -1.49 -36.94 -14.13
CA TYR L 21 -0.32 -36.59 -14.93
C TYR L 21 0.74 -37.69 -14.83
N SER L 22 0.91 -38.26 -13.63
CA SER L 22 1.84 -39.38 -13.46
C SER L 22 1.41 -40.55 -14.32
N ARG L 23 0.10 -40.83 -14.31
CA ARG L 23 -0.48 -41.92 -15.08
C ARG L 23 -0.16 -41.71 -16.56
N LEU L 24 -0.22 -40.46 -17.04
CA LEU L 24 0.10 -40.17 -18.42
C LEU L 24 1.59 -40.37 -18.69
N LEU L 25 2.42 -40.06 -17.69
CA LEU L 25 3.86 -40.21 -17.82
C LEU L 25 4.24 -41.70 -17.94
N LYS L 26 3.47 -42.58 -17.29
CA LYS L 26 3.71 -44.02 -17.39
C LYS L 26 3.53 -44.46 -18.85
N ASP L 27 2.74 -43.72 -19.65
CA ASP L 27 2.54 -44.05 -21.05
C ASP L 27 3.30 -43.08 -21.94
N ARG L 28 4.36 -42.48 -21.39
CA ARG L 28 5.33 -41.71 -22.15
C ARG L 28 4.71 -40.40 -22.67
N ILE L 29 3.78 -39.83 -21.90
CA ILE L 29 3.21 -38.54 -22.23
C ILE L 29 3.69 -37.51 -21.22
N ILE L 30 4.27 -36.42 -21.72
CA ILE L 30 4.73 -35.31 -20.90
C ILE L 30 3.85 -34.11 -21.20
N MET L 31 3.39 -33.46 -20.13
CA MET L 31 2.49 -32.32 -20.28
C MET L 31 3.30 -31.05 -20.06
N LEU L 32 3.40 -30.22 -21.11
CA LEU L 32 3.87 -28.86 -20.98
C LEU L 32 2.68 -27.92 -21.08
N GLY L 33 2.07 -27.61 -19.92
CA GLY L 33 0.78 -26.94 -19.90
C GLY L 33 0.81 -25.61 -19.14
N SER L 34 2.01 -25.05 -18.94
CA SER L 34 2.17 -23.82 -18.19
C SER L 34 3.25 -22.95 -18.82
N GLN L 35 3.47 -21.77 -18.22
CA GLN L 35 4.57 -20.89 -18.56
C GLN L 35 5.87 -21.66 -18.43
N ILE L 36 6.83 -21.38 -19.33
CA ILE L 36 8.13 -22.02 -19.28
C ILE L 36 9.05 -21.18 -18.39
N ASP L 37 9.32 -21.71 -17.18
CA ASP L 37 10.36 -21.16 -16.33
C ASP L 37 11.34 -22.30 -16.05
N ASP L 38 12.34 -22.02 -15.21
CA ASP L 38 13.42 -22.97 -14.96
C ASP L 38 12.87 -24.23 -14.30
N ASN L 39 11.83 -24.11 -13.45
CA ASN L 39 11.26 -25.29 -12.79
C ASN L 39 10.59 -26.21 -13.80
N VAL L 40 9.75 -25.63 -14.67
CA VAL L 40 9.04 -26.40 -15.67
C VAL L 40 10.05 -27.12 -16.55
N ALA L 41 11.13 -26.41 -16.92
CA ALA L 41 12.18 -26.98 -17.74
C ALA L 41 12.87 -28.14 -17.01
N ASN L 42 13.11 -28.02 -15.70
CA ASN L 42 13.81 -29.05 -14.98
C ASN L 42 12.96 -30.32 -14.89
N SER L 43 11.65 -30.14 -14.72
CA SER L 43 10.72 -31.26 -14.65
C SER L 43 10.69 -32.00 -15.97
N ILE L 44 10.51 -31.27 -17.07
CA ILE L 44 10.35 -31.87 -18.38
C ILE L 44 11.66 -32.55 -18.81
N VAL L 45 12.79 -31.91 -18.50
CA VAL L 45 14.08 -32.54 -18.74
C VAL L 45 14.15 -33.85 -17.97
N SER L 46 13.81 -33.81 -16.67
CA SER L 46 13.88 -34.99 -15.83
C SER L 46 12.99 -36.10 -16.38
N GLN L 47 11.78 -35.72 -16.83
CA GLN L 47 10.84 -36.67 -17.40
C GLN L 47 11.40 -37.29 -18.67
N LEU L 48 11.94 -36.45 -19.57
CA LEU L 48 12.54 -36.92 -20.81
C LEU L 48 13.62 -37.95 -20.51
N LEU L 49 14.51 -37.59 -19.58
CA LEU L 49 15.69 -38.37 -19.26
C LEU L 49 15.27 -39.77 -18.79
N PHE L 50 14.25 -39.77 -17.92
CA PHE L 50 13.73 -40.98 -17.28
C PHE L 50 13.06 -41.89 -18.31
N LEU L 51 12.31 -41.31 -19.25
CA LEU L 51 11.57 -42.09 -20.24
C LEU L 51 12.54 -42.80 -21.17
N GLN L 52 13.65 -42.14 -21.50
CA GLN L 52 14.69 -42.75 -22.32
C GLN L 52 15.36 -43.94 -21.61
N ALA L 53 15.63 -43.78 -20.32
CA ALA L 53 16.24 -44.84 -19.52
C ALA L 53 15.35 -46.08 -19.53
N GLN L 54 14.02 -45.88 -19.39
CA GLN L 54 13.07 -46.98 -19.41
C GLN L 54 13.09 -47.68 -20.77
N ASP L 55 13.10 -46.88 -21.84
CA ASP L 55 12.99 -47.43 -23.19
C ASP L 55 13.49 -46.38 -24.18
N SER L 56 14.62 -46.69 -24.86
CA SER L 56 15.30 -45.73 -25.73
C SER L 56 14.78 -45.84 -27.16
N GLU L 57 13.78 -46.69 -27.37
CA GLU L 57 13.25 -46.98 -28.70
C GLU L 57 11.88 -46.31 -28.88
N LYS L 58 10.99 -46.48 -27.88
CA LYS L 58 9.60 -46.06 -27.99
C LYS L 58 9.46 -44.54 -27.96
N ASP L 59 8.48 -44.03 -28.72
CA ASP L 59 8.25 -42.61 -28.87
C ASP L 59 7.81 -42.00 -27.54
N ILE L 60 7.99 -40.67 -27.44
CA ILE L 60 7.53 -39.88 -26.31
C ILE L 60 6.58 -38.82 -26.86
N TYR L 61 5.54 -38.48 -26.10
CA TYR L 61 4.54 -37.52 -26.55
C TYR L 61 4.63 -36.26 -25.68
N LEU L 62 4.96 -35.14 -26.31
CA LEU L 62 5.03 -33.89 -25.59
C LEU L 62 3.83 -33.03 -25.99
N TYR L 63 2.89 -32.92 -25.04
CA TYR L 63 1.74 -32.03 -25.16
C TYR L 63 2.20 -30.59 -24.90
N ILE L 64 1.70 -29.65 -25.70
CA ILE L 64 2.08 -28.26 -25.55
C ILE L 64 0.84 -27.38 -25.54
N ASN L 65 0.50 -26.90 -24.33
CA ASN L 65 -0.40 -25.78 -24.14
C ASN L 65 0.31 -24.77 -23.25
N SER L 66 1.07 -23.86 -23.87
CA SER L 66 1.95 -22.95 -23.15
C SER L 66 2.04 -21.60 -23.87
N PRO L 67 2.07 -20.46 -23.14
CA PRO L 67 2.30 -19.16 -23.77
C PRO L 67 3.78 -18.88 -24.02
N GLY L 68 4.64 -19.80 -23.56
CA GLY L 68 6.08 -19.70 -23.73
C GLY L 68 6.76 -19.31 -22.42
N GLY L 69 7.76 -18.42 -22.51
CA GLY L 69 8.49 -17.97 -21.34
C GLY L 69 9.99 -17.86 -21.59
N SER L 70 10.78 -18.31 -20.60
CA SER L 70 12.23 -18.15 -20.61
C SER L 70 12.85 -18.87 -21.80
N VAL L 71 13.76 -18.17 -22.51
CA VAL L 71 14.40 -18.72 -23.69
C VAL L 71 15.41 -19.80 -23.28
N THR L 72 16.20 -19.56 -22.24
CA THR L 72 17.20 -20.51 -21.82
C THR L 72 16.52 -21.76 -21.27
N ALA L 73 15.41 -21.56 -20.55
CA ALA L 73 14.63 -22.67 -20.02
C ALA L 73 14.09 -23.51 -21.18
N GLY L 74 13.60 -22.84 -22.22
CA GLY L 74 13.17 -23.53 -23.43
C GLY L 74 14.31 -24.31 -24.09
N PHE L 75 15.52 -23.74 -24.11
CA PHE L 75 16.63 -24.40 -24.75
C PHE L 75 17.11 -25.57 -23.90
N ALA L 76 16.85 -25.51 -22.59
CA ALA L 76 17.11 -26.66 -21.73
C ALA L 76 16.29 -27.84 -22.22
N ILE L 77 15.03 -27.58 -22.55
CA ILE L 77 14.11 -28.61 -23.03
C ILE L 77 14.48 -29.00 -24.45
N TYR L 78 14.74 -27.99 -25.30
CA TYR L 78 15.05 -28.25 -26.69
C TYR L 78 16.22 -29.24 -26.76
N ASP L 79 17.33 -28.87 -26.12
CA ASP L 79 18.56 -29.64 -26.22
C ASP L 79 18.33 -31.05 -25.67
N THR L 80 17.56 -31.16 -24.58
CA THR L 80 17.27 -32.47 -24.00
C THR L 80 16.50 -33.32 -25.01
N ILE L 81 15.59 -32.68 -25.76
CA ILE L 81 14.78 -33.37 -26.76
C ILE L 81 15.67 -33.95 -27.86
N GLN L 82 16.64 -33.18 -28.33
CA GLN L 82 17.48 -33.62 -29.45
C GLN L 82 18.47 -34.67 -28.98
N HIS L 83 18.93 -34.55 -27.72
CA HIS L 83 20.00 -35.39 -27.22
C HIS L 83 19.58 -36.86 -27.11
N ILE L 84 18.36 -37.11 -26.62
CA ILE L 84 17.95 -38.48 -26.29
C ILE L 84 17.64 -39.25 -27.59
N LYS L 85 17.75 -40.58 -27.50
CA LYS L 85 17.54 -41.48 -28.64
C LYS L 85 16.09 -41.38 -29.14
N PRO L 86 15.06 -41.55 -28.27
CA PRO L 86 13.66 -41.58 -28.72
C PRO L 86 13.22 -40.35 -29.51
N ASP L 87 12.30 -40.58 -30.46
CA ASP L 87 11.60 -39.50 -31.15
C ASP L 87 10.61 -38.87 -30.17
N VAL L 88 10.63 -37.54 -30.10
CA VAL L 88 9.69 -36.82 -29.25
C VAL L 88 8.65 -36.16 -30.16
N GLN L 89 7.42 -36.69 -30.13
CA GLN L 89 6.32 -36.07 -30.85
C GLN L 89 5.91 -34.81 -30.09
N THR L 90 5.42 -33.81 -30.84
CA THR L 90 4.87 -32.61 -30.25
C THR L 90 3.43 -32.41 -30.72
N ILE L 91 2.54 -32.14 -29.75
CA ILE L 91 1.10 -32.01 -29.97
C ILE L 91 0.64 -30.67 -29.40
N CYS L 92 0.39 -29.68 -30.26
CA CYS L 92 -0.09 -28.39 -29.79
C CYS L 92 -1.61 -28.46 -29.59
N ILE L 93 -2.04 -28.22 -28.35
CA ILE L 93 -3.43 -28.27 -27.97
C ILE L 93 -3.77 -26.98 -27.20
N GLY L 94 -4.67 -26.18 -27.77
CA GLY L 94 -4.99 -24.90 -27.19
C GLY L 94 -4.16 -23.79 -27.81
N MET L 95 -2.96 -23.54 -27.26
CA MET L 95 -2.05 -22.60 -27.91
C MET L 95 -0.60 -22.91 -27.59
N ALA L 96 0.25 -22.47 -28.51
CA ALA L 96 1.68 -22.43 -28.30
C ALA L 96 2.17 -21.05 -28.75
N ALA L 97 2.72 -20.27 -27.82
CA ALA L 97 3.33 -18.99 -28.15
C ALA L 97 4.81 -19.00 -27.73
N SER L 98 5.55 -17.99 -28.19
CA SER L 98 6.93 -17.78 -27.77
C SER L 98 7.69 -19.11 -27.86
N MET L 99 8.41 -19.49 -26.79
CA MET L 99 9.20 -20.72 -26.77
C MET L 99 8.30 -21.94 -26.83
N GLY L 100 7.00 -21.75 -26.56
CA GLY L 100 6.03 -22.83 -26.73
C GLY L 100 6.04 -23.33 -28.17
N SER L 101 5.93 -22.39 -29.11
CA SER L 101 5.85 -22.72 -30.52
C SER L 101 7.22 -23.15 -31.05
N PHE L 102 8.29 -22.62 -30.44
CA PHE L 102 9.64 -23.05 -30.75
C PHE L 102 9.81 -24.53 -30.44
N LEU L 103 9.28 -24.97 -29.30
CA LEU L 103 9.42 -26.35 -28.87
C LEU L 103 8.51 -27.25 -29.70
N LEU L 104 7.35 -26.71 -30.12
CA LEU L 104 6.44 -27.44 -31.00
C LEU L 104 7.21 -27.80 -32.29
N ALA L 105 7.87 -26.80 -32.87
CA ALA L 105 8.66 -26.97 -34.08
C ALA L 105 9.82 -27.95 -33.88
N ALA L 106 10.22 -28.17 -32.62
CA ALA L 106 11.44 -28.90 -32.32
C ALA L 106 11.19 -30.41 -32.16
N GLY L 107 9.96 -30.85 -32.45
CA GLY L 107 9.63 -32.28 -32.33
C GLY L 107 10.30 -33.09 -33.44
N ALA L 108 10.33 -34.42 -33.26
CA ALA L 108 10.90 -35.30 -34.27
C ALA L 108 10.18 -35.08 -35.60
N LYS L 109 10.96 -35.09 -36.69
CA LYS L 109 10.47 -34.66 -38.00
C LYS L 109 9.32 -35.57 -38.43
N GLY L 110 8.22 -34.96 -38.88
CA GLY L 110 7.05 -35.69 -39.33
C GLY L 110 6.13 -36.11 -38.18
N LYS L 111 6.45 -35.71 -36.95
CA LYS L 111 5.67 -36.11 -35.79
C LYS L 111 5.35 -34.89 -34.94
N ARG L 112 5.07 -33.78 -35.63
CA ARG L 112 4.74 -32.49 -35.03
C ARG L 112 3.31 -32.14 -35.44
N PHE L 113 2.44 -32.08 -34.44
CA PHE L 113 1.00 -32.03 -34.65
C PHE L 113 0.38 -30.82 -33.94
N ALA L 114 -0.75 -30.35 -34.49
CA ALA L 114 -1.66 -29.46 -33.79
C ALA L 114 -3.09 -29.90 -34.06
N LEU L 115 -3.96 -29.80 -33.04
CA LEU L 115 -5.38 -30.03 -33.22
C LEU L 115 -6.00 -28.83 -33.91
N PRO L 116 -7.13 -29.01 -34.65
CA PRO L 116 -7.62 -28.02 -35.61
C PRO L 116 -7.77 -26.58 -35.11
N ASN L 117 -8.19 -26.40 -33.86
CA ASN L 117 -8.52 -25.06 -33.37
C ASN L 117 -7.40 -24.51 -32.50
N ALA L 118 -6.30 -25.26 -32.37
CA ALA L 118 -5.14 -24.78 -31.64
C ALA L 118 -4.56 -23.57 -32.38
N GLU L 119 -3.93 -22.71 -31.59
CA GLU L 119 -3.40 -21.44 -32.06
C GLU L 119 -1.88 -21.47 -31.88
N VAL L 120 -1.15 -21.02 -32.90
CA VAL L 120 0.29 -20.92 -32.82
C VAL L 120 0.69 -19.46 -33.04
N MET L 121 1.54 -18.94 -32.16
CA MET L 121 2.00 -17.56 -32.27
C MET L 121 3.53 -17.55 -32.28
N ILE L 122 4.11 -16.80 -33.22
CA ILE L 122 5.54 -16.56 -33.27
C ILE L 122 5.78 -15.05 -33.20
N HIS L 123 6.87 -14.65 -32.52
CA HIS L 123 7.27 -13.25 -32.41
C HIS L 123 8.73 -13.21 -31.97
N GLN L 124 9.27 -12.00 -31.82
CA GLN L 124 10.67 -11.88 -31.41
C GLN L 124 10.73 -12.00 -29.89
N PRO L 125 11.92 -12.35 -29.33
CA PRO L 125 12.11 -12.40 -27.88
C PRO L 125 11.98 -11.04 -27.21
N LEU L 126 11.60 -11.09 -25.93
CA LEU L 126 11.39 -9.92 -25.11
C LEU L 126 12.45 -9.91 -24.02
N GLY L 127 12.85 -8.70 -23.60
CA GLY L 127 13.83 -8.52 -22.55
C GLY L 127 13.84 -7.09 -22.04
N GLY L 128 14.88 -6.76 -21.28
CA GLY L 128 15.08 -5.43 -20.73
C GLY L 128 16.55 -5.16 -20.44
N ALA L 129 16.87 -3.88 -20.21
CA ALA L 129 18.17 -3.47 -19.71
C ALA L 129 18.03 -2.10 -19.06
N GLN L 130 18.81 -1.86 -18.01
CA GLN L 130 18.96 -0.53 -17.46
C GLN L 130 20.37 -0.38 -16.91
N GLY L 131 20.83 0.87 -16.84
CA GLY L 131 22.17 1.19 -16.39
C GLY L 131 22.94 2.01 -17.42
N GLN L 132 24.26 1.86 -17.40
CA GLN L 132 25.18 2.60 -18.24
C GLN L 132 25.00 2.22 -19.72
N ALA L 133 25.32 3.15 -20.62
CA ALA L 133 25.28 2.89 -22.07
C ALA L 133 25.94 1.55 -22.42
N THR L 134 27.09 1.29 -21.80
CA THR L 134 27.90 0.11 -22.03
C THR L 134 27.13 -1.15 -21.68
N GLU L 135 26.34 -1.08 -20.60
CA GLU L 135 25.53 -2.19 -20.13
C GLU L 135 24.33 -2.38 -21.05
N ILE L 136 23.75 -1.28 -21.55
CA ILE L 136 22.63 -1.36 -22.49
C ILE L 136 23.14 -2.08 -23.74
N GLU L 137 24.35 -1.72 -24.18
CA GLU L 137 24.94 -2.28 -25.38
C GLU L 137 25.12 -3.79 -25.22
N ILE L 138 25.61 -4.22 -24.04
CA ILE L 138 25.86 -5.63 -23.80
C ILE L 138 24.55 -6.42 -23.84
N ALA L 139 23.49 -5.87 -23.20
CA ALA L 139 22.19 -6.54 -23.16
C ALA L 139 21.55 -6.54 -24.54
N ALA L 140 21.77 -5.47 -25.31
CA ALA L 140 21.30 -5.40 -26.69
C ALA L 140 21.93 -6.52 -27.52
N ASN L 141 23.27 -6.61 -27.52
CA ASN L 141 23.96 -7.64 -28.27
C ASN L 141 23.49 -9.03 -27.82
N HIS L 142 23.31 -9.21 -26.51
CA HIS L 142 22.92 -10.50 -25.95
C HIS L 142 21.59 -10.96 -26.54
N ILE L 143 20.59 -10.05 -26.60
CA ILE L 143 19.25 -10.45 -27.00
C ILE L 143 19.17 -10.57 -28.52
N LEU L 144 19.90 -9.72 -29.26
CA LEU L 144 19.98 -9.82 -30.71
C LEU L 144 20.66 -11.13 -31.11
N LYS L 145 21.69 -11.54 -30.34
CA LYS L 145 22.35 -12.81 -30.56
C LYS L 145 21.36 -13.97 -30.35
N THR L 146 20.61 -13.89 -29.24
CA THR L 146 19.66 -14.91 -28.87
C THR L 146 18.61 -15.05 -29.96
N ARG L 147 18.19 -13.92 -30.53
CA ARG L 147 17.20 -13.90 -31.59
C ARG L 147 17.74 -14.56 -32.87
N GLU L 148 19.00 -14.24 -33.23
CA GLU L 148 19.62 -14.87 -34.39
C GLU L 148 19.68 -16.38 -34.17
N LYS L 149 19.97 -16.79 -32.93
CA LYS L 149 20.10 -18.19 -32.57
C LYS L 149 18.76 -18.92 -32.77
N LEU L 150 17.70 -18.34 -32.22
CA LEU L 150 16.36 -18.89 -32.37
C LEU L 150 16.00 -18.96 -33.85
N ASN L 151 16.12 -17.84 -34.56
CA ASN L 151 15.71 -17.75 -35.96
C ASN L 151 16.43 -18.78 -36.82
N ARG L 152 17.70 -19.07 -36.50
CA ARG L 152 18.50 -20.00 -37.29
C ARG L 152 17.96 -21.42 -37.13
N ILE L 153 17.57 -21.78 -35.90
CA ILE L 153 17.05 -23.12 -35.66
C ILE L 153 15.65 -23.24 -36.27
N LEU L 154 14.83 -22.18 -36.20
CA LEU L 154 13.52 -22.20 -36.82
C LEU L 154 13.65 -22.45 -38.31
N SER L 155 14.61 -21.77 -38.95
CA SER L 155 14.88 -21.92 -40.37
C SER L 155 15.18 -23.38 -40.70
N GLU L 156 16.04 -24.01 -39.88
CA GLU L 156 16.43 -25.41 -40.06
C GLU L 156 15.25 -26.34 -39.84
N ARG L 157 14.30 -25.93 -39.00
CA ARG L 157 13.20 -26.78 -38.54
C ARG L 157 11.95 -26.63 -39.41
N THR L 158 11.74 -25.43 -39.97
CA THR L 158 10.59 -25.14 -40.80
C THR L 158 10.93 -25.23 -42.28
N GLY L 159 12.17 -24.88 -42.65
CA GLY L 159 12.55 -24.81 -44.05
C GLY L 159 12.48 -23.38 -44.60
N GLN L 160 11.98 -22.44 -43.80
CA GLN L 160 11.88 -21.05 -44.22
C GLN L 160 13.25 -20.39 -44.06
N SER L 161 13.51 -19.37 -44.87
CA SER L 161 14.75 -18.62 -44.79
C SER L 161 14.73 -17.74 -43.53
N ILE L 162 15.92 -17.54 -42.96
CA ILE L 162 16.14 -16.63 -41.85
C ILE L 162 15.55 -15.26 -42.17
N GLU L 163 15.76 -14.77 -43.40
CA GLU L 163 15.25 -13.46 -43.81
C GLU L 163 13.74 -13.40 -43.52
N LYS L 164 13.04 -14.49 -43.88
CA LYS L 164 11.60 -14.55 -43.78
C LYS L 164 11.19 -14.65 -42.31
N ILE L 165 11.83 -15.55 -41.56
CA ILE L 165 11.51 -15.72 -40.16
C ILE L 165 11.59 -14.36 -39.48
N GLN L 166 12.57 -13.53 -39.85
CA GLN L 166 12.76 -12.30 -39.10
C GLN L 166 11.65 -11.30 -39.41
N LYS L 167 11.25 -11.16 -40.68
CA LYS L 167 10.13 -10.30 -41.03
C LYS L 167 8.87 -10.76 -40.30
N ASP L 168 8.65 -12.08 -40.28
CA ASP L 168 7.40 -12.66 -39.81
C ASP L 168 7.35 -12.70 -38.28
N THR L 169 8.48 -12.51 -37.61
CA THR L 169 8.51 -12.51 -36.15
C THR L 169 8.67 -11.09 -35.62
N ASP L 170 8.71 -10.10 -36.51
CA ASP L 170 9.00 -8.72 -36.12
C ASP L 170 7.95 -8.22 -35.12
N ARG L 171 6.68 -8.61 -35.34
CA ARG L 171 5.58 -8.29 -34.45
C ARG L 171 4.78 -9.56 -34.23
N ASP L 172 3.80 -9.49 -33.31
CA ASP L 172 3.03 -10.67 -32.93
C ASP L 172 2.34 -11.21 -34.17
N ASN L 173 2.51 -12.52 -34.41
CA ASN L 173 2.02 -13.17 -35.61
C ASN L 173 1.28 -14.43 -35.18
N PHE L 174 -0.05 -14.36 -35.22
CA PHE L 174 -0.91 -15.48 -34.84
C PHE L 174 -1.23 -16.30 -36.09
N LEU L 175 -1.12 -17.63 -35.95
CA LEU L 175 -1.36 -18.58 -37.03
C LEU L 175 -2.38 -19.64 -36.60
N THR L 176 -3.22 -20.08 -37.54
CA THR L 176 -4.11 -21.22 -37.34
C THR L 176 -3.28 -22.50 -37.42
N ALA L 177 -3.87 -23.64 -37.06
CA ALA L 177 -3.18 -24.91 -37.16
C ALA L 177 -2.83 -25.18 -38.63
N GLU L 178 -3.76 -24.92 -39.54
CA GLU L 178 -3.52 -25.12 -40.95
C GLU L 178 -2.39 -24.21 -41.42
N GLU L 179 -2.37 -22.98 -40.91
CA GLU L 179 -1.33 -22.01 -41.27
C GLU L 179 0.04 -22.43 -40.72
N ALA L 180 0.05 -23.03 -39.53
CA ALA L 180 1.28 -23.47 -38.90
C ALA L 180 1.93 -24.58 -39.73
N LYS L 181 1.11 -25.45 -40.33
CA LYS L 181 1.59 -26.57 -41.13
C LYS L 181 2.27 -26.06 -42.40
N GLU L 182 1.61 -25.17 -43.13
CA GLU L 182 2.14 -24.68 -44.40
C GLU L 182 3.38 -23.83 -44.14
N TYR L 183 3.52 -23.35 -42.89
CA TYR L 183 4.69 -22.59 -42.49
C TYR L 183 5.84 -23.53 -42.13
N GLY L 184 5.53 -24.77 -41.73
CA GLY L 184 6.55 -25.74 -41.39
C GLY L 184 6.73 -25.94 -39.88
N LEU L 185 5.96 -25.20 -39.07
CA LEU L 185 6.05 -25.32 -37.62
C LEU L 185 5.56 -26.69 -37.18
N ILE L 186 4.57 -27.23 -37.90
CA ILE L 186 4.07 -28.56 -37.65
C ILE L 186 4.03 -29.32 -38.97
N ASP L 187 3.88 -30.65 -38.87
CA ASP L 187 3.84 -31.52 -40.03
C ASP L 187 2.40 -31.77 -40.45
N GLU L 188 1.50 -31.86 -39.46
CA GLU L 188 0.16 -32.39 -39.66
C GLU L 188 -0.84 -31.68 -38.73
N VAL L 189 -2.08 -31.54 -39.20
CA VAL L 189 -3.21 -31.23 -38.33
C VAL L 189 -3.90 -32.54 -37.99
N MET L 190 -3.97 -32.89 -36.70
CA MET L 190 -4.68 -34.09 -36.27
C MET L 190 -6.17 -33.89 -36.54
N VAL L 191 -6.82 -34.91 -37.12
CA VAL L 191 -8.23 -34.82 -37.42
C VAL L 191 -8.99 -35.86 -36.59
N PRO L 192 -10.27 -35.60 -36.24
CA PRO L 192 -11.10 -36.57 -35.51
C PRO L 192 -11.08 -37.98 -36.13
N LEU M 3 2.95 -29.35 -9.97
CA LEU M 3 2.90 -30.79 -9.60
C LEU M 3 4.18 -31.48 -10.10
N ILE M 4 4.96 -32.03 -9.16
CA ILE M 4 6.12 -32.84 -9.47
C ILE M 4 5.64 -34.25 -9.76
N PRO M 5 5.85 -34.82 -10.99
CA PRO M 5 5.29 -36.12 -11.34
C PRO M 5 5.91 -37.26 -10.54
N THR M 6 5.11 -38.32 -10.35
CA THR M 6 5.52 -39.54 -9.65
C THR M 6 5.80 -40.63 -10.67
N VAL M 7 6.66 -41.59 -10.30
CA VAL M 7 7.17 -42.60 -11.22
C VAL M 7 7.08 -43.99 -10.57
N TYR M 18 8.48 -43.10 -6.22
CA TYR M 18 9.49 -42.00 -6.13
C TYR M 18 9.01 -40.81 -7.00
N ASP M 19 9.20 -39.60 -6.48
CA ASP M 19 9.02 -38.38 -7.28
C ASP M 19 10.17 -38.31 -8.30
N ILE M 20 9.93 -37.63 -9.43
CA ILE M 20 10.85 -37.71 -10.56
C ILE M 20 12.28 -37.41 -10.12
N TYR M 21 12.46 -36.41 -9.24
CA TYR M 21 13.79 -35.95 -8.84
C TYR M 21 14.42 -36.97 -7.89
N SER M 22 13.63 -37.52 -6.96
CA SER M 22 14.13 -38.54 -6.05
C SER M 22 14.55 -39.78 -6.82
N ARG M 23 13.88 -40.07 -7.95
CA ARG M 23 14.20 -41.19 -8.80
C ARG M 23 15.56 -40.98 -9.48
N LEU M 24 15.84 -39.76 -9.93
CA LEU M 24 17.11 -39.46 -10.55
C LEU M 24 18.24 -39.54 -9.53
N LEU M 25 17.96 -39.19 -8.27
CA LEU M 25 18.96 -39.19 -7.22
C LEU M 25 19.40 -40.62 -6.91
N LYS M 26 18.48 -41.59 -7.06
CA LYS M 26 18.84 -42.98 -6.89
C LYS M 26 19.90 -43.38 -7.93
N ASP M 27 19.94 -42.71 -9.09
CA ASP M 27 20.91 -43.01 -10.12
C ASP M 27 22.09 -42.04 -10.08
N ARG M 28 22.24 -41.35 -8.93
CA ARG M 28 23.39 -40.49 -8.67
C ARG M 28 23.35 -39.21 -9.52
N ILE M 29 22.13 -38.76 -9.86
CA ILE M 29 21.93 -37.50 -10.56
C ILE M 29 21.36 -36.47 -9.59
N ILE M 30 22.04 -35.31 -9.48
CA ILE M 30 21.60 -34.20 -8.66
C ILE M 30 21.17 -33.07 -9.59
N MET M 31 20.05 -32.42 -9.24
CA MET M 31 19.49 -31.34 -10.03
C MET M 31 19.70 -30.02 -9.31
N LEU M 32 20.57 -29.17 -9.86
CA LEU M 32 20.69 -27.79 -9.44
C LEU M 32 20.05 -26.94 -10.52
N GLY M 33 18.78 -26.61 -10.30
CA GLY M 33 17.95 -26.03 -11.35
C GLY M 33 17.23 -24.77 -10.87
N SER M 34 17.87 -24.05 -9.95
CA SER M 34 17.26 -22.88 -9.33
C SER M 34 18.33 -21.85 -9.00
N GLN M 35 17.88 -20.70 -8.47
CA GLN M 35 18.78 -19.76 -7.84
C GLN M 35 19.52 -20.49 -6.72
N ILE M 36 20.78 -20.14 -6.48
CA ILE M 36 21.56 -20.76 -5.42
C ILE M 36 21.43 -19.93 -4.16
N ASP M 37 20.71 -20.45 -3.16
CA ASP M 37 20.66 -19.86 -1.84
C ASP M 37 21.05 -20.95 -0.85
N ASP M 38 21.00 -20.62 0.45
CA ASP M 38 21.49 -21.52 1.49
C ASP M 38 20.71 -22.83 1.49
N ASN M 39 19.39 -22.78 1.22
CA ASN M 39 18.56 -23.99 1.23
C ASN M 39 18.98 -24.96 0.14
N VAL M 40 19.15 -24.45 -1.09
CA VAL M 40 19.52 -25.26 -2.24
C VAL M 40 20.91 -25.86 -2.01
N ALA M 41 21.81 -25.06 -1.43
CA ALA M 41 23.14 -25.53 -1.07
C ALA M 41 23.05 -26.70 -0.11
N ASN M 42 22.28 -26.55 0.97
CA ASN M 42 22.22 -27.58 2.00
C ASN M 42 21.71 -28.88 1.37
N SER M 43 20.69 -28.74 0.53
CA SER M 43 20.08 -29.90 -0.11
C SER M 43 21.15 -30.60 -0.94
N ILE M 44 21.88 -29.84 -1.74
CA ILE M 44 22.82 -30.42 -2.69
C ILE M 44 24.04 -30.97 -1.95
N VAL M 45 24.48 -30.28 -0.89
CA VAL M 45 25.56 -30.80 -0.08
C VAL M 45 25.14 -32.15 0.51
N SER M 46 23.91 -32.23 1.02
CA SER M 46 23.41 -33.45 1.62
C SER M 46 23.34 -34.59 0.60
N GLN M 47 22.94 -34.27 -0.64
CA GLN M 47 22.84 -35.27 -1.69
C GLN M 47 24.22 -35.78 -2.05
N LEU M 48 25.19 -34.86 -2.12
CA LEU M 48 26.56 -35.22 -2.42
C LEU M 48 27.07 -36.16 -1.33
N LEU M 49 26.77 -35.82 -0.07
CA LEU M 49 27.30 -36.56 1.06
C LEU M 49 26.72 -37.97 1.10
N PHE M 50 25.43 -38.08 0.77
CA PHE M 50 24.70 -39.35 0.80
C PHE M 50 25.22 -40.28 -0.29
N LEU M 51 25.34 -39.75 -1.51
CA LEU M 51 25.73 -40.55 -2.67
C LEU M 51 27.11 -41.15 -2.46
N GLN M 52 28.01 -40.38 -1.83
CA GLN M 52 29.33 -40.88 -1.45
C GLN M 52 29.21 -42.07 -0.51
N ALA M 53 28.35 -41.95 0.50
CA ALA M 53 28.18 -42.99 1.50
C ALA M 53 27.63 -44.26 0.86
N GLN M 54 26.85 -44.11 -0.21
CA GLN M 54 26.28 -45.25 -0.92
C GLN M 54 27.38 -45.92 -1.75
N ASP M 55 28.20 -45.09 -2.39
CA ASP M 55 29.23 -45.60 -3.27
C ASP M 55 30.27 -44.49 -3.45
N SER M 56 31.48 -44.71 -2.93
CA SER M 56 32.54 -43.72 -2.97
C SER M 56 33.31 -43.80 -4.29
N GLU M 57 32.93 -44.73 -5.17
CA GLU M 57 33.66 -45.01 -6.39
C GLU M 57 32.95 -44.41 -7.60
N LYS M 58 31.65 -44.67 -7.73
CA LYS M 58 30.89 -44.35 -8.93
C LYS M 58 30.71 -42.84 -9.06
N ASP M 59 30.69 -42.37 -10.32
CA ASP M 59 30.53 -40.97 -10.65
C ASP M 59 29.17 -40.45 -10.16
N ILE M 60 29.13 -39.13 -9.92
CA ILE M 60 27.91 -38.40 -9.66
C ILE M 60 27.70 -37.43 -10.81
N TYR M 61 26.42 -37.14 -11.13
CA TYR M 61 26.07 -36.24 -12.20
C TYR M 61 25.36 -35.03 -11.61
N LEU M 62 25.91 -33.84 -11.83
CA LEU M 62 25.31 -32.60 -11.38
C LEU M 62 24.82 -31.83 -12.61
N TYR M 63 23.50 -31.88 -12.81
CA TYR M 63 22.83 -31.07 -13.81
C TYR M 63 22.79 -29.64 -13.29
N ILE M 64 23.11 -28.67 -14.15
CA ILE M 64 23.13 -27.27 -13.76
C ILE M 64 22.31 -26.45 -14.74
N ASN M 65 21.16 -25.96 -14.27
CA ASN M 65 20.43 -24.90 -14.94
C ASN M 65 20.14 -23.82 -13.90
N SER M 66 21.05 -22.85 -13.77
CA SER M 66 21.00 -21.90 -12.67
C SER M 66 21.45 -20.51 -13.14
N PRO M 67 20.82 -19.42 -12.63
CA PRO M 67 21.35 -18.07 -12.79
C PRO M 67 22.38 -17.72 -11.73
N GLY M 68 22.67 -18.68 -10.84
CA GLY M 68 23.65 -18.51 -9.77
C GLY M 68 23.00 -17.97 -8.51
N GLY M 69 23.76 -17.17 -7.73
CA GLY M 69 23.22 -16.57 -6.53
C GLY M 69 24.29 -16.39 -5.46
N SER M 70 23.98 -16.77 -4.22
CA SER M 70 24.89 -16.53 -3.11
C SER M 70 26.25 -17.16 -3.37
N VAL M 71 27.31 -16.40 -3.10
CA VAL M 71 28.66 -16.89 -3.28
C VAL M 71 28.97 -17.94 -2.21
N THR M 72 28.66 -17.65 -0.93
CA THR M 72 29.01 -18.55 0.14
C THR M 72 28.26 -19.87 -0.03
N ALA M 73 27.00 -19.77 -0.45
CA ALA M 73 26.22 -20.97 -0.72
C ALA M 73 26.88 -21.75 -1.85
N GLY M 74 27.28 -21.03 -2.90
CA GLY M 74 28.00 -21.65 -4.01
C GLY M 74 29.22 -22.45 -3.51
N PHE M 75 29.99 -21.86 -2.58
CA PHE M 75 31.23 -22.46 -2.08
C PHE M 75 30.94 -23.61 -1.12
N ALA M 76 29.75 -23.64 -0.51
CA ALA M 76 29.30 -24.81 0.23
C ALA M 76 29.28 -26.03 -0.69
N ILE M 77 28.76 -25.85 -1.91
CA ILE M 77 28.65 -26.93 -2.89
C ILE M 77 30.05 -27.24 -3.42
N TYR M 78 30.79 -26.19 -3.80
CA TYR M 78 32.11 -26.35 -4.38
C TYR M 78 32.99 -27.19 -3.44
N ASP M 79 33.06 -26.78 -2.17
CA ASP M 79 33.97 -27.40 -1.23
C ASP M 79 33.55 -28.86 -1.01
N THR M 80 32.24 -29.14 -1.03
CA THR M 80 31.75 -30.50 -0.84
C THR M 80 32.06 -31.34 -2.07
N ILE M 81 31.96 -30.76 -3.27
CA ILE M 81 32.32 -31.47 -4.48
C ILE M 81 33.76 -31.93 -4.40
N GLN M 82 34.68 -31.02 -4.04
CA GLN M 82 36.09 -31.36 -4.03
C GLN M 82 36.37 -32.39 -2.93
N HIS M 83 35.61 -32.33 -1.82
CA HIS M 83 35.94 -33.12 -0.64
C HIS M 83 35.70 -34.61 -0.85
N ILE M 84 34.60 -34.95 -1.53
CA ILE M 84 34.17 -36.33 -1.65
C ILE M 84 35.02 -37.05 -2.69
N LYS M 85 35.18 -38.37 -2.48
CA LYS M 85 35.98 -39.24 -3.35
C LYS M 85 35.46 -39.23 -4.78
N PRO M 86 34.14 -39.46 -5.03
CA PRO M 86 33.64 -39.57 -6.40
C PRO M 86 33.94 -38.37 -7.30
N ASP M 87 34.14 -38.65 -8.58
CA ASP M 87 34.09 -37.62 -9.60
C ASP M 87 32.66 -37.09 -9.68
N VAL M 88 32.53 -35.76 -9.77
CA VAL M 88 31.24 -35.12 -9.98
C VAL M 88 31.28 -34.49 -11.36
N GLN M 89 30.53 -35.09 -12.30
CA GLN M 89 30.38 -34.52 -13.63
C GLN M 89 29.43 -33.34 -13.55
N THR M 90 29.70 -32.31 -14.36
CA THR M 90 28.83 -31.15 -14.44
C THR M 90 28.28 -31.05 -15.85
N ILE M 91 26.95 -30.90 -15.95
CA ILE M 91 26.25 -30.83 -17.23
C ILE M 91 25.43 -29.54 -17.21
N CYS M 92 25.83 -28.55 -18.00
CA CYS M 92 25.05 -27.32 -18.11
C CYS M 92 23.98 -27.48 -19.18
N ILE M 93 22.73 -27.27 -18.77
CA ILE M 93 21.58 -27.35 -19.65
C ILE M 93 20.70 -26.14 -19.37
N GLY M 94 20.37 -25.38 -20.42
CA GLY M 94 19.66 -24.12 -20.26
C GLY M 94 20.64 -22.96 -20.13
N MET M 95 21.08 -22.67 -18.89
CA MET M 95 22.14 -21.71 -18.66
C MET M 95 22.88 -22.01 -17.36
N ALA M 96 24.09 -21.45 -17.27
CA ALA M 96 24.78 -21.27 -16.00
C ALA M 96 25.30 -19.84 -15.95
N ALA M 97 24.88 -19.06 -14.95
CA ALA M 97 25.43 -17.74 -14.72
C ALA M 97 25.90 -17.62 -13.28
N SER M 98 26.73 -16.60 -13.00
CA SER M 98 27.20 -16.30 -11.65
C SER M 98 27.86 -17.56 -11.07
N MET M 99 27.51 -17.93 -9.83
CA MET M 99 28.10 -19.09 -9.18
C MET M 99 27.68 -20.38 -9.88
N GLY M 100 26.65 -20.30 -10.74
CA GLY M 100 26.23 -21.43 -11.55
C GLY M 100 27.36 -21.87 -12.50
N SER M 101 27.93 -20.92 -13.22
CA SER M 101 29.01 -21.22 -14.14
C SER M 101 30.29 -21.54 -13.35
N PHE M 102 30.40 -21.01 -12.12
CA PHE M 102 31.54 -21.32 -11.27
C PHE M 102 31.53 -22.80 -10.92
N LEU M 103 30.35 -23.35 -10.65
CA LEU M 103 30.23 -24.74 -10.25
C LEU M 103 30.38 -25.65 -11.47
N LEU M 104 29.98 -25.15 -12.65
CA LEU M 104 30.12 -25.88 -13.89
C LEU M 104 31.59 -26.21 -14.11
N ALA M 105 32.42 -25.17 -13.89
CA ALA M 105 33.86 -25.24 -14.05
C ALA M 105 34.51 -26.07 -12.95
N ALA M 106 33.75 -26.35 -11.87
CA ALA M 106 34.26 -27.02 -10.69
C ALA M 106 34.15 -28.55 -10.80
N GLY M 107 33.51 -29.03 -11.86
CA GLY M 107 33.35 -30.47 -12.05
C GLY M 107 34.69 -31.18 -12.25
N ALA M 108 34.67 -32.51 -12.12
CA ALA M 108 35.87 -33.32 -12.28
C ALA M 108 36.50 -33.06 -13.65
N LYS M 109 37.83 -33.10 -13.70
CA LYS M 109 38.57 -32.71 -14.88
C LYS M 109 38.28 -33.73 -15.98
N GLY M 110 37.91 -33.22 -17.17
CA GLY M 110 37.52 -34.05 -18.30
C GLY M 110 36.05 -34.47 -18.29
N LYS M 111 35.27 -34.00 -17.31
CA LYS M 111 33.90 -34.43 -17.16
C LYS M 111 32.97 -33.23 -16.96
N ARG M 112 33.33 -32.09 -17.56
CA ARG M 112 32.51 -30.90 -17.54
C ARG M 112 31.90 -30.70 -18.92
N PHE M 113 30.56 -30.70 -18.96
CA PHE M 113 29.82 -30.72 -20.21
C PHE M 113 28.80 -29.59 -20.27
N ALA M 114 28.46 -29.19 -21.49
CA ALA M 114 27.29 -28.37 -21.75
C ALA M 114 26.64 -28.88 -23.05
N LEU M 115 25.32 -28.75 -23.14
CA LEU M 115 24.61 -29.17 -24.35
C LEU M 115 24.65 -28.00 -25.33
N PRO M 116 24.52 -28.26 -26.65
CA PRO M 116 24.95 -27.30 -27.68
C PRO M 116 24.47 -25.87 -27.49
N ASN M 117 23.21 -25.71 -27.06
CA ASN M 117 22.56 -24.41 -27.04
C ASN M 117 22.46 -23.86 -25.62
N ALA M 118 23.20 -24.48 -24.68
CA ALA M 118 23.26 -23.99 -23.30
C ALA M 118 24.08 -22.70 -23.29
N GLU M 119 23.75 -21.81 -22.34
CA GLU M 119 24.34 -20.49 -22.25
C GLU M 119 25.17 -20.40 -20.98
N VAL M 120 26.39 -19.84 -21.07
CA VAL M 120 27.24 -19.68 -19.90
C VAL M 120 27.57 -18.20 -19.78
N MET M 121 27.43 -17.64 -18.58
CA MET M 121 27.74 -16.24 -18.37
C MET M 121 28.72 -16.13 -17.21
N ILE M 122 29.73 -15.26 -17.39
CA ILE M 122 30.65 -14.92 -16.31
C ILE M 122 30.65 -13.41 -16.13
N HIS M 123 30.79 -12.98 -14.87
CA HIS M 123 30.75 -11.59 -14.47
C HIS M 123 31.25 -11.49 -13.04
N GLN M 124 31.35 -10.26 -12.53
CA GLN M 124 31.96 -10.08 -11.22
C GLN M 124 30.87 -10.14 -10.17
N PRO M 125 31.23 -10.46 -8.89
CA PRO M 125 30.26 -10.54 -7.82
C PRO M 125 29.56 -9.21 -7.54
N LEU M 126 28.30 -9.32 -7.10
CA LEU M 126 27.43 -8.19 -6.84
C LEU M 126 27.22 -8.09 -5.33
N GLY M 127 27.12 -6.86 -4.83
CA GLY M 127 26.89 -6.66 -3.41
C GLY M 127 26.40 -5.25 -3.11
N GLY M 128 26.28 -4.96 -1.82
CA GLY M 128 25.89 -3.63 -1.37
C GLY M 128 26.48 -3.32 0.00
N ALA M 129 26.50 -2.04 0.34
CA ALA M 129 26.90 -1.60 1.65
C ALA M 129 26.29 -0.23 1.92
N GLN M 130 25.88 0.01 3.16
CA GLN M 130 25.52 1.35 3.57
C GLN M 130 25.94 1.56 5.01
N GLY M 131 26.08 2.84 5.38
CA GLY M 131 26.51 3.24 6.71
C GLY M 131 27.73 4.14 6.64
N GLN M 132 28.59 4.02 7.66
CA GLN M 132 29.78 4.85 7.81
C GLN M 132 30.82 4.47 6.77
N ALA M 133 31.69 5.42 6.42
CA ALA M 133 32.78 5.18 5.49
C ALA M 133 33.53 3.91 5.86
N THR M 134 33.77 3.74 7.17
CA THR M 134 34.50 2.61 7.75
C THR M 134 33.81 1.28 7.41
N GLU M 135 32.47 1.29 7.35
CA GLU M 135 31.70 0.09 7.07
C GLU M 135 31.68 -0.17 5.56
N ILE M 136 31.62 0.90 4.76
CA ILE M 136 31.72 0.77 3.31
C ILE M 136 33.08 0.16 3.00
N GLU M 137 34.12 0.63 3.70
CA GLU M 137 35.47 0.15 3.48
C GLU M 137 35.54 -1.36 3.69
N ILE M 138 34.99 -1.82 4.82
CA ILE M 138 35.07 -3.21 5.23
C ILE M 138 34.33 -4.09 4.23
N ALA M 139 33.17 -3.59 3.77
CA ALA M 139 32.34 -4.32 2.83
C ALA M 139 33.02 -4.39 1.47
N ALA M 140 33.69 -3.30 1.07
CA ALA M 140 34.38 -3.22 -0.20
C ALA M 140 35.56 -4.20 -0.26
N ASN M 141 36.42 -4.19 0.78
CA ASN M 141 37.52 -5.14 0.89
C ASN M 141 37.00 -6.57 0.84
N HIS M 142 35.86 -6.79 1.50
CA HIS M 142 35.30 -8.12 1.60
C HIS M 142 34.91 -8.62 0.21
N ILE M 143 34.19 -7.79 -0.56
CA ILE M 143 33.71 -8.24 -1.86
C ILE M 143 34.89 -8.36 -2.82
N LEU M 144 35.93 -7.54 -2.61
CA LEU M 144 37.10 -7.56 -3.48
C LEU M 144 37.91 -8.84 -3.21
N LYS M 145 38.09 -9.18 -1.93
CA LYS M 145 38.71 -10.45 -1.56
C LYS M 145 37.95 -11.63 -2.16
N THR M 146 36.61 -11.57 -2.07
CA THR M 146 35.75 -12.61 -2.59
C THR M 146 35.98 -12.75 -4.09
N ARG M 147 36.13 -11.62 -4.79
CA ARG M 147 36.36 -11.65 -6.23
C ARG M 147 37.70 -12.30 -6.53
N GLU M 148 38.76 -11.89 -5.83
CA GLU M 148 40.08 -12.50 -5.99
C GLU M 148 39.99 -14.01 -5.82
N LYS M 149 39.25 -14.44 -4.79
CA LYS M 149 39.17 -15.85 -4.42
C LYS M 149 38.56 -16.64 -5.58
N LEU M 150 37.49 -16.07 -6.15
CA LEU M 150 36.76 -16.69 -7.24
C LEU M 150 37.64 -16.73 -8.49
N ASN M 151 38.33 -15.61 -8.76
CA ASN M 151 39.11 -15.48 -9.98
C ASN M 151 40.25 -16.50 -9.95
N ARG M 152 40.91 -16.61 -8.79
CA ARG M 152 42.05 -17.51 -8.60
C ARG M 152 41.62 -18.94 -8.92
N ILE M 153 40.47 -19.35 -8.40
CA ILE M 153 40.02 -20.72 -8.59
C ILE M 153 39.60 -20.92 -10.05
N LEU M 154 38.93 -19.93 -10.65
CA LEU M 154 38.57 -20.02 -12.05
C LEU M 154 39.82 -20.15 -12.91
N SER M 155 40.90 -19.47 -12.49
CA SER M 155 42.19 -19.54 -13.15
C SER M 155 42.75 -20.97 -13.14
N GLU M 156 42.73 -21.60 -11.95
CA GLU M 156 43.21 -22.97 -11.78
C GLU M 156 42.36 -23.96 -12.58
N ARG M 157 41.08 -23.66 -12.76
CA ARG M 157 40.12 -24.59 -13.33
C ARG M 157 40.07 -24.47 -14.85
N THR M 158 40.27 -23.26 -15.38
CA THR M 158 40.10 -23.01 -16.80
C THR M 158 41.45 -23.00 -17.52
N GLY M 159 42.53 -22.69 -16.79
CA GLY M 159 43.85 -22.56 -17.37
C GLY M 159 44.16 -21.12 -17.78
N GLN M 160 43.19 -20.22 -17.64
CA GLN M 160 43.38 -18.81 -17.97
C GLN M 160 44.09 -18.12 -16.81
N SER M 161 44.75 -17.00 -17.10
CA SER M 161 45.46 -16.23 -16.08
C SER M 161 44.46 -15.41 -15.27
N ILE M 162 44.85 -15.00 -14.07
CA ILE M 162 44.02 -14.17 -13.20
C ILE M 162 43.73 -12.83 -13.89
N GLU M 163 44.73 -12.31 -14.62
CA GLU M 163 44.60 -11.06 -15.36
C GLU M 163 43.47 -11.14 -16.37
N LYS M 164 43.38 -12.26 -17.10
CA LYS M 164 42.41 -12.41 -18.18
C LYS M 164 41.00 -12.61 -17.60
N ILE M 165 40.91 -13.35 -16.50
CA ILE M 165 39.64 -13.61 -15.83
C ILE M 165 39.05 -12.27 -15.38
N GLN M 166 39.90 -11.45 -14.73
CA GLN M 166 39.54 -10.12 -14.26
C GLN M 166 38.94 -9.27 -15.38
N LYS M 167 39.61 -9.23 -16.54
CA LYS M 167 39.18 -8.41 -17.67
C LYS M 167 37.90 -8.94 -18.30
N ASP M 168 37.79 -10.26 -18.38
CA ASP M 168 36.68 -10.92 -19.05
C ASP M 168 35.43 -10.94 -18.18
N THR M 169 35.58 -10.72 -16.86
CA THR M 169 34.45 -10.72 -15.94
C THR M 169 34.10 -9.31 -15.50
N ASP M 170 34.80 -8.29 -16.01
CA ASP M 170 34.57 -6.93 -15.59
C ASP M 170 33.10 -6.54 -15.83
N ARG M 171 32.52 -7.04 -16.93
CA ARG M 171 31.12 -6.82 -17.23
C ARG M 171 30.51 -8.15 -17.66
N ASP M 172 29.19 -8.18 -17.81
CA ASP M 172 28.46 -9.39 -18.15
C ASP M 172 29.03 -9.95 -19.45
N ASN M 173 29.45 -11.22 -19.41
CA ASN M 173 30.10 -11.88 -20.53
C ASN M 173 29.34 -13.17 -20.82
N PHE M 174 28.60 -13.17 -21.94
CA PHE M 174 27.82 -14.32 -22.39
C PHE M 174 28.66 -15.17 -23.34
N LEU M 175 28.66 -16.48 -23.12
CA LEU M 175 29.44 -17.43 -23.91
C LEU M 175 28.51 -18.52 -24.45
N THR M 176 28.82 -18.97 -25.67
CA THR M 176 28.18 -20.15 -26.21
C THR M 176 28.80 -21.38 -25.56
N ALA M 177 28.21 -22.56 -25.80
CA ALA M 177 28.80 -23.78 -25.29
C ALA M 177 30.19 -23.97 -25.90
N GLU M 178 30.32 -23.66 -27.19
CA GLU M 178 31.58 -23.84 -27.89
C GLU M 178 32.62 -22.89 -27.30
N GLU M 179 32.21 -21.64 -27.08
CA GLU M 179 33.08 -20.63 -26.48
C GLU M 179 33.50 -21.05 -25.07
N ALA M 180 32.58 -21.63 -24.29
CA ALA M 180 32.86 -22.02 -22.92
C ALA M 180 33.96 -23.08 -22.86
N LYS M 181 33.93 -24.02 -23.81
CA LYS M 181 34.95 -25.06 -23.94
C LYS M 181 36.31 -24.43 -24.22
N GLU M 182 36.37 -23.60 -25.25
CA GLU M 182 37.59 -22.92 -25.66
C GLU M 182 38.16 -22.12 -24.49
N TYR M 183 37.28 -21.63 -23.62
CA TYR M 183 37.68 -20.82 -22.49
C TYR M 183 38.27 -21.69 -21.38
N GLY M 184 37.84 -22.95 -21.28
CA GLY M 184 38.29 -23.85 -20.24
C GLY M 184 37.25 -24.07 -19.13
N LEU M 185 36.04 -23.50 -19.29
CA LEU M 185 34.97 -23.63 -18.30
C LEU M 185 34.39 -25.04 -18.34
N ILE M 186 34.39 -25.64 -19.53
CA ILE M 186 34.00 -27.02 -19.72
C ILE M 186 35.03 -27.70 -20.61
N ASP M 187 34.93 -29.03 -20.72
CA ASP M 187 35.86 -29.84 -21.50
C ASP M 187 35.27 -30.22 -22.86
N GLU M 188 33.93 -30.36 -22.94
CA GLU M 188 33.31 -30.96 -24.10
C GLU M 188 31.88 -30.42 -24.26
N VAL M 189 31.44 -30.27 -25.51
CA VAL M 189 30.05 -30.02 -25.86
C VAL M 189 29.38 -31.36 -26.18
N MET M 190 28.47 -31.83 -25.32
CA MET M 190 27.77 -33.08 -25.57
C MET M 190 27.03 -33.00 -26.89
N VAL M 191 27.23 -34.03 -27.74
CA VAL M 191 26.59 -34.09 -29.05
C VAL M 191 25.51 -35.17 -29.00
N PRO M 192 24.37 -34.97 -29.71
CA PRO M 192 23.34 -36.00 -29.83
C PRO M 192 23.90 -37.34 -30.35
N ILE N 4 12.59 -30.98 -1.28
CA ILE N 4 13.49 -31.86 -0.48
C ILE N 4 13.41 -33.29 -1.03
N PRO N 5 14.52 -33.88 -1.50
CA PRO N 5 14.48 -35.20 -2.12
C PRO N 5 14.30 -36.33 -1.12
N THR N 6 13.68 -37.42 -1.58
CA THR N 6 13.45 -38.60 -0.76
C THR N 6 14.47 -39.68 -1.14
N VAL N 7 14.71 -40.58 -0.18
CA VAL N 7 15.72 -41.62 -0.28
C VAL N 7 15.11 -42.89 0.32
N ILE N 8 15.21 -44.02 -0.40
CA ILE N 8 14.53 -45.26 -0.05
C ILE N 8 15.44 -46.11 0.85
N TYR N 18 12.76 -42.07 3.72
CA TYR N 18 13.24 -40.91 4.51
C TYR N 18 13.55 -39.74 3.57
N ASP N 19 13.21 -38.51 4.01
CA ASP N 19 13.70 -37.30 3.37
C ASP N 19 15.18 -37.15 3.74
N ILE N 20 15.92 -36.46 2.87
CA ILE N 20 17.38 -36.48 2.89
C ILE N 20 17.92 -36.02 4.25
N TYR N 21 17.29 -35.02 4.86
CA TYR N 21 17.75 -34.49 6.14
C TYR N 21 17.51 -35.50 7.25
N SER N 22 16.38 -36.21 7.17
CA SER N 22 16.03 -37.22 8.15
C SER N 22 16.96 -38.42 8.03
N ARG N 23 17.37 -38.71 6.79
CA ARG N 23 18.30 -39.79 6.51
C ARG N 23 19.65 -39.49 7.18
N LEU N 24 20.10 -38.25 7.04
CA LEU N 24 21.36 -37.84 7.65
C LEU N 24 21.23 -37.91 9.17
N LEU N 25 20.05 -37.54 9.69
CA LEU N 25 19.86 -37.49 11.13
C LEU N 25 19.93 -38.90 11.72
N LYS N 26 19.63 -39.91 10.91
CA LYS N 26 19.77 -41.29 11.35
C LYS N 26 21.25 -41.61 11.63
N ASP N 27 22.17 -40.97 10.89
CA ASP N 27 23.60 -41.17 11.08
C ASP N 27 24.19 -40.06 11.94
N ARG N 28 23.36 -39.44 12.77
CA ARG N 28 23.83 -38.55 13.83
C ARG N 28 24.34 -37.22 13.24
N ILE N 29 23.86 -36.85 12.05
CA ILE N 29 24.22 -35.59 11.42
C ILE N 29 23.04 -34.63 11.50
N ILE N 30 23.27 -33.46 12.14
CA ILE N 30 22.28 -32.40 12.24
C ILE N 30 22.69 -31.26 11.32
N MET N 31 21.71 -30.68 10.63
CA MET N 31 21.96 -29.61 9.68
C MET N 31 21.43 -28.28 10.26
N LEU N 32 22.35 -27.37 10.59
CA LEU N 32 22.00 -25.98 10.85
C LEU N 32 22.34 -25.16 9.62
N GLY N 33 21.38 -25.07 8.69
CA GLY N 33 21.59 -24.47 7.38
C GLY N 33 20.68 -23.27 7.10
N SER N 34 20.32 -22.52 8.14
CA SER N 34 19.45 -21.37 7.98
C SER N 34 19.72 -20.34 9.09
N GLN N 35 19.02 -19.20 9.01
CA GLN N 35 18.98 -18.23 10.08
C GLN N 35 18.53 -18.91 11.38
N ILE N 36 19.12 -18.50 12.51
CA ILE N 36 18.80 -19.09 13.80
C ILE N 36 17.68 -18.28 14.46
N ASP N 37 16.48 -18.88 14.53
CA ASP N 37 15.37 -18.36 15.30
C ASP N 37 14.96 -19.42 16.32
N ASP N 38 13.91 -19.15 17.11
CA ASP N 38 13.50 -20.06 18.17
C ASP N 38 13.09 -21.42 17.59
N ASN N 39 12.41 -21.43 16.44
CA ASN N 39 12.00 -22.68 15.80
C ASN N 39 13.23 -23.54 15.49
N VAL N 40 14.23 -22.96 14.84
CA VAL N 40 15.41 -23.71 14.45
C VAL N 40 16.14 -24.22 15.69
N ALA N 41 16.14 -23.42 16.76
CA ALA N 41 16.75 -23.83 18.01
C ALA N 41 16.00 -25.03 18.57
N ASN N 42 14.67 -24.95 18.64
CA ASN N 42 13.90 -26.03 19.26
C ASN N 42 14.14 -27.34 18.53
N SER N 43 14.21 -27.27 17.19
CA SER N 43 14.42 -28.43 16.35
C SER N 43 15.77 -29.06 16.68
N ILE N 44 16.80 -28.21 16.71
CA ILE N 44 18.16 -28.69 16.89
C ILE N 44 18.36 -29.20 18.31
N VAL N 45 17.77 -28.52 19.30
CA VAL N 45 17.77 -29.01 20.67
C VAL N 45 17.13 -30.40 20.72
N SER N 46 16.03 -30.58 20.00
CA SER N 46 15.30 -31.85 20.02
C SER N 46 16.14 -32.96 19.40
N GLN N 47 16.80 -32.67 18.28
CA GLN N 47 17.60 -33.66 17.57
C GLN N 47 18.76 -34.11 18.43
N LEU N 48 19.39 -33.16 19.12
CA LEU N 48 20.52 -33.41 20.01
C LEU N 48 20.11 -34.33 21.16
N LEU N 49 18.95 -34.05 21.74
CA LEU N 49 18.47 -34.80 22.89
C LEU N 49 18.12 -36.23 22.46
N PHE N 50 17.48 -36.33 21.30
CA PHE N 50 17.14 -37.61 20.73
C PHE N 50 18.42 -38.42 20.51
N LEU N 51 19.39 -37.82 19.81
CA LEU N 51 20.58 -38.56 19.41
C LEU N 51 21.31 -39.06 20.65
N GLN N 52 21.28 -38.27 21.73
CA GLN N 52 21.91 -38.67 22.97
C GLN N 52 21.25 -39.95 23.51
N ALA N 53 19.92 -39.95 23.52
CA ALA N 53 19.16 -41.07 24.05
C ALA N 53 19.46 -42.33 23.26
N GLN N 54 19.61 -42.21 21.93
CA GLN N 54 19.90 -43.36 21.11
C GLN N 54 21.26 -43.95 21.47
N ASP N 55 22.24 -43.08 21.76
CA ASP N 55 23.61 -43.49 22.00
C ASP N 55 24.35 -42.31 22.63
N SER N 56 24.75 -42.48 23.89
CA SER N 56 25.38 -41.39 24.63
C SER N 56 26.90 -41.37 24.39
N GLU N 57 27.42 -42.32 23.61
CA GLU N 57 28.85 -42.50 23.41
C GLU N 57 29.30 -41.94 22.07
N LYS N 58 28.48 -42.15 21.01
CA LYS N 58 28.90 -41.87 19.65
C LYS N 58 28.82 -40.38 19.34
N ASP N 59 29.76 -39.91 18.51
CA ASP N 59 29.85 -38.51 18.14
C ASP N 59 28.61 -38.08 17.34
N ILE N 60 28.27 -36.80 17.50
CA ILE N 60 27.26 -36.13 16.70
C ILE N 60 27.97 -35.14 15.79
N TYR N 61 27.41 -34.93 14.59
CA TYR N 61 27.97 -33.99 13.63
C TYR N 61 26.98 -32.85 13.39
N LEU N 62 27.39 -31.62 13.68
CA LEU N 62 26.57 -30.44 13.41
C LEU N 62 27.17 -29.69 12.23
N TYR N 63 26.46 -29.72 11.09
CA TYR N 63 26.82 -28.95 9.92
C TYR N 63 26.32 -27.51 10.13
N ILE N 64 27.21 -26.54 9.90
CA ILE N 64 26.85 -25.13 10.07
C ILE N 64 27.04 -24.40 8.76
N ASN N 65 25.91 -24.01 8.14
CA ASN N 65 25.89 -23.02 7.07
C ASN N 65 24.80 -22.01 7.42
N SER N 66 25.15 -21.02 8.25
CA SER N 66 24.17 -20.14 8.88
C SER N 66 24.72 -18.73 9.02
N PRO N 67 23.92 -17.68 8.74
CA PRO N 67 24.31 -16.30 9.04
C PRO N 67 24.05 -15.93 10.50
N GLY N 68 23.55 -16.89 11.29
CA GLY N 68 23.30 -16.68 12.70
C GLY N 68 21.88 -16.20 12.93
N GLY N 69 21.68 -15.34 13.94
CA GLY N 69 20.36 -14.85 14.30
C GLY N 69 20.25 -14.62 15.80
N SER N 70 19.08 -14.94 16.38
CA SER N 70 18.83 -14.71 17.78
C SER N 70 19.93 -15.30 18.68
N VAL N 71 20.38 -14.49 19.65
CA VAL N 71 21.41 -14.89 20.61
C VAL N 71 20.85 -15.90 21.60
N THR N 72 19.63 -15.66 22.12
CA THR N 72 19.06 -16.57 23.10
C THR N 72 18.75 -17.90 22.42
N ALA N 73 18.28 -17.85 21.16
CA ALA N 73 18.06 -19.07 20.41
C ALA N 73 19.37 -19.84 20.29
N GLY N 74 20.43 -19.13 19.90
CA GLY N 74 21.75 -19.74 19.78
C GLY N 74 22.23 -20.38 21.07
N PHE N 75 21.93 -19.73 22.22
CA PHE N 75 22.36 -20.24 23.51
C PHE N 75 21.55 -21.47 23.92
N ALA N 76 20.33 -21.58 23.39
CA ALA N 76 19.54 -22.78 23.58
C ALA N 76 20.35 -23.95 23.04
N ILE N 77 20.87 -23.79 21.81
CA ILE N 77 21.65 -24.82 21.15
C ILE N 77 22.96 -25.00 21.91
N TYR N 78 23.65 -23.89 22.19
CA TYR N 78 24.95 -23.95 22.85
C TYR N 78 24.86 -24.78 24.13
N ASP N 79 23.92 -24.42 25.02
CA ASP N 79 23.79 -25.08 26.31
C ASP N 79 23.46 -26.58 26.13
N THR N 80 22.67 -26.91 25.10
CA THR N 80 22.28 -28.30 24.88
C THR N 80 23.49 -29.09 24.40
N ILE N 81 24.30 -28.50 23.51
CA ILE N 81 25.53 -29.15 23.09
C ILE N 81 26.39 -29.48 24.31
N GLN N 82 26.56 -28.53 25.23
CA GLN N 82 27.49 -28.72 26.33
C GLN N 82 26.92 -29.71 27.34
N HIS N 83 25.60 -29.86 27.39
CA HIS N 83 24.96 -30.61 28.46
C HIS N 83 24.99 -32.12 28.20
N ILE N 84 24.83 -32.52 26.94
CA ILE N 84 24.76 -33.94 26.59
C ILE N 84 26.16 -34.57 26.60
N LYS N 85 26.18 -35.90 26.78
CA LYS N 85 27.40 -36.70 26.85
C LYS N 85 28.17 -36.66 25.52
N PRO N 86 27.53 -36.93 24.37
CA PRO N 86 28.27 -37.00 23.11
C PRO N 86 29.08 -35.75 22.78
N ASP N 87 30.26 -35.99 22.21
CA ASP N 87 30.99 -34.95 21.50
C ASP N 87 30.14 -34.50 20.32
N VAL N 88 29.95 -33.17 20.21
CA VAL N 88 29.33 -32.58 19.03
C VAL N 88 30.42 -31.95 18.19
N GLN N 89 30.76 -32.60 17.07
CA GLN N 89 31.64 -32.02 16.08
C GLN N 89 30.90 -30.89 15.39
N THR N 90 31.64 -29.82 15.03
CA THR N 90 31.10 -28.76 14.21
C THR N 90 31.87 -28.69 12.90
N ILE N 91 31.15 -28.55 11.79
CA ILE N 91 31.72 -28.49 10.46
C ILE N 91 31.12 -27.30 9.74
N CYS N 92 31.92 -26.25 9.52
CA CYS N 92 31.44 -25.06 8.83
C CYS N 92 31.66 -25.22 7.34
N ILE N 93 30.55 -25.20 6.60
CA ILE N 93 30.55 -25.28 5.15
C ILE N 93 29.71 -24.12 4.64
N GLY N 94 30.26 -23.36 3.68
CA GLY N 94 29.61 -22.16 3.20
C GLY N 94 29.99 -20.94 4.04
N MET N 95 29.19 -20.62 5.07
CA MET N 95 29.58 -19.57 5.99
C MET N 95 29.00 -19.82 7.38
N ALA N 96 29.62 -19.15 8.36
CA ALA N 96 29.09 -19.04 9.71
C ALA N 96 29.29 -17.60 10.16
N ALA N 97 28.20 -16.93 10.54
CA ALA N 97 28.25 -15.56 11.02
C ALA N 97 27.40 -15.43 12.27
N SER N 98 27.61 -14.35 13.03
CA SER N 98 26.87 -14.10 14.26
C SER N 98 26.97 -15.36 15.13
N MET N 99 25.84 -15.83 15.64
CA MET N 99 25.78 -16.98 16.52
C MET N 99 26.11 -18.26 15.76
N GLY N 100 26.08 -18.19 14.41
CA GLY N 100 26.57 -19.28 13.58
C GLY N 100 28.04 -19.61 13.89
N SER N 101 28.90 -18.59 13.94
CA SER N 101 30.30 -18.82 14.19
C SER N 101 30.57 -19.09 15.68
N PHE N 102 29.71 -18.55 16.57
CA PHE N 102 29.75 -18.86 17.99
C PHE N 102 29.53 -20.35 18.24
N LEU N 103 28.57 -20.95 17.52
CA LEU N 103 28.23 -22.36 17.70
C LEU N 103 29.32 -23.24 17.08
N LEU N 104 29.92 -22.76 15.98
CA LEU N 104 31.05 -23.45 15.38
C LEU N 104 32.16 -23.60 16.42
N ALA N 105 32.40 -22.53 17.18
CA ALA N 105 33.44 -22.50 18.18
C ALA N 105 33.07 -23.37 19.38
N ALA N 106 31.77 -23.64 19.54
CA ALA N 106 31.26 -24.34 20.70
C ALA N 106 31.39 -25.85 20.55
N GLY N 107 31.79 -26.34 19.35
CA GLY N 107 32.00 -27.75 19.13
C GLY N 107 32.99 -28.36 20.12
N ALA N 108 33.01 -29.70 20.18
CA ALA N 108 33.92 -30.41 21.06
C ALA N 108 35.36 -30.10 20.67
N LYS N 109 36.24 -30.04 21.67
CA LYS N 109 37.59 -29.55 21.49
C LYS N 109 38.37 -30.58 20.66
N GLY N 110 38.95 -30.10 19.56
CA GLY N 110 39.67 -30.97 18.65
C GLY N 110 38.83 -31.41 17.45
N LYS N 111 37.53 -31.10 17.48
CA LYS N 111 36.59 -31.61 16.49
C LYS N 111 35.78 -30.47 15.89
N ARG N 112 36.39 -29.29 15.75
CA ARG N 112 35.75 -28.16 15.11
C ARG N 112 36.44 -27.92 13.77
N PHE N 113 35.65 -27.85 12.69
CA PHE N 113 36.21 -27.89 11.35
C PHE N 113 35.59 -26.83 10.45
N ALA N 114 36.26 -26.59 9.32
CA ALA N 114 35.69 -25.82 8.23
C ALA N 114 36.31 -26.32 6.92
N LEU N 115 35.53 -26.32 5.85
CA LEU N 115 36.08 -26.66 4.55
C LEU N 115 36.82 -25.43 4.01
N PRO N 116 37.78 -25.61 3.07
CA PRO N 116 38.76 -24.59 2.74
C PRO N 116 38.24 -23.19 2.36
N ASN N 117 37.12 -23.13 1.63
CA ASN N 117 36.63 -21.86 1.12
C ASN N 117 35.49 -21.32 1.99
N ALA N 118 35.18 -22.02 3.09
CA ALA N 118 34.18 -21.58 4.03
C ALA N 118 34.59 -20.25 4.65
N GLU N 119 33.58 -19.42 4.95
CA GLU N 119 33.77 -18.08 5.46
C GLU N 119 33.28 -18.04 6.90
N VAL N 120 34.04 -17.41 7.80
CA VAL N 120 33.64 -17.25 9.19
C VAL N 120 33.66 -15.76 9.52
N MET N 121 32.60 -15.26 10.16
CA MET N 121 32.50 -13.84 10.44
C MET N 121 32.12 -13.65 11.91
N ILE N 122 32.81 -12.72 12.56
CA ILE N 122 32.54 -12.39 13.95
C ILE N 122 32.29 -10.89 14.01
N HIS N 123 31.31 -10.49 14.83
CA HIS N 123 30.95 -9.10 15.01
C HIS N 123 30.14 -8.98 16.31
N GLN N 124 29.81 -7.75 16.71
CA GLN N 124 29.14 -7.55 17.97
C GLN N 124 27.63 -7.75 17.79
N PRO N 125 26.90 -8.12 18.87
CA PRO N 125 25.45 -8.30 18.80
C PRO N 125 24.73 -7.04 18.32
N LEU N 126 23.67 -7.24 17.52
CA LEU N 126 22.82 -6.17 17.03
C LEU N 126 21.53 -6.15 17.86
N GLY N 127 20.83 -5.00 17.83
CA GLY N 127 19.60 -4.87 18.58
C GLY N 127 18.99 -3.49 18.44
N GLY N 128 18.01 -3.21 19.31
CA GLY N 128 17.23 -2.00 19.21
C GLY N 128 16.54 -1.68 20.53
N ALA N 129 16.15 -0.41 20.69
CA ALA N 129 15.48 0.06 21.89
C ALA N 129 14.81 1.37 21.55
N GLN N 130 13.52 1.49 21.87
CA GLN N 130 12.86 2.78 21.82
C GLN N 130 12.01 2.96 23.07
N GLY N 131 11.75 4.23 23.39
CA GLY N 131 10.92 4.60 24.52
C GLY N 131 11.63 5.63 25.38
N GLN N 132 11.29 5.60 26.67
CA GLN N 132 11.85 6.50 27.66
C GLN N 132 13.34 6.23 27.86
N ALA N 133 14.06 7.27 28.31
CA ALA N 133 15.48 7.20 28.57
C ALA N 133 15.80 5.96 29.40
N THR N 134 15.00 5.72 30.44
CA THR N 134 15.21 4.64 31.38
C THR N 134 15.07 3.28 30.70
N GLU N 135 14.20 3.20 29.70
CA GLU N 135 14.04 1.99 28.93
C GLU N 135 15.22 1.79 27.98
N ILE N 136 15.71 2.89 27.38
CA ILE N 136 16.87 2.78 26.52
C ILE N 136 18.03 2.25 27.36
N GLU N 137 18.09 2.70 28.62
CA GLU N 137 19.17 2.34 29.52
C GLU N 137 19.13 0.84 29.79
N ILE N 138 17.94 0.32 30.12
CA ILE N 138 17.79 -1.09 30.45
C ILE N 138 18.21 -1.93 29.24
N ALA N 139 17.73 -1.56 28.04
CA ALA N 139 18.04 -2.31 26.83
C ALA N 139 19.54 -2.28 26.55
N ALA N 140 20.16 -1.12 26.77
CA ALA N 140 21.59 -0.94 26.53
C ALA N 140 22.38 -1.84 27.47
N ASN N 141 22.08 -1.79 28.78
CA ASN N 141 22.72 -2.62 29.76
C ASN N 141 22.56 -4.10 29.41
N HIS N 142 21.37 -4.46 28.92
CA HIS N 142 21.07 -5.82 28.51
C HIS N 142 21.95 -6.24 27.34
N ILE N 143 21.95 -5.48 26.23
CA ILE N 143 22.73 -5.93 25.09
C ILE N 143 24.23 -5.91 25.44
N LEU N 144 24.66 -4.99 26.32
CA LEU N 144 26.06 -4.91 26.71
C LEU N 144 26.45 -6.12 27.54
N LYS N 145 25.62 -6.50 28.52
CA LYS N 145 25.83 -7.72 29.29
C LYS N 145 25.85 -8.93 28.37
N THR N 146 24.96 -8.97 27.39
CA THR N 146 24.89 -10.08 26.47
C THR N 146 26.22 -10.21 25.72
N ARG N 147 26.84 -9.08 25.39
CA ARG N 147 28.08 -9.11 24.63
C ARG N 147 29.22 -9.58 25.51
N GLU N 148 29.27 -9.10 26.76
CA GLU N 148 30.23 -9.58 27.73
C GLU N 148 30.17 -11.10 27.83
N LYS N 149 28.95 -11.64 27.84
CA LYS N 149 28.72 -13.07 28.02
C LYS N 149 29.27 -13.85 26.82
N LEU N 150 28.91 -13.41 25.61
CA LEU N 150 29.38 -14.02 24.39
C LEU N 150 30.91 -14.01 24.33
N ASN N 151 31.51 -12.85 24.69
CA ASN N 151 32.94 -12.65 24.56
C ASN N 151 33.70 -13.53 25.55
N ARG N 152 33.19 -13.64 26.78
CA ARG N 152 33.82 -14.46 27.80
C ARG N 152 33.90 -15.92 27.36
N ILE N 153 32.81 -16.42 26.78
CA ILE N 153 32.77 -17.80 26.34
C ILE N 153 33.69 -17.97 25.12
N LEU N 154 33.62 -17.06 24.15
CA LEU N 154 34.51 -17.11 23.00
C LEU N 154 35.97 -17.19 23.45
N SER N 155 36.30 -16.41 24.50
CA SER N 155 37.63 -16.41 25.09
C SER N 155 38.01 -17.80 25.57
N GLU N 156 37.14 -18.41 26.40
CA GLU N 156 37.34 -19.76 26.91
C GLU N 156 37.54 -20.74 25.77
N ARG N 157 36.83 -20.51 24.66
CA ARG N 157 36.74 -21.46 23.55
C ARG N 157 37.87 -21.32 22.53
N THR N 158 38.43 -20.10 22.39
CA THR N 158 39.42 -19.82 21.38
C THR N 158 40.83 -19.77 21.97
N GLY N 159 40.95 -19.47 23.27
CA GLY N 159 42.22 -19.13 23.88
C GLY N 159 42.58 -17.65 23.76
N GLN N 160 41.76 -16.84 23.05
CA GLN N 160 42.06 -15.42 22.92
C GLN N 160 41.52 -14.66 24.12
N SER N 161 42.07 -13.47 24.35
CA SER N 161 41.66 -12.68 25.50
C SER N 161 40.33 -11.99 25.21
N ILE N 162 39.59 -11.69 26.28
CA ILE N 162 38.39 -10.89 26.23
C ILE N 162 38.66 -9.55 25.53
N GLU N 163 39.81 -8.92 25.82
CA GLU N 163 40.06 -7.59 25.26
C GLU N 163 40.26 -7.71 23.75
N LYS N 164 40.87 -8.82 23.31
CA LYS N 164 41.14 -9.02 21.90
C LYS N 164 39.85 -9.27 21.14
N ILE N 165 39.02 -10.17 21.66
CA ILE N 165 37.71 -10.47 21.11
C ILE N 165 36.94 -9.16 20.93
N GLN N 166 36.97 -8.33 21.97
CA GLN N 166 36.20 -7.10 21.99
C GLN N 166 36.56 -6.25 20.76
N LYS N 167 37.85 -5.97 20.59
CA LYS N 167 38.33 -5.13 19.50
C LYS N 167 38.10 -5.83 18.17
N ASP N 168 38.24 -7.16 18.13
CA ASP N 168 38.15 -7.91 16.88
C ASP N 168 36.71 -8.01 16.39
N THR N 169 35.73 -7.75 17.27
CA THR N 169 34.33 -7.89 16.96
C THR N 169 33.64 -6.53 16.90
N ASP N 170 34.41 -5.45 17.10
CA ASP N 170 33.87 -4.10 17.14
C ASP N 170 33.14 -3.82 15.82
N ARG N 171 33.72 -4.25 14.70
CA ARG N 171 33.07 -4.12 13.40
C ARG N 171 33.11 -5.48 12.72
N ASP N 172 32.40 -5.61 11.58
CA ASP N 172 32.36 -6.85 10.84
C ASP N 172 33.80 -7.29 10.54
N ASN N 173 34.06 -8.55 10.87
CA ASN N 173 35.37 -9.17 10.75
C ASN N 173 35.19 -10.49 10.02
N PHE N 174 35.58 -10.53 8.74
CA PHE N 174 35.55 -11.74 7.93
C PHE N 174 36.89 -12.48 8.08
N LEU N 175 36.83 -13.80 8.23
CA LEU N 175 38.01 -14.65 8.31
C LEU N 175 37.90 -15.75 7.26
N THR N 176 39.06 -16.17 6.72
CA THR N 176 39.14 -17.39 5.95
C THR N 176 39.10 -18.58 6.90
N ALA N 177 38.93 -19.78 6.36
CA ALA N 177 38.95 -20.99 7.17
C ALA N 177 40.29 -21.08 7.90
N GLU N 178 41.38 -20.77 7.18
CA GLU N 178 42.71 -20.88 7.73
C GLU N 178 42.84 -19.89 8.90
N GLU N 179 42.37 -18.65 8.69
CA GLU N 179 42.43 -17.63 9.72
C GLU N 179 41.60 -18.02 10.94
N ALA N 180 40.45 -18.67 10.70
CA ALA N 180 39.59 -19.13 11.78
C ALA N 180 40.33 -20.16 12.63
N LYS N 181 41.12 -21.00 11.95
CA LYS N 181 41.95 -21.97 12.64
C LYS N 181 42.95 -21.26 13.55
N GLU N 182 43.69 -20.28 13.03
CA GLU N 182 44.75 -19.72 13.86
C GLU N 182 44.13 -18.78 14.89
N TYR N 183 42.86 -18.41 14.73
CA TYR N 183 42.16 -17.62 15.72
C TYR N 183 41.74 -18.49 16.91
N GLY N 184 41.49 -19.79 16.64
CA GLY N 184 41.04 -20.74 17.65
C GLY N 184 39.54 -21.04 17.57
N LEU N 185 38.86 -20.58 16.51
CA LEU N 185 37.42 -20.80 16.33
C LEU N 185 37.16 -22.23 15.86
N ILE N 186 38.09 -22.75 15.05
CA ILE N 186 38.09 -24.15 14.63
C ILE N 186 39.45 -24.74 15.00
N ASP N 187 39.56 -26.07 14.88
CA ASP N 187 40.79 -26.79 15.17
C ASP N 187 41.50 -27.20 13.88
N GLU N 188 40.76 -27.35 12.78
CA GLU N 188 41.32 -27.96 11.60
C GLU N 188 40.54 -27.51 10.38
N VAL N 189 41.26 -27.30 9.26
CA VAL N 189 40.63 -27.13 7.97
C VAL N 189 40.59 -28.51 7.30
N MET N 190 39.37 -29.00 6.99
CA MET N 190 39.18 -30.31 6.39
C MET N 190 39.69 -30.29 4.95
N VAL N 191 40.66 -31.16 4.65
CA VAL N 191 41.25 -31.22 3.31
C VAL N 191 40.67 -32.40 2.55
N PRO N 192 40.59 -32.30 1.19
CA PRO N 192 40.20 -33.42 0.34
C PRO N 192 41.02 -34.70 0.58
#